data_4MWF
#
_entry.id   4MWF
#
_cell.length_a   47.132
_cell.length_b   166.553
_cell.length_c   209.963
_cell.angle_alpha   90.00
_cell.angle_beta   90.00
_cell.angle_gamma   90.00
#
_symmetry.space_group_name_H-M   'P 21 21 21'
#
loop_
_entity.id
_entity.type
_entity.pdbx_description
1 polymer 'Fab AR3C heavy chain'
2 polymer 'Fab AR3C light chain'
3 polymer 'Envelope glycoprotein E2'
4 branched alpha-D-mannopyranose-(1-2)-alpha-D-mannopyranose-(1-2)-alpha-D-mannopyranose-(1-3)-[alpha-D-mannopyranose-(1-6)-alpha-D-mannopyranose-(1-6)]beta-D-mannopyranose-(1-4)-2-acetamido-2-deoxy-beta-D-glucopyranose-(1-4)-2-acetamido-2-deoxy-beta-D-glucopyranose
5 branched 2-acetamido-2-deoxy-beta-D-glucopyranose-(1-4)-2-acetamido-2-deoxy-beta-D-glucopyranose
6 non-polymer 2-acetamido-2-deoxy-beta-D-glucopyranose
#
loop_
_entity_poly.entity_id
_entity_poly.type
_entity_poly.pdbx_seq_one_letter_code
_entity_poly.pdbx_strand_id
1 'polypeptide(L)'
;EVQLLEQSGAEVKKPGSSVKVSCETSGGTFDNYALNWVRQAPGQGLEWIGGVVPLFGTTRNAQKFQGRVTISDDKSTGTG
HMELRSLRSEDTAVYYCVRSVTPRYCGGGFCYGEFDYWGQGTLVTVSSASTKGPSVFPLAPSSKSTSGGTAALGCLVKDY
FPEPVTVSWNSGALTSGVHTFPAVLQSSGLYSLSSVVTVPSSSLGTQTYICNVNHKPSNTKVDKKVEPKSCGS
;
A,H
2 'polypeptide(L)'
;EIELTQSPATLSVSPGERATLSCRASQSVSSNLAWYQQKPGQAPRLLIYGASTRATGIPARFSGSGSGTEFTLTVSRLEP
EDSAVYFCQQYYRSPLTFGGGTKVEIKRTVAAPSVFIFPPSDEQLKSGTASVVCLLNNFYPREAKVQWKVDNALQSGNSQ
ESVTEQDSKDSTYSLSSTLTLSKADYEKHKVYACEVTHQGLSSPVTKSFNRGEC
;
B,L
3 'polypeptide(L)'
;QLINTNGSWHINSTALNCNESLNTGWLAGLFYQHKFDSSGCPERLASCGSSGCWHYPPRPCGIVPAKSVCGPVYCFTPSP
VVVGTTDRSGAPTYSWGANDTDVFVLNNTRPPLGNWFGCTWMNSTGFTKVCGAPPCVIGGVGDNTLLCPTDCFRKHPEAT
YSRCGSGPWITPRCMVDYPYRLWHYPCTINYTIFKVRMYVGGVEHRLEAACN
;
C,D
#
loop_
_chem_comp.id
_chem_comp.type
_chem_comp.name
_chem_comp.formula
BMA D-saccharide, beta linking beta-D-mannopyranose 'C6 H12 O6'
MAN D-saccharide, alpha linking alpha-D-mannopyranose 'C6 H12 O6'
NAG D-saccharide, beta linking 2-acetamido-2-deoxy-beta-D-glucopyranose 'C8 H15 N O6'
#
# COMPACT_ATOMS: atom_id res chain seq x y z
N LEU A 4 7.11 -13.05 2.48
CA LEU A 4 7.36 -12.11 3.58
C LEU A 4 7.66 -12.84 4.89
N LEU A 5 7.67 -14.17 4.85
CA LEU A 5 8.06 -14.98 6.01
C LEU A 5 9.23 -15.87 5.65
N GLU A 6 10.39 -15.64 6.26
CA GLU A 6 11.58 -16.41 5.92
C GLU A 6 11.92 -17.46 6.96
N GLN A 7 12.19 -18.67 6.51
CA GLN A 7 12.47 -19.77 7.42
C GLN A 7 13.96 -20.16 7.35
N SER A 8 14.42 -20.88 8.35
CA SER A 8 15.81 -21.32 8.39
C SER A 8 16.11 -22.36 7.29
N GLY A 9 17.36 -22.38 6.84
CA GLY A 9 17.76 -23.24 5.73
C GLY A 9 17.63 -24.73 6.00
N ALA A 10 17.53 -25.53 4.93
CA ALA A 10 17.27 -26.96 5.05
C ALA A 10 18.38 -27.67 5.83
N GLU A 11 18.01 -28.71 6.56
CA GLU A 11 18.95 -29.42 7.43
C GLU A 11 18.89 -30.94 7.32
N VAL A 12 19.98 -31.60 7.70
CA VAL A 12 20.01 -33.05 7.80
C VAL A 12 20.47 -33.47 9.19
N LYS A 13 19.69 -34.32 9.86
CA LYS A 13 20.08 -34.84 11.17
C LYS A 13 19.80 -36.33 11.30
N LYS A 14 20.67 -37.02 12.05
CA LYS A 14 20.52 -38.45 12.29
C LYS A 14 19.30 -38.77 13.13
N PRO A 15 18.68 -39.93 12.89
CA PRO A 15 17.48 -40.34 13.63
C PRO A 15 17.70 -40.30 15.14
N GLY A 16 16.86 -39.57 15.85
CA GLY A 16 16.99 -39.48 17.29
C GLY A 16 17.56 -38.14 17.71
N SER A 17 18.12 -37.42 16.76
CA SER A 17 18.71 -36.11 17.01
C SER A 17 17.64 -35.02 17.05
N SER A 18 18.09 -33.77 17.15
CA SER A 18 17.20 -32.63 17.28
C SER A 18 17.36 -31.57 16.20
N VAL A 19 16.25 -30.95 15.83
CA VAL A 19 16.25 -29.86 14.85
C VAL A 19 15.62 -28.62 15.42
N LYS A 20 16.18 -27.47 15.04
CA LYS A 20 15.66 -26.17 15.44
C LYS A 20 15.43 -25.33 14.20
N VAL A 21 14.15 -25.07 13.89
CA VAL A 21 13.82 -24.26 12.73
C VAL A 21 13.22 -22.92 13.15
N SER A 22 13.77 -21.84 12.61
CA SER A 22 13.34 -20.51 13.01
C SER A 22 12.48 -19.86 11.96
N CYS A 23 11.97 -18.67 12.29
CA CYS A 23 11.19 -17.88 11.36
C CYS A 23 11.38 -16.39 11.61
N GLU A 24 11.54 -15.63 10.54
CA GLU A 24 11.73 -14.19 10.66
C GLU A 24 10.82 -13.42 9.71
N THR A 25 10.46 -12.21 10.12
CA THR A 25 9.56 -11.38 9.33
C THR A 25 10.23 -10.08 8.87
N SER A 26 10.22 -9.84 7.56
CA SER A 26 10.77 -8.60 7.00
C SER A 26 9.78 -7.93 6.06
N GLY A 27 9.28 -6.75 6.46
CA GLY A 27 9.68 -6.14 7.72
C GLY A 27 8.73 -6.44 8.87
N GLY A 28 9.30 -6.72 10.04
CA GLY A 28 8.50 -7.01 11.22
C GLY A 28 8.36 -5.82 12.15
N THR A 29 7.41 -5.90 13.07
CA THR A 29 6.55 -7.06 13.23
C THR A 29 5.08 -6.67 13.04
N PHE A 30 4.32 -7.53 12.38
CA PHE A 30 2.91 -7.25 12.12
C PHE A 30 1.99 -7.92 13.16
N ASP A 31 0.70 -7.62 13.11
CA ASP A 31 -0.24 -8.22 14.04
C ASP A 31 -0.56 -9.68 13.75
N ASN A 32 0.14 -10.57 14.44
CA ASN A 32 -0.18 -11.99 14.40
C ASN A 32 -0.48 -12.51 15.79
N TYR A 33 -1.59 -13.23 15.92
CA TYR A 33 -1.99 -13.75 17.21
C TYR A 33 -1.55 -15.19 17.47
N ALA A 34 -1.23 -15.93 16.43
CA ALA A 34 -0.85 -17.34 16.59
C ALA A 34 0.27 -17.75 15.63
N LEU A 35 1.13 -18.62 16.12
CA LEU A 35 2.21 -19.21 15.33
C LEU A 35 2.03 -20.73 15.27
N ASN A 36 1.68 -21.22 14.09
CA ASN A 36 1.52 -22.66 13.89
C ASN A 36 2.55 -23.23 12.92
N TRP A 37 2.69 -24.55 12.91
CA TRP A 37 3.60 -25.23 11.98
C TRP A 37 2.90 -26.37 11.27
N VAL A 38 3.11 -26.49 9.96
CA VAL A 38 2.48 -27.54 9.18
C VAL A 38 3.51 -28.22 8.27
N ARG A 39 3.77 -29.51 8.49
CA ARG A 39 4.75 -30.23 7.68
C ARG A 39 4.10 -30.93 6.48
N GLN A 40 4.91 -31.18 5.45
CA GLN A 40 4.43 -31.85 4.25
C GLN A 40 5.42 -32.90 3.76
N ALA A 41 5.09 -34.17 3.97
CA ALA A 41 5.91 -35.27 3.47
C ALA A 41 5.67 -35.43 1.97
N PRO A 42 6.72 -35.79 1.20
CA PRO A 42 6.57 -35.85 -0.27
C PRO A 42 5.49 -36.82 -0.71
N GLY A 43 5.41 -37.96 -0.01
CA GLY A 43 4.39 -38.96 -0.27
C GLY A 43 2.95 -38.55 -0.02
N GLN A 44 2.74 -37.75 1.02
CA GLN A 44 1.40 -37.52 1.56
C GLN A 44 1.03 -36.04 1.65
N GLY A 45 -0.25 -35.78 1.96
CA GLY A 45 -0.75 -34.42 2.05
C GLY A 45 -0.33 -33.73 3.34
N LEU A 46 -0.75 -32.47 3.50
CA LEU A 46 -0.37 -31.65 4.65
C LEU A 46 -0.82 -32.23 6.00
N GLU A 47 0.03 -32.09 7.02
CA GLU A 47 -0.28 -32.54 8.38
C GLU A 47 -0.06 -31.42 9.39
N TRP A 48 -1.04 -31.18 10.24
CA TRP A 48 -0.88 -30.19 11.30
C TRP A 48 0.00 -30.70 12.43
N ILE A 49 1.02 -29.92 12.77
CA ILE A 49 1.93 -30.27 13.85
C ILE A 49 1.49 -29.66 15.17
N GLY A 50 1.41 -28.33 15.21
CA GLY A 50 1.03 -27.63 16.42
C GLY A 50 0.97 -26.13 16.26
N GLY A 51 0.74 -25.45 17.38
CA GLY A 51 0.67 -23.99 17.38
C GLY A 51 0.75 -23.38 18.78
N VAL A 52 0.92 -22.06 18.82
CA VAL A 52 0.98 -21.36 20.09
C VAL A 52 0.49 -19.92 19.93
N VAL A 53 -0.36 -19.48 20.87
CA VAL A 53 -0.77 -18.08 20.94
C VAL A 53 0.07 -17.39 22.01
N PRO A 54 1.03 -16.57 21.59
CA PRO A 54 2.02 -15.94 22.48
C PRO A 54 1.45 -15.02 23.55
N LEU A 55 0.22 -14.53 23.35
CA LEU A 55 -0.41 -13.63 24.31
C LEU A 55 -0.80 -14.37 25.59
N PHE A 56 -1.15 -15.64 25.46
CA PHE A 56 -1.58 -16.44 26.60
C PHE A 56 -0.55 -17.49 26.97
N GLY A 57 0.38 -17.77 26.06
CA GLY A 57 1.43 -18.73 26.29
C GLY A 57 0.93 -20.18 26.23
N THR A 58 -0.28 -20.37 25.74
CA THR A 58 -0.87 -21.71 25.63
C THR A 58 -0.47 -22.42 24.33
N THR A 59 0.06 -23.63 24.47
CA THR A 59 0.51 -24.43 23.33
C THR A 59 -0.49 -25.54 22.98
N ARG A 60 -0.46 -26.02 21.74
CA ARG A 60 -1.35 -27.13 21.36
C ARG A 60 -0.72 -28.00 20.27
N ASN A 61 -0.63 -29.31 20.51
CA ASN A 61 0.01 -30.21 19.54
C ASN A 61 -0.91 -31.32 19.06
N ALA A 62 -0.38 -32.16 18.17
CA ALA A 62 -1.10 -33.35 17.71
C ALA A 62 -0.49 -34.60 18.33
N GLN A 63 -1.23 -35.70 18.30
CA GLN A 63 -0.80 -36.93 18.98
C GLN A 63 0.55 -37.46 18.52
N LYS A 64 0.90 -37.21 17.27
CA LYS A 64 2.14 -37.73 16.72
C LYS A 64 3.34 -36.94 17.21
N PHE A 65 3.08 -35.75 17.72
CA PHE A 65 4.16 -34.89 18.22
C PHE A 65 3.93 -34.45 19.65
N GLN A 66 2.98 -35.11 20.34
CA GLN A 66 2.55 -34.66 21.66
C GLN A 66 3.67 -34.66 22.69
N GLY A 67 4.51 -35.70 22.67
CA GLY A 67 5.58 -35.78 23.64
C GLY A 67 6.65 -34.71 23.53
N ARG A 68 7.20 -34.49 22.33
CA ARG A 68 8.41 -33.69 22.28
C ARG A 68 8.32 -32.23 21.83
N VAL A 69 7.66 -31.96 20.71
CA VAL A 69 7.85 -30.65 20.06
C VAL A 69 7.43 -29.44 20.92
N THR A 70 8.24 -28.40 20.85
CA THR A 70 7.95 -27.12 21.52
C THR A 70 8.05 -25.92 20.57
N ILE A 71 6.96 -25.16 20.47
CA ILE A 71 6.91 -23.98 19.62
C ILE A 71 6.93 -22.67 20.42
N SER A 72 7.99 -21.89 20.22
CA SER A 72 8.12 -20.62 20.92
C SER A 72 8.05 -19.43 19.97
N ASP A 73 7.14 -18.50 20.26
CA ASP A 73 6.96 -17.32 19.42
C ASP A 73 7.43 -16.06 20.12
N ASP A 74 8.57 -15.53 19.68
CA ASP A 74 9.12 -14.31 20.24
C ASP A 74 8.51 -13.08 19.58
N LYS A 75 7.84 -12.26 20.38
CA LYS A 75 7.19 -11.05 19.88
C LYS A 75 8.14 -9.87 19.76
N SER A 76 9.26 -9.95 20.48
CA SER A 76 10.25 -8.89 20.47
C SER A 76 10.83 -8.66 19.09
N THR A 77 11.41 -9.71 18.53
CA THR A 77 12.00 -9.64 17.19
C THR A 77 11.06 -10.24 16.14
N GLY A 78 9.89 -10.67 16.58
CA GLY A 78 8.92 -11.30 15.70
C GLY A 78 9.46 -12.60 15.13
N THR A 79 10.23 -13.32 15.93
CA THR A 79 10.89 -14.53 15.48
C THR A 79 10.27 -15.79 16.06
N GLY A 80 9.86 -16.69 15.17
CA GLY A 80 9.24 -17.95 15.58
C GLY A 80 10.27 -19.07 15.69
N HIS A 81 9.91 -20.12 16.42
CA HIS A 81 10.80 -21.26 16.60
C HIS A 81 10.07 -22.58 16.84
N MET A 82 10.48 -23.61 16.11
CA MET A 82 10.00 -24.96 16.35
C MET A 82 11.19 -25.90 16.54
N GLU A 83 11.21 -26.59 17.68
CA GLU A 83 12.27 -27.55 17.94
C GLU A 83 11.70 -28.96 18.06
N LEU A 84 12.20 -29.88 17.25
CA LEU A 84 11.74 -31.25 17.29
C LEU A 84 12.88 -32.22 17.61
N ARG A 85 12.73 -32.98 18.69
CA ARG A 85 13.77 -33.90 19.18
C ARG A 85 13.36 -35.37 19.03
N SER A 86 14.36 -36.24 18.90
CA SER A 86 14.19 -37.68 18.62
C SER A 86 13.48 -37.92 17.29
N LEU A 87 14.12 -37.47 16.22
CA LEU A 87 13.56 -37.49 14.88
C LEU A 87 13.37 -38.92 14.36
N ARG A 88 12.36 -39.10 13.51
CA ARG A 88 12.06 -40.40 12.90
C ARG A 88 12.24 -40.30 11.39
N SER A 89 12.26 -41.44 10.69
CA SER A 89 12.41 -41.44 9.24
C SER A 89 11.20 -40.80 8.58
N GLU A 90 10.05 -40.92 9.22
CA GLU A 90 8.81 -40.36 8.67
C GLU A 90 8.66 -38.88 9.01
N ASP A 91 9.63 -38.34 9.76
CA ASP A 91 9.62 -36.92 10.08
C ASP A 91 10.20 -36.09 8.92
N THR A 92 10.82 -36.75 7.95
CA THR A 92 11.40 -36.08 6.78
C THR A 92 10.29 -35.44 5.96
N ALA A 93 10.28 -34.11 5.92
CA ALA A 93 9.24 -33.35 5.23
C ALA A 93 9.62 -31.88 5.03
N VAL A 94 8.79 -31.16 4.29
CA VAL A 94 8.94 -29.71 4.17
C VAL A 94 8.10 -29.01 5.24
N TYR A 95 8.77 -28.43 6.22
CA TYR A 95 8.10 -27.82 7.36
C TYR A 95 7.79 -26.35 7.13
N TYR A 96 6.50 -26.03 7.14
CA TYR A 96 6.01 -24.68 6.92
C TYR A 96 5.70 -23.94 8.23
N CYS A 97 6.26 -22.74 8.32
CA CYS A 97 5.94 -21.82 9.39
C CYS A 97 4.76 -20.97 8.96
N VAL A 98 3.69 -21.00 9.73
CA VAL A 98 2.50 -20.25 9.33
C VAL A 98 1.96 -19.36 10.46
N ARG A 99 1.58 -18.13 10.13
CA ARG A 99 1.04 -17.22 11.14
C ARG A 99 -0.39 -16.78 10.83
N SER A 100 -1.18 -16.53 11.87
CA SER A 100 -2.59 -16.26 11.70
C SER A 100 -3.00 -14.93 12.31
N VAL A 101 -3.77 -14.18 11.54
CA VAL A 101 -4.35 -12.92 11.95
C VAL A 101 -5.86 -13.10 11.88
N THR A 102 -6.55 -12.82 12.97
CA THR A 102 -8.02 -12.86 13.07
C THR A 102 -8.47 -14.24 13.50
N PRO A 103 -8.81 -14.39 14.79
CA PRO A 103 -9.35 -15.66 15.29
C PRO A 103 -10.80 -15.85 14.92
N ARG A 104 -11.25 -17.10 14.84
CA ARG A 104 -12.67 -17.41 14.61
C ARG A 104 -13.32 -18.17 15.77
N TYR A 105 -12.49 -18.84 16.56
CA TYR A 105 -12.95 -19.58 17.73
C TYR A 105 -11.87 -19.65 18.79
N CYS A 106 -12.29 -19.59 20.06
CA CYS A 106 -11.37 -19.83 21.17
C CYS A 106 -11.96 -20.89 22.11
N GLY A 107 -11.31 -22.04 22.18
CA GLY A 107 -11.57 -23.02 23.23
C GLY A 107 -11.05 -22.53 24.56
N GLY A 108 -9.84 -21.97 24.52
CA GLY A 108 -9.21 -21.44 25.71
C GLY A 108 -8.35 -22.49 26.38
N GLY A 109 -7.07 -22.17 26.63
CA GLY A 109 -6.45 -20.93 26.18
C GLY A 109 -6.34 -20.74 24.67
N PHE A 110 -6.14 -21.83 23.94
CA PHE A 110 -5.88 -21.77 22.50
C PHE A 110 -7.03 -21.20 21.65
N CYS A 111 -6.66 -20.49 20.58
CA CYS A 111 -7.63 -19.90 19.66
C CYS A 111 -7.48 -20.51 18.25
N TYR A 112 -8.57 -20.58 17.49
CA TYR A 112 -8.55 -21.21 16.17
C TYR A 112 -8.90 -20.24 15.04
N GLY A 113 -8.20 -20.37 13.92
CA GLY A 113 -8.46 -19.52 12.77
C GLY A 113 -7.85 -20.05 11.49
N GLU A 114 -8.22 -19.44 10.37
CA GLU A 114 -7.65 -19.82 9.08
C GLU A 114 -6.20 -19.37 9.05
N PHE A 115 -5.40 -20.02 8.21
CA PHE A 115 -3.99 -19.69 8.10
C PHE A 115 -3.79 -18.59 7.06
N ASP A 116 -3.32 -17.43 7.50
CA ASP A 116 -3.20 -16.28 6.60
C ASP A 116 -1.88 -16.23 5.83
N TYR A 117 -0.77 -16.33 6.53
CA TYR A 117 0.52 -16.23 5.87
C TYR A 117 1.43 -17.41 6.14
N TRP A 118 1.95 -17.98 5.04
CA TRP A 118 2.84 -19.13 5.14
C TRP A 118 4.30 -18.75 4.92
N GLY A 119 5.20 -19.62 5.37
CA GLY A 119 6.62 -19.41 5.22
C GLY A 119 7.13 -20.03 3.93
N GLN A 120 8.43 -19.87 3.69
CA GLN A 120 9.08 -20.39 2.48
C GLN A 120 9.16 -21.91 2.49
N GLY A 121 9.14 -22.52 3.68
CA GLY A 121 9.26 -23.95 3.79
C GLY A 121 10.69 -24.34 4.12
N THR A 122 10.84 -25.39 4.90
CA THR A 122 12.17 -25.85 5.28
C THR A 122 12.29 -27.37 5.17
N LEU A 123 13.12 -27.83 4.23
CA LEU A 123 13.30 -29.26 4.06
C LEU A 123 14.11 -29.84 5.21
N VAL A 124 13.45 -30.71 5.98
CA VAL A 124 14.12 -31.42 7.07
C VAL A 124 14.34 -32.88 6.69
N THR A 125 15.61 -33.27 6.62
CA THR A 125 15.95 -34.62 6.23
C THR A 125 16.48 -35.45 7.39
N VAL A 126 15.77 -36.52 7.74
CA VAL A 126 16.24 -37.41 8.80
C VAL A 126 16.92 -38.63 8.19
N SER A 127 18.24 -38.61 8.17
CA SER A 127 19.01 -39.69 7.59
C SER A 127 20.37 -39.85 8.26
N SER A 128 20.81 -41.10 8.36
CA SER A 128 22.10 -41.43 8.95
C SER A 128 23.25 -41.22 7.98
N ALA A 129 22.90 -40.99 6.71
CA ALA A 129 23.88 -40.79 5.64
C ALA A 129 24.71 -39.54 5.86
N SER A 130 25.85 -39.47 5.18
CA SER A 130 26.76 -38.34 5.35
C SER A 130 26.37 -37.19 4.42
N THR A 131 26.66 -35.97 4.86
CA THR A 131 26.40 -34.79 4.05
C THR A 131 27.47 -34.67 2.97
N LYS A 132 27.04 -34.50 1.73
CA LYS A 132 27.98 -34.40 0.62
C LYS A 132 27.61 -33.29 -0.35
N GLY A 133 28.60 -32.45 -0.68
CA GLY A 133 28.44 -31.40 -1.65
C GLY A 133 28.40 -31.94 -3.08
N PRO A 134 27.73 -31.21 -3.97
CA PRO A 134 27.53 -31.60 -5.37
C PRO A 134 28.67 -31.20 -6.29
N SER A 135 28.73 -31.83 -7.46
CA SER A 135 29.63 -31.41 -8.52
C SER A 135 28.77 -30.79 -9.60
N VAL A 136 29.22 -29.69 -10.18
CA VAL A 136 28.47 -29.03 -11.23
C VAL A 136 29.19 -29.12 -12.57
N PHE A 137 28.51 -29.66 -13.57
CA PHE A 137 29.10 -29.82 -14.90
C PHE A 137 28.33 -29.06 -15.97
N PRO A 138 29.04 -28.47 -16.94
CA PRO A 138 28.42 -27.70 -18.02
C PRO A 138 27.64 -28.56 -19.00
N LEU A 139 26.45 -28.11 -19.40
CA LEU A 139 25.71 -28.74 -20.49
C LEU A 139 25.75 -27.78 -21.68
N ALA A 140 26.85 -27.78 -22.42
CA ALA A 140 27.06 -26.78 -23.47
C ALA A 140 26.19 -27.00 -24.71
N PRO A 141 25.75 -25.89 -25.32
CA PRO A 141 24.96 -25.93 -26.56
C PRO A 141 25.77 -26.46 -27.75
N SER A 142 25.10 -27.02 -28.77
CA SER A 142 25.77 -27.71 -29.87
C SER A 142 26.18 -26.84 -31.05
N SER A 143 26.03 -25.52 -30.93
CA SER A 143 26.43 -24.58 -31.98
C SER A 143 25.78 -24.83 -33.35
N LYS A 144 24.48 -25.10 -33.38
CA LYS A 144 23.76 -25.32 -34.64
C LYS A 144 22.63 -24.32 -34.82
N GLY A 148 14.10 -20.85 -36.72
CA GLY A 148 13.85 -20.50 -35.33
C GLY A 148 15.05 -19.83 -34.67
N GLY A 149 16.18 -20.55 -34.63
CA GLY A 149 17.40 -20.02 -34.05
C GLY A 149 17.45 -20.06 -32.54
N THR A 150 16.76 -21.02 -31.92
CA THR A 150 16.76 -21.17 -30.48
C THR A 150 17.58 -22.39 -29.99
N ALA A 151 18.55 -22.12 -29.13
CA ALA A 151 19.43 -23.17 -28.58
C ALA A 151 19.19 -23.41 -27.09
N ALA A 152 19.71 -24.52 -26.57
CA ALA A 152 19.52 -24.88 -25.16
C ALA A 152 20.86 -25.16 -24.48
N LEU A 153 20.96 -24.77 -23.22
CA LEU A 153 22.16 -25.01 -22.43
C LEU A 153 21.83 -25.17 -20.97
N GLY A 154 22.71 -25.80 -20.20
CA GLY A 154 22.40 -25.99 -18.80
C GLY A 154 23.54 -26.36 -17.88
N CYS A 155 23.17 -26.98 -16.76
CA CYS A 155 24.11 -27.46 -15.77
C CYS A 155 23.61 -28.72 -15.09
N LEU A 156 24.55 -29.62 -14.82
CA LEU A 156 24.25 -30.88 -14.15
C LEU A 156 24.76 -30.82 -12.72
N VAL A 157 23.85 -30.84 -11.76
CA VAL A 157 24.21 -30.88 -10.35
C VAL A 157 24.16 -32.32 -9.87
N LYS A 158 25.33 -32.92 -9.67
CA LYS A 158 25.40 -34.36 -9.45
C LYS A 158 26.02 -34.77 -8.11
N ASP A 159 25.57 -35.91 -7.60
CA ASP A 159 26.15 -36.54 -6.43
C ASP A 159 26.15 -35.71 -5.15
N TYR A 160 24.96 -35.35 -4.69
CA TYR A 160 24.86 -34.56 -3.49
C TYR A 160 23.82 -35.20 -2.56
N PHE A 161 23.98 -34.92 -1.27
CA PHE A 161 23.02 -35.34 -0.28
C PHE A 161 23.08 -34.34 0.86
N PRO A 162 21.92 -34.01 1.43
CA PRO A 162 20.59 -34.37 0.93
C PRO A 162 20.02 -33.26 0.06
N GLU A 163 18.73 -33.38 -0.27
CA GLU A 163 18.02 -32.31 -0.93
C GLU A 163 17.90 -31.12 0.02
N PRO A 164 17.69 -29.90 -0.52
CA PRO A 164 17.57 -29.58 -1.94
C PRO A 164 18.78 -28.84 -2.46
N VAL A 165 18.78 -28.59 -3.76
CA VAL A 165 19.78 -27.74 -4.37
C VAL A 165 19.03 -26.65 -5.13
N THR A 166 19.45 -25.41 -4.96
CA THR A 166 18.78 -24.29 -5.62
C THR A 166 19.65 -23.71 -6.72
N VAL A 167 19.15 -23.70 -7.95
CA VAL A 167 19.93 -23.18 -9.05
C VAL A 167 19.27 -21.99 -9.75
N SER A 168 19.99 -20.87 -9.82
CA SER A 168 19.52 -19.71 -10.57
C SER A 168 20.49 -19.47 -11.72
N TRP A 169 20.16 -18.54 -12.62
CA TRP A 169 21.02 -18.22 -13.76
C TRP A 169 21.30 -16.73 -13.83
N ASN A 170 22.59 -16.39 -13.99
CA ASN A 170 23.04 -14.99 -14.03
C ASN A 170 22.61 -14.18 -12.81
N SER A 171 22.76 -14.79 -11.64
CA SER A 171 22.40 -14.17 -10.35
C SER A 171 20.94 -13.75 -10.32
N GLY A 172 20.08 -14.55 -10.95
CA GLY A 172 18.66 -14.29 -10.92
C GLY A 172 18.17 -13.39 -12.03
N ALA A 173 19.09 -12.90 -12.86
CA ALA A 173 18.70 -12.04 -13.97
C ALA A 173 17.95 -12.83 -15.05
N LEU A 174 18.38 -14.07 -15.31
CA LEU A 174 17.73 -14.92 -16.31
C LEU A 174 16.76 -15.91 -15.68
N THR A 175 15.46 -15.66 -15.84
CA THR A 175 14.41 -16.52 -15.31
C THR A 175 13.51 -17.14 -16.39
N SER A 176 13.19 -16.37 -17.42
CA SER A 176 12.31 -16.89 -18.44
C SER A 176 13.03 -18.02 -19.19
N GLY A 177 12.31 -19.10 -19.45
CA GLY A 177 12.86 -20.20 -20.22
C GLY A 177 13.70 -21.15 -19.38
N VAL A 178 13.73 -20.93 -18.06
CA VAL A 178 14.54 -21.78 -17.17
C VAL A 178 13.73 -22.95 -16.63
N HIS A 179 14.27 -24.16 -16.76
CA HIS A 179 13.63 -25.36 -16.24
C HIS A 179 14.59 -26.15 -15.33
N THR A 180 14.35 -26.12 -14.02
CA THR A 180 15.12 -26.93 -13.07
C THR A 180 14.34 -28.17 -12.69
N PHE A 181 14.79 -29.33 -13.16
CA PHE A 181 14.07 -30.57 -12.96
C PHE A 181 14.11 -31.12 -11.53
N PRO A 182 13.04 -31.81 -11.13
CA PRO A 182 13.03 -32.48 -9.83
C PRO A 182 14.22 -33.43 -9.74
N ALA A 183 14.89 -33.43 -8.59
CA ALA A 183 16.06 -34.27 -8.39
C ALA A 183 15.67 -35.74 -8.48
N VAL A 184 16.59 -36.55 -8.99
CA VAL A 184 16.33 -37.98 -9.08
C VAL A 184 17.26 -38.71 -8.12
N LEU A 185 16.74 -39.71 -7.43
CA LEU A 185 17.54 -40.46 -6.48
C LEU A 185 18.32 -41.56 -7.20
N GLN A 186 19.64 -41.40 -7.26
CA GLN A 186 20.47 -42.41 -7.92
C GLN A 186 20.56 -43.68 -7.09
N SER A 187 21.15 -44.71 -7.69
CA SER A 187 21.34 -45.97 -7.01
C SER A 187 22.42 -45.87 -5.93
N SER A 188 23.30 -44.89 -6.08
CA SER A 188 24.39 -44.67 -5.14
C SER A 188 23.87 -44.04 -3.84
N GLY A 189 22.58 -43.74 -3.81
CA GLY A 189 21.97 -43.14 -2.64
C GLY A 189 22.05 -41.63 -2.75
N LEU A 190 22.78 -41.16 -3.75
CA LEU A 190 22.96 -39.73 -3.97
C LEU A 190 21.95 -39.17 -4.97
N TYR A 191 21.63 -37.89 -4.79
CA TYR A 191 20.68 -37.22 -5.66
C TYR A 191 21.36 -36.58 -6.86
N SER A 192 20.62 -36.46 -7.96
CA SER A 192 21.14 -35.79 -9.15
C SER A 192 20.08 -34.84 -9.70
N LEU A 193 20.55 -33.69 -10.18
CA LEU A 193 19.64 -32.64 -10.69
C LEU A 193 20.26 -31.87 -11.83
N SER A 194 19.44 -31.46 -12.77
CA SER A 194 19.90 -30.67 -13.92
C SER A 194 19.01 -29.45 -14.19
N SER A 195 19.62 -28.32 -14.50
CA SER A 195 18.88 -27.10 -14.83
C SER A 195 19.19 -26.61 -16.25
N VAL A 196 18.16 -26.47 -17.08
CA VAL A 196 18.37 -26.00 -18.46
C VAL A 196 17.73 -24.66 -18.76
N VAL A 197 18.07 -24.10 -19.91
CA VAL A 197 17.53 -22.83 -20.32
C VAL A 197 17.69 -22.69 -21.83
N THR A 198 16.67 -22.11 -22.47
CA THR A 198 16.68 -21.90 -23.91
C THR A 198 16.95 -20.44 -24.20
N VAL A 199 17.98 -20.19 -24.98
CA VAL A 199 18.40 -18.84 -25.34
C VAL A 199 18.57 -18.77 -26.84
N PRO A 200 18.54 -17.57 -27.42
CA PRO A 200 18.75 -17.41 -28.86
C PRO A 200 20.15 -17.84 -29.29
N SER A 201 20.26 -18.48 -30.47
CA SER A 201 21.51 -19.03 -30.97
C SER A 201 22.56 -17.95 -31.18
N SER A 202 22.10 -16.78 -31.59
CA SER A 202 23.01 -15.66 -31.89
C SER A 202 23.60 -15.01 -30.64
N SER A 203 23.27 -15.56 -29.47
CA SER A 203 23.78 -15.00 -28.24
C SER A 203 24.88 -15.87 -27.62
N LEU A 204 25.17 -17.00 -28.26
CA LEU A 204 26.06 -18.00 -27.66
C LEU A 204 27.45 -17.49 -27.32
N GLY A 205 28.16 -16.96 -28.31
CA GLY A 205 29.46 -16.36 -28.02
C GLY A 205 29.44 -15.09 -27.17
N THR A 206 28.55 -14.16 -27.50
CA THR A 206 28.50 -12.85 -26.82
C THR A 206 27.90 -12.80 -25.41
N GLN A 207 26.73 -13.40 -25.23
CA GLN A 207 26.06 -13.41 -23.93
C GLN A 207 26.68 -14.40 -22.95
N THR A 208 27.20 -13.90 -21.84
CA THR A 208 27.76 -14.74 -20.80
C THR A 208 26.68 -15.50 -20.02
N TYR A 209 26.95 -16.76 -19.71
CA TYR A 209 26.02 -17.57 -18.90
C TYR A 209 26.70 -18.20 -17.70
N ILE A 210 26.37 -17.69 -16.51
CA ILE A 210 26.87 -18.26 -15.26
C ILE A 210 25.72 -18.99 -14.59
N CYS A 211 25.99 -20.20 -14.16
CA CYS A 211 24.99 -20.99 -13.46
C CYS A 211 25.27 -20.99 -11.96
N ASN A 212 24.34 -20.46 -11.17
CA ASN A 212 24.50 -20.34 -9.73
C ASN A 212 23.87 -21.47 -8.92
N VAL A 213 24.73 -22.34 -8.40
CA VAL A 213 24.29 -23.51 -7.66
C VAL A 213 24.54 -23.42 -6.15
N ASN A 214 23.49 -23.61 -5.38
CA ASN A 214 23.56 -23.53 -3.92
C ASN A 214 23.06 -24.79 -3.21
N HIS A 215 23.87 -25.31 -2.29
CA HIS A 215 23.49 -26.46 -1.47
C HIS A 215 23.74 -26.16 0.01
N LYS A 216 22.73 -25.58 0.66
CA LYS A 216 22.88 -25.15 2.06
C LYS A 216 23.38 -26.21 3.06
N PRO A 217 22.86 -27.46 3.02
CA PRO A 217 23.31 -28.43 4.04
C PRO A 217 24.82 -28.63 4.09
N SER A 218 25.52 -28.33 3.00
CA SER A 218 26.97 -28.43 2.98
C SER A 218 27.60 -27.04 2.84
N ASN A 219 26.74 -26.01 2.89
CA ASN A 219 27.17 -24.62 2.73
C ASN A 219 27.99 -24.39 1.47
N THR A 220 27.53 -24.97 0.36
CA THR A 220 28.22 -24.94 -0.91
C THR A 220 27.61 -23.96 -1.91
N LYS A 221 28.39 -22.96 -2.31
CA LYS A 221 28.01 -22.02 -3.38
C LYS A 221 28.98 -22.10 -4.54
N VAL A 222 28.53 -22.67 -5.66
CA VAL A 222 29.39 -22.83 -6.83
C VAL A 222 28.78 -22.18 -8.06
N ASP A 223 29.55 -21.30 -8.70
CA ASP A 223 29.14 -20.64 -9.94
C ASP A 223 29.89 -21.18 -11.15
N LYS A 224 29.18 -21.88 -12.03
CA LYS A 224 29.83 -22.51 -13.19
C LYS A 224 29.48 -21.81 -14.51
N LYS A 225 30.50 -21.30 -15.20
CA LYS A 225 30.29 -20.62 -16.48
C LYS A 225 30.04 -21.65 -17.59
N VAL A 226 29.03 -21.42 -18.41
CA VAL A 226 28.70 -22.36 -19.47
C VAL A 226 28.99 -21.76 -20.84
N GLU A 227 30.06 -22.24 -21.47
CA GLU A 227 30.45 -21.78 -22.79
C GLU A 227 30.23 -22.86 -23.84
N PRO A 228 29.86 -22.45 -25.05
CA PRO A 228 29.64 -23.41 -26.14
C PRO A 228 30.95 -23.97 -26.64
N LYS A 229 30.87 -25.03 -27.44
CA LYS A 229 32.05 -25.60 -28.09
C LYS A 229 31.60 -26.48 -29.26
N GLU B 3 -9.76 -36.30 8.46
CA GLU B 3 -11.20 -36.47 8.41
C GLU B 3 -11.80 -35.72 7.24
N LEU B 4 -10.95 -35.40 6.26
CA LEU B 4 -11.38 -34.66 5.07
C LEU B 4 -11.11 -35.46 3.79
N THR B 5 -12.12 -35.50 2.91
CA THR B 5 -12.00 -36.24 1.67
C THR B 5 -12.18 -35.34 0.44
N GLN B 6 -11.11 -35.13 -0.30
CA GLN B 6 -11.18 -34.32 -1.50
C GLN B 6 -11.34 -35.19 -2.73
N SER B 7 -12.37 -34.90 -3.51
CA SER B 7 -12.63 -35.62 -4.74
C SER B 7 -12.91 -34.62 -5.87
N PRO B 8 -12.35 -34.86 -7.07
CA PRO B 8 -11.47 -36.00 -7.38
C PRO B 8 -10.02 -35.76 -6.96
N ALA B 9 -9.19 -36.80 -7.03
CA ALA B 9 -7.78 -36.66 -6.68
C ALA B 9 -7.01 -35.91 -7.75
N THR B 10 -7.49 -36.01 -8.99
CA THR B 10 -6.85 -35.39 -10.16
C THR B 10 -7.91 -34.81 -11.09
N LEU B 11 -7.71 -33.56 -11.50
CA LEU B 11 -8.64 -32.89 -12.42
C LEU B 11 -7.90 -32.37 -13.65
N SER B 12 -8.58 -32.33 -14.79
CA SER B 12 -7.98 -31.83 -16.03
C SER B 12 -9.04 -31.10 -16.84
N VAL B 13 -8.80 -29.82 -17.12
CA VAL B 13 -9.86 -28.99 -17.68
C VAL B 13 -9.34 -27.80 -18.50
N SER B 14 -10.06 -27.47 -19.57
CA SER B 14 -9.70 -26.38 -20.48
C SER B 14 -9.82 -24.98 -19.90
N PRO B 15 -9.05 -24.03 -20.44
CA PRO B 15 -9.14 -22.67 -19.91
C PRO B 15 -10.50 -22.04 -20.23
N GLY B 16 -10.93 -21.09 -19.39
CA GLY B 16 -12.19 -20.42 -19.62
C GLY B 16 -13.40 -21.21 -19.15
N GLU B 17 -13.16 -22.44 -18.70
CA GLU B 17 -14.22 -23.30 -18.22
C GLU B 17 -14.17 -23.44 -16.70
N ARG B 18 -15.18 -24.08 -16.14
CA ARG B 18 -15.30 -24.18 -14.69
C ARG B 18 -14.72 -25.48 -14.12
N ALA B 19 -13.89 -25.34 -13.09
CA ALA B 19 -13.35 -26.50 -12.38
C ALA B 19 -13.84 -26.50 -10.93
N THR B 20 -14.61 -27.52 -10.56
CA THR B 20 -15.17 -27.62 -9.22
C THR B 20 -14.50 -28.75 -8.43
N LEU B 21 -14.22 -28.49 -7.15
CA LEU B 21 -13.56 -29.46 -6.29
C LEU B 21 -14.39 -29.76 -5.05
N SER B 22 -14.61 -31.04 -4.75
CA SER B 22 -15.45 -31.40 -3.62
C SER B 22 -14.64 -31.78 -2.36
N CYS B 23 -15.07 -31.26 -1.21
CA CYS B 23 -14.47 -31.63 0.07
C CYS B 23 -15.54 -32.15 1.01
N ARG B 24 -15.32 -33.33 1.57
CA ARG B 24 -16.32 -33.98 2.43
C ARG B 24 -15.72 -34.39 3.77
N ALA B 25 -16.26 -33.84 4.86
CA ALA B 25 -15.76 -34.15 6.18
C ALA B 25 -16.50 -35.34 6.79
N SER B 26 -15.79 -36.16 7.55
CA SER B 26 -16.37 -37.33 8.20
C SER B 26 -17.29 -36.87 9.32
N GLN B 27 -16.93 -35.76 9.93
CA GLN B 27 -17.72 -35.17 10.99
C GLN B 27 -18.03 -33.73 10.62
N SER B 28 -19.17 -33.24 11.07
CA SER B 28 -19.63 -31.90 10.71
C SER B 28 -18.63 -30.84 11.18
N VAL B 29 -18.36 -29.87 10.32
CA VAL B 29 -17.43 -28.81 10.67
C VAL B 29 -18.05 -27.42 10.47
N SER B 30 -19.38 -27.40 10.33
CA SER B 30 -20.14 -26.17 10.15
C SER B 30 -19.60 -25.35 8.97
N SER B 31 -19.13 -24.14 9.26
CA SER B 31 -18.54 -23.29 8.24
C SER B 31 -17.04 -23.06 8.45
N ASN B 32 -16.43 -23.78 9.38
CA ASN B 32 -15.02 -23.59 9.69
C ASN B 32 -14.13 -24.34 8.72
N LEU B 33 -14.24 -23.98 7.45
CA LEU B 33 -13.43 -24.60 6.42
C LEU B 33 -12.69 -23.57 5.57
N ALA B 34 -11.47 -23.92 5.17
CA ALA B 34 -10.63 -23.03 4.39
C ALA B 34 -10.03 -23.73 3.18
N TRP B 35 -10.03 -23.04 2.05
CA TRP B 35 -9.44 -23.53 0.81
C TRP B 35 -8.12 -22.82 0.50
N TYR B 36 -7.10 -23.61 0.21
CA TYR B 36 -5.77 -23.09 -0.12
C TYR B 36 -5.33 -23.55 -1.53
N GLN B 37 -4.49 -22.74 -2.16
CA GLN B 37 -3.92 -23.05 -3.47
C GLN B 37 -2.41 -23.21 -3.36
N GLN B 38 -1.89 -24.33 -3.85
CA GLN B 38 -0.44 -24.54 -3.83
C GLN B 38 0.14 -24.67 -5.24
N LYS B 39 0.74 -23.59 -5.72
CA LYS B 39 1.40 -23.57 -7.02
C LYS B 39 2.70 -24.36 -6.95
N PRO B 40 3.16 -24.87 -8.10
CA PRO B 40 4.39 -25.68 -8.16
C PRO B 40 5.60 -25.01 -7.52
N GLY B 41 6.11 -25.63 -6.46
CA GLY B 41 7.34 -25.17 -5.81
C GLY B 41 7.18 -23.98 -4.90
N GLN B 42 5.96 -23.74 -4.46
CA GLN B 42 5.67 -22.60 -3.58
C GLN B 42 4.85 -23.00 -2.36
N ALA B 43 4.73 -22.06 -1.43
CA ALA B 43 3.92 -22.26 -0.23
C ALA B 43 2.45 -22.04 -0.55
N PRO B 44 1.56 -22.72 0.18
CA PRO B 44 0.12 -22.58 -0.02
C PRO B 44 -0.34 -21.14 0.13
N ARG B 45 -1.37 -20.77 -0.61
CA ARG B 45 -1.90 -19.42 -0.51
C ARG B 45 -3.36 -19.52 -0.06
N LEU B 46 -3.72 -18.69 0.92
CA LEU B 46 -5.08 -18.69 1.45
C LEU B 46 -6.07 -18.18 0.41
N LEU B 47 -6.91 -19.06 -0.12
CA LEU B 47 -7.92 -18.65 -1.07
C LEU B 47 -9.23 -18.26 -0.40
N ILE B 48 -9.82 -19.21 0.32
CA ILE B 48 -11.11 -19.00 0.96
C ILE B 48 -11.05 -19.36 2.44
N TYR B 49 -11.72 -18.58 3.28
CA TYR B 49 -11.95 -18.97 4.67
C TYR B 49 -13.44 -18.90 4.98
N GLY B 50 -13.86 -19.56 6.07
CA GLY B 50 -15.26 -19.55 6.44
C GLY B 50 -16.16 -20.16 5.39
N ALA B 51 -15.67 -21.21 4.74
CA ALA B 51 -16.40 -21.97 3.73
C ALA B 51 -16.70 -21.22 2.42
N SER B 52 -17.05 -19.93 2.50
CA SER B 52 -17.45 -19.21 1.29
C SER B 52 -16.94 -17.76 1.23
N THR B 53 -16.08 -17.37 2.15
CA THR B 53 -15.56 -16.01 2.17
C THR B 53 -14.19 -15.90 1.51
N ARG B 54 -14.14 -15.13 0.44
CA ARG B 54 -12.90 -14.91 -0.27
C ARG B 54 -11.92 -14.11 0.59
N ALA B 55 -10.64 -14.48 0.50
CA ALA B 55 -9.59 -13.73 1.16
C ALA B 55 -9.29 -12.46 0.37
N THR B 56 -8.55 -11.53 0.98
CA THR B 56 -8.21 -10.28 0.30
C THR B 56 -7.24 -10.55 -0.83
N GLY B 57 -7.53 -9.99 -2.00
CA GLY B 57 -6.67 -10.11 -3.17
C GLY B 57 -6.96 -11.33 -4.02
N ILE B 58 -8.04 -12.04 -3.71
CA ILE B 58 -8.39 -13.22 -4.49
C ILE B 58 -9.55 -12.88 -5.41
N PRO B 59 -9.39 -13.13 -6.72
CA PRO B 59 -10.40 -12.82 -7.74
C PRO B 59 -11.76 -13.47 -7.49
N ALA B 60 -12.82 -12.91 -8.07
CA ALA B 60 -14.17 -13.40 -7.83
C ALA B 60 -14.45 -14.75 -8.51
N ARG B 61 -13.59 -15.15 -9.43
CA ARG B 61 -13.77 -16.44 -10.10
C ARG B 61 -13.64 -17.59 -9.13
N PHE B 62 -12.85 -17.39 -8.07
CA PHE B 62 -12.78 -18.34 -6.98
C PHE B 62 -14.01 -18.20 -6.09
N SER B 63 -14.68 -19.32 -5.83
CA SER B 63 -15.94 -19.28 -5.12
C SER B 63 -16.19 -20.50 -4.24
N GLY B 64 -16.06 -20.30 -2.93
CA GLY B 64 -16.33 -21.33 -1.96
C GLY B 64 -17.82 -21.55 -1.74
N SER B 65 -18.20 -22.75 -1.32
CA SER B 65 -19.60 -23.09 -1.10
C SER B 65 -19.79 -24.30 -0.19
N GLY B 66 -20.96 -24.37 0.43
CA GLY B 66 -21.35 -25.52 1.23
C GLY B 66 -21.22 -25.35 2.73
N SER B 67 -21.81 -26.28 3.47
CA SER B 67 -21.71 -26.27 4.93
C SER B 67 -21.80 -27.68 5.50
N GLY B 68 -21.77 -27.81 6.83
CA GLY B 68 -21.85 -29.12 7.45
C GLY B 68 -20.68 -30.01 7.08
N THR B 69 -20.99 -31.15 6.49
CA THR B 69 -19.98 -32.09 5.99
C THR B 69 -19.68 -31.91 4.48
N GLU B 70 -20.34 -30.95 3.85
CA GLU B 70 -20.39 -30.87 2.38
C GLU B 70 -19.89 -29.53 1.82
N PHE B 71 -18.76 -29.56 1.11
CA PHE B 71 -18.17 -28.34 0.57
C PHE B 71 -17.74 -28.48 -0.89
N THR B 72 -17.72 -27.34 -1.60
CA THR B 72 -17.31 -27.29 -3.00
C THR B 72 -16.62 -25.97 -3.35
N LEU B 73 -15.49 -26.06 -4.03
CA LEU B 73 -14.74 -24.89 -4.47
C LEU B 73 -14.84 -24.74 -5.98
N THR B 74 -15.23 -23.55 -6.42
CA THR B 74 -15.48 -23.30 -7.82
C THR B 74 -14.49 -22.33 -8.45
N VAL B 75 -13.85 -22.76 -9.53
CA VAL B 75 -13.00 -21.89 -10.32
C VAL B 75 -13.65 -21.67 -11.70
N SER B 76 -14.40 -20.58 -11.84
CA SER B 76 -15.23 -20.32 -13.02
C SER B 76 -14.49 -20.08 -14.34
N ARG B 77 -13.56 -19.13 -14.35
CA ARG B 77 -12.83 -18.79 -15.57
C ARG B 77 -11.37 -19.17 -15.42
N LEU B 78 -11.02 -20.36 -15.87
CA LEU B 78 -9.68 -20.91 -15.66
C LEU B 78 -8.60 -20.21 -16.49
N GLU B 79 -7.47 -19.98 -15.83
CA GLU B 79 -6.30 -19.40 -16.44
C GLU B 79 -5.11 -20.29 -16.14
N PRO B 80 -4.16 -20.38 -17.08
CA PRO B 80 -2.99 -21.24 -16.95
C PRO B 80 -2.29 -21.10 -15.59
N GLU B 81 -2.48 -19.97 -14.92
CA GLU B 81 -1.90 -19.73 -13.61
C GLU B 81 -2.49 -20.65 -12.55
N ASP B 82 -3.69 -21.17 -12.82
CA ASP B 82 -4.43 -22.00 -11.88
C ASP B 82 -3.90 -23.43 -11.81
N SER B 83 -2.80 -23.70 -12.51
CA SER B 83 -2.18 -25.01 -12.46
C SER B 83 -1.55 -25.19 -11.09
N ALA B 84 -2.29 -25.80 -10.18
CA ALA B 84 -1.83 -25.95 -8.81
C ALA B 84 -2.58 -27.07 -8.12
N VAL B 85 -2.13 -27.46 -6.93
CA VAL B 85 -2.86 -28.43 -6.13
C VAL B 85 -3.63 -27.72 -5.01
N TYR B 86 -4.94 -27.92 -4.95
CA TYR B 86 -5.76 -27.20 -3.98
C TYR B 86 -6.07 -28.08 -2.76
N PHE B 87 -6.01 -27.49 -1.58
CA PHE B 87 -6.27 -28.23 -0.33
C PHE B 87 -7.42 -27.61 0.45
N CYS B 88 -8.10 -28.43 1.24
CA CYS B 88 -9.10 -27.95 2.18
C CYS B 88 -8.63 -28.28 3.58
N GLN B 89 -8.91 -27.39 4.52
CA GLN B 89 -8.46 -27.53 5.90
C GLN B 89 -9.51 -27.01 6.87
N GLN B 90 -9.81 -27.81 7.90
CA GLN B 90 -10.85 -27.46 8.86
C GLN B 90 -10.23 -26.92 10.17
N TYR B 91 -10.90 -25.93 10.77
CA TYR B 91 -10.49 -25.35 12.04
C TYR B 91 -11.68 -25.31 13.01
N TYR B 92 -12.12 -26.50 13.40
CA TYR B 92 -13.30 -26.68 14.25
C TYR B 92 -12.98 -27.61 15.40
N ARG B 93 -12.77 -28.88 15.06
CA ARG B 93 -12.46 -29.93 16.02
C ARG B 93 -11.04 -29.83 16.56
N SER B 94 -10.79 -30.50 17.68
CA SER B 94 -9.52 -30.42 18.40
C SER B 94 -8.27 -30.67 17.52
N PRO B 95 -8.26 -31.78 16.73
CA PRO B 95 -7.10 -31.93 15.83
C PRO B 95 -7.32 -31.25 14.48
N LEU B 96 -6.39 -30.37 14.09
CA LEU B 96 -6.47 -29.71 12.78
C LEU B 96 -6.10 -30.68 11.66
N THR B 97 -6.99 -30.79 10.68
CA THR B 97 -6.79 -31.74 9.59
C THR B 97 -6.88 -31.08 8.23
N PHE B 98 -6.05 -31.55 7.30
CA PHE B 98 -6.09 -31.10 5.91
C PHE B 98 -6.73 -32.15 5.00
N GLY B 99 -7.21 -31.72 3.84
CA GLY B 99 -7.73 -32.67 2.86
C GLY B 99 -6.56 -33.32 2.14
N GLY B 100 -6.86 -34.36 1.36
CA GLY B 100 -5.86 -35.08 0.60
C GLY B 100 -5.19 -34.20 -0.45
N GLY B 101 -5.98 -33.35 -1.08
CA GLY B 101 -5.46 -32.43 -2.07
C GLY B 101 -5.83 -32.80 -3.50
N THR B 102 -6.33 -31.83 -4.25
CA THR B 102 -6.67 -32.08 -5.65
C THR B 102 -5.71 -31.36 -6.61
N LYS B 103 -5.01 -32.14 -7.43
CA LYS B 103 -4.11 -31.58 -8.44
C LYS B 103 -4.91 -31.17 -9.65
N VAL B 104 -4.76 -29.91 -10.05
CA VAL B 104 -5.47 -29.36 -11.20
C VAL B 104 -4.55 -29.15 -12.40
N GLU B 105 -4.93 -29.76 -13.53
CA GLU B 105 -4.18 -29.64 -14.77
C GLU B 105 -4.97 -28.81 -15.79
N ILE B 106 -4.34 -27.78 -16.32
CA ILE B 106 -4.94 -26.97 -17.37
C ILE B 106 -4.68 -27.62 -18.72
N LYS B 107 -5.76 -27.89 -19.47
CA LYS B 107 -5.63 -28.49 -20.80
C LYS B 107 -5.28 -27.44 -21.86
N ARG B 108 -4.48 -27.83 -22.85
CA ARG B 108 -4.12 -26.91 -23.92
C ARG B 108 -3.94 -27.65 -25.24
N THR B 109 -3.65 -26.91 -26.31
CA THR B 109 -3.43 -27.54 -27.60
C THR B 109 -2.22 -28.44 -27.52
N VAL B 110 -2.27 -29.55 -28.23
CA VAL B 110 -1.15 -30.49 -28.23
C VAL B 110 0.09 -29.83 -28.82
N ALA B 111 1.19 -29.87 -28.07
CA ALA B 111 2.43 -29.24 -28.49
C ALA B 111 3.56 -30.26 -28.55
N ALA B 112 4.35 -30.18 -29.60
CA ALA B 112 5.48 -31.07 -29.81
C ALA B 112 6.72 -30.66 -28.99
N PRO B 113 7.42 -31.66 -28.42
CA PRO B 113 8.62 -31.41 -27.63
C PRO B 113 9.84 -30.99 -28.46
N SER B 114 10.48 -29.88 -28.07
CA SER B 114 11.74 -29.50 -28.69
C SER B 114 12.84 -30.35 -28.06
N VAL B 115 13.42 -31.27 -28.83
CA VAL B 115 14.38 -32.21 -28.27
C VAL B 115 15.84 -31.76 -28.45
N PHE B 116 16.64 -31.87 -27.39
CA PHE B 116 18.08 -31.55 -27.41
C PHE B 116 18.88 -32.71 -26.78
N ILE B 117 20.18 -32.76 -27.05
CA ILE B 117 21.06 -33.77 -26.46
C ILE B 117 22.39 -33.16 -26.04
N PHE B 118 22.92 -33.61 -24.91
CA PHE B 118 24.14 -33.05 -24.34
C PHE B 118 25.16 -34.12 -24.02
N PRO B 119 26.35 -33.99 -24.62
CA PRO B 119 27.48 -34.87 -24.34
C PRO B 119 28.02 -34.61 -22.95
N PRO B 120 28.71 -35.59 -22.37
CA PRO B 120 29.33 -35.35 -21.06
C PRO B 120 30.50 -34.38 -21.19
N SER B 121 30.70 -33.53 -20.19
CA SER B 121 31.79 -32.58 -20.21
C SER B 121 33.09 -33.33 -20.07
N ASP B 122 34.18 -32.73 -20.54
CA ASP B 122 35.49 -33.37 -20.40
C ASP B 122 35.91 -33.35 -18.94
N GLU B 123 35.33 -32.43 -18.18
CA GLU B 123 35.62 -32.32 -16.76
C GLU B 123 35.06 -33.51 -15.99
N GLN B 124 33.89 -33.98 -16.39
CA GLN B 124 33.26 -35.10 -15.69
C GLN B 124 34.02 -36.38 -16.00
N LEU B 125 34.55 -36.47 -17.22
CA LEU B 125 35.21 -37.69 -17.65
C LEU B 125 36.51 -37.97 -16.89
N LYS B 126 37.14 -36.93 -16.35
CA LYS B 126 38.38 -37.14 -15.60
C LYS B 126 38.10 -37.80 -14.25
N SER B 127 36.83 -37.79 -13.83
CA SER B 127 36.45 -38.46 -12.58
C SER B 127 36.24 -39.95 -12.84
N GLY B 128 35.81 -40.27 -14.06
CA GLY B 128 35.62 -41.66 -14.48
C GLY B 128 34.20 -42.04 -14.81
N THR B 129 33.31 -41.06 -14.78
CA THR B 129 31.90 -41.32 -15.07
C THR B 129 31.42 -40.48 -16.25
N ALA B 130 30.38 -40.96 -16.92
CA ALA B 130 29.85 -40.28 -18.10
C ALA B 130 28.33 -40.26 -18.04
N SER B 131 27.77 -39.06 -18.16
CA SER B 131 26.33 -38.88 -18.14
C SER B 131 25.91 -38.05 -19.33
N VAL B 132 25.04 -38.65 -20.14
CA VAL B 132 24.51 -38.01 -21.33
C VAL B 132 23.10 -37.52 -21.05
N VAL B 133 22.77 -36.31 -21.50
CA VAL B 133 21.47 -35.74 -21.12
C VAL B 133 20.56 -35.40 -22.29
N CYS B 134 19.42 -36.07 -22.37
CA CYS B 134 18.42 -35.71 -23.37
C CYS B 134 17.35 -34.80 -22.79
N LEU B 135 17.02 -33.71 -23.50
CA LEU B 135 16.05 -32.74 -23.00
C LEU B 135 14.83 -32.66 -23.91
N LEU B 136 13.67 -32.99 -23.35
CA LEU B 136 12.39 -32.78 -24.04
C LEU B 136 11.79 -31.51 -23.49
N ASN B 137 11.70 -30.49 -24.32
CA ASN B 137 11.35 -29.18 -23.83
C ASN B 137 10.00 -28.66 -24.28
N ASN B 138 9.20 -28.18 -23.32
CA ASN B 138 7.94 -27.48 -23.58
C ASN B 138 6.89 -28.23 -24.41
N PHE B 139 6.48 -29.42 -23.94
CA PHE B 139 5.55 -30.25 -24.71
C PHE B 139 4.24 -30.45 -23.96
N TYR B 140 3.22 -30.94 -24.66
CA TYR B 140 1.92 -31.28 -24.07
C TYR B 140 1.16 -32.25 -24.97
N PRO B 141 0.53 -33.27 -24.36
CA PRO B 141 0.43 -33.58 -22.93
C PRO B 141 1.67 -34.21 -22.34
N ARG B 142 1.58 -34.60 -21.08
CA ARG B 142 2.71 -35.12 -20.31
C ARG B 142 3.31 -36.43 -20.83
N GLU B 143 2.46 -37.29 -21.39
CA GLU B 143 2.89 -38.62 -21.81
C GLU B 143 3.90 -38.55 -22.96
N ALA B 144 5.11 -39.02 -22.69
CA ALA B 144 6.14 -39.01 -23.71
C ALA B 144 7.16 -40.11 -23.45
N LYS B 145 7.65 -40.70 -24.52
CA LYS B 145 8.62 -41.79 -24.42
C LYS B 145 10.02 -41.37 -24.87
N VAL B 146 11.03 -41.87 -24.17
CA VAL B 146 12.42 -41.59 -24.50
C VAL B 146 13.21 -42.87 -24.60
N GLN B 147 13.90 -43.07 -25.71
CA GLN B 147 14.70 -44.27 -25.88
C GLN B 147 16.15 -43.93 -26.16
N TRP B 148 17.05 -44.45 -25.34
CA TRP B 148 18.49 -44.24 -25.55
C TRP B 148 19.10 -45.33 -26.44
N LYS B 149 19.66 -44.91 -27.58
CA LYS B 149 20.35 -45.81 -28.50
C LYS B 149 21.84 -45.53 -28.50
N VAL B 150 22.64 -46.57 -28.39
CA VAL B 150 24.08 -46.44 -28.44
C VAL B 150 24.64 -47.32 -29.57
N ASP B 151 25.16 -46.67 -30.62
CA ASP B 151 25.50 -47.36 -31.86
C ASP B 151 24.29 -48.15 -32.36
N ASN B 152 23.14 -47.49 -32.31
CA ASN B 152 21.85 -48.05 -32.71
C ASN B 152 21.38 -49.22 -31.84
N ALA B 153 22.05 -49.45 -30.72
CA ALA B 153 21.63 -50.49 -29.78
C ALA B 153 20.78 -49.90 -28.64
N LEU B 154 19.56 -50.39 -28.52
CA LEU B 154 18.65 -49.91 -27.49
C LEU B 154 19.20 -50.16 -26.08
N GLN B 155 19.09 -49.16 -25.20
CA GLN B 155 19.55 -49.27 -23.82
C GLN B 155 18.39 -49.52 -22.87
N SER B 156 18.71 -50.11 -21.71
CA SER B 156 17.72 -50.39 -20.65
C SER B 156 18.40 -50.47 -19.28
N GLY B 157 17.72 -49.91 -18.28
CA GLY B 157 18.20 -49.96 -16.91
C GLY B 157 19.39 -49.08 -16.61
N ASN B 158 19.67 -48.14 -17.50
CA ASN B 158 20.79 -47.23 -17.32
C ASN B 158 20.40 -45.76 -17.49
N SER B 159 19.10 -45.49 -17.55
CA SER B 159 18.61 -44.12 -17.69
C SER B 159 17.57 -43.74 -16.62
N GLN B 160 17.67 -42.51 -16.13
CA GLN B 160 16.69 -41.98 -15.18
C GLN B 160 16.12 -40.67 -15.68
N GLU B 161 14.79 -40.58 -15.78
CA GLU B 161 14.20 -39.35 -16.28
C GLU B 161 13.45 -38.53 -15.22
N SER B 162 13.39 -37.22 -15.44
CA SER B 162 12.72 -36.31 -14.52
C SER B 162 11.82 -35.35 -15.29
N VAL B 163 10.59 -35.19 -14.83
CA VAL B 163 9.61 -34.35 -15.51
C VAL B 163 9.11 -33.19 -14.65
N THR B 164 9.07 -32.00 -15.23
CA THR B 164 8.62 -30.81 -14.50
C THR B 164 7.12 -30.79 -14.27
N GLU B 165 6.70 -30.02 -13.27
CA GLU B 165 5.28 -29.79 -13.05
C GLU B 165 4.81 -28.85 -14.17
N GLN B 166 3.50 -28.77 -14.38
CA GLN B 166 2.97 -27.98 -15.48
C GLN B 166 3.40 -26.53 -15.33
N ASP B 167 3.84 -25.92 -16.43
CA ASP B 167 4.31 -24.54 -16.36
C ASP B 167 3.13 -23.61 -16.09
N SER B 168 3.36 -22.60 -15.25
CA SER B 168 2.31 -21.65 -14.91
C SER B 168 1.78 -20.83 -16.09
N LYS B 169 2.66 -20.44 -17.01
CA LYS B 169 2.27 -19.55 -18.10
C LYS B 169 1.85 -20.24 -19.40
N ASP B 170 2.63 -21.21 -19.90
CA ASP B 170 2.28 -21.83 -21.19
C ASP B 170 1.73 -23.26 -21.10
N SER B 171 1.51 -23.74 -19.88
CA SER B 171 0.89 -25.05 -19.63
C SER B 171 1.59 -26.24 -20.28
N THR B 172 2.93 -26.24 -20.26
CA THR B 172 3.71 -27.30 -20.90
C THR B 172 4.57 -28.05 -19.90
N TYR B 173 4.97 -29.26 -20.26
CA TYR B 173 5.83 -30.05 -19.41
C TYR B 173 7.19 -30.20 -20.09
N SER B 174 8.25 -30.36 -19.31
CA SER B 174 9.57 -30.63 -19.86
C SER B 174 10.17 -31.86 -19.22
N LEU B 175 10.87 -32.67 -20.02
CA LEU B 175 11.41 -33.92 -19.53
C LEU B 175 12.92 -33.98 -19.76
N SER B 176 13.64 -34.61 -18.83
CA SER B 176 15.08 -34.75 -18.94
C SER B 176 15.51 -36.17 -18.61
N SER B 177 15.94 -36.92 -19.62
CA SER B 177 16.41 -38.27 -19.40
C SER B 177 17.93 -38.29 -19.29
N THR B 178 18.46 -39.05 -18.35
CA THR B 178 19.91 -39.07 -18.13
C THR B 178 20.45 -40.49 -18.23
N LEU B 179 21.30 -40.70 -19.23
CA LEU B 179 21.95 -41.98 -19.48
C LEU B 179 23.31 -42.01 -18.80
N THR B 180 23.45 -42.88 -17.81
CA THR B 180 24.66 -42.95 -17.01
C THR B 180 25.45 -44.21 -17.28
N LEU B 181 26.71 -44.04 -17.63
CA LEU B 181 27.60 -45.18 -17.82
C LEU B 181 29.07 -44.83 -17.62
N SER B 182 29.90 -45.86 -17.45
CA SER B 182 31.32 -45.66 -17.14
C SER B 182 32.10 -44.98 -18.24
N LYS B 183 33.25 -44.42 -17.88
CA LYS B 183 34.12 -43.77 -18.86
C LYS B 183 34.59 -44.77 -19.91
N ALA B 184 34.89 -45.98 -19.44
CA ALA B 184 35.36 -47.03 -20.33
C ALA B 184 34.28 -47.39 -21.34
N ASP B 185 33.08 -47.64 -20.84
CA ASP B 185 31.96 -47.97 -21.72
C ASP B 185 31.70 -46.81 -22.67
N TYR B 186 31.94 -45.59 -22.20
CA TYR B 186 31.67 -44.41 -23.01
C TYR B 186 32.64 -44.30 -24.17
N GLU B 187 33.89 -44.67 -23.95
CA GLU B 187 34.90 -44.54 -25.01
C GLU B 187 35.01 -45.78 -25.89
N LYS B 188 33.94 -46.58 -25.90
CA LYS B 188 33.86 -47.76 -26.75
C LYS B 188 32.77 -47.61 -27.81
N HIS B 189 32.08 -46.48 -27.81
CA HIS B 189 31.02 -46.25 -28.78
C HIS B 189 31.12 -44.85 -29.37
N LYS B 190 30.68 -44.70 -30.61
CA LYS B 190 30.83 -43.43 -31.31
C LYS B 190 29.57 -42.58 -31.25
N VAL B 191 28.44 -43.18 -31.57
CA VAL B 191 27.22 -42.40 -31.72
C VAL B 191 26.23 -42.65 -30.59
N TYR B 192 25.80 -41.56 -29.97
CA TYR B 192 24.83 -41.62 -28.89
C TYR B 192 23.58 -40.88 -29.32
N ALA B 193 22.45 -41.59 -29.29
CA ALA B 193 21.20 -41.07 -29.82
C ALA B 193 20.06 -41.14 -28.81
N CYS B 194 19.16 -40.17 -28.90
CA CYS B 194 17.95 -40.08 -28.08
C CYS B 194 16.73 -40.01 -28.99
N GLU B 195 15.91 -41.07 -28.95
CA GLU B 195 14.72 -41.17 -29.80
C GLU B 195 13.44 -40.91 -29.02
N VAL B 196 12.71 -39.89 -29.44
CA VAL B 196 11.58 -39.39 -28.68
C VAL B 196 10.24 -39.66 -29.33
N THR B 197 9.28 -40.14 -28.53
CA THR B 197 7.94 -40.38 -29.04
C THR B 197 6.90 -39.54 -28.30
N HIS B 198 6.06 -38.84 -29.07
CA HIS B 198 5.03 -37.96 -28.53
C HIS B 198 3.85 -37.85 -29.51
N GLN B 199 2.68 -37.53 -29.00
CA GLN B 199 1.47 -37.41 -29.82
C GLN B 199 1.58 -36.32 -30.88
N GLY B 200 2.24 -35.22 -30.54
CA GLY B 200 2.41 -34.10 -31.45
C GLY B 200 3.44 -34.38 -32.54
N LEU B 201 4.11 -35.52 -32.44
CA LEU B 201 5.10 -35.92 -33.45
C LEU B 201 4.57 -37.08 -34.27
N SER B 202 4.47 -36.90 -35.58
CA SER B 202 4.01 -37.96 -36.46
C SER B 202 5.10 -39.03 -36.62
N SER B 203 6.33 -38.66 -36.28
CA SER B 203 7.47 -39.56 -36.40
C SER B 203 8.44 -39.38 -35.22
N PRO B 204 8.99 -40.49 -34.72
CA PRO B 204 9.95 -40.47 -33.62
C PRO B 204 11.20 -39.69 -33.98
N VAL B 205 11.43 -38.58 -33.25
CA VAL B 205 12.58 -37.73 -33.52
C VAL B 205 13.81 -38.23 -32.77
N THR B 206 14.93 -38.29 -33.49
CA THR B 206 16.18 -38.79 -32.93
C THR B 206 17.30 -37.75 -32.95
N LYS B 207 17.72 -37.32 -31.76
CA LYS B 207 18.82 -36.37 -31.64
C LYS B 207 20.09 -37.11 -31.25
N SER B 208 21.14 -36.98 -32.06
CA SER B 208 22.35 -37.76 -31.81
C SER B 208 23.64 -36.94 -31.79
N PHE B 209 24.73 -37.58 -31.40
CA PHE B 209 26.06 -36.97 -31.52
C PHE B 209 27.16 -38.01 -31.59
N ASN B 210 28.29 -37.61 -32.16
CA ASN B 210 29.46 -38.47 -32.19
C ASN B 210 30.39 -38.08 -31.07
N ARG B 211 30.91 -39.08 -30.37
CA ARG B 211 31.80 -38.86 -29.24
C ARG B 211 33.05 -38.09 -29.66
N GLY B 212 33.19 -36.86 -29.17
CA GLY B 212 34.30 -36.00 -29.50
C GLY B 212 34.18 -35.33 -30.87
N GLU B 213 33.08 -34.60 -31.08
CA GLU B 213 32.83 -33.92 -32.34
C GLU B 213 31.78 -32.81 -32.21
N HIS C 10 21.64 18.18 -30.27
CA HIS C 10 21.17 16.81 -30.21
C HIS C 10 19.77 16.74 -29.57
N ILE C 11 19.70 17.04 -28.28
CA ILE C 11 18.46 16.84 -27.52
C ILE C 11 17.31 17.69 -28.07
N ASN C 12 17.59 18.95 -28.41
CA ASN C 12 16.58 19.85 -28.94
C ASN C 12 16.01 19.39 -30.28
N SER C 13 16.81 18.70 -31.07
CA SER C 13 16.43 18.36 -32.45
C SER C 13 15.35 17.26 -32.47
N THR C 14 14.85 16.89 -31.30
CA THR C 14 13.83 15.85 -31.16
C THR C 14 12.44 16.37 -31.46
N ALA C 15 11.71 15.71 -32.35
CA ALA C 15 10.32 16.12 -32.61
C ALA C 15 9.42 15.89 -31.41
N LEU C 16 8.79 16.92 -30.86
CA LEU C 16 7.99 16.73 -29.67
C LEU C 16 6.60 17.32 -29.85
N ASN C 17 5.86 16.82 -30.84
CA ASN C 17 4.51 17.30 -31.03
C ASN C 17 3.62 16.16 -30.59
N CYS C 18 3.33 16.10 -29.29
CA CYS C 18 2.69 14.94 -28.67
C CYS C 18 1.33 15.36 -28.12
N ASN C 19 0.28 14.61 -28.43
CA ASN C 19 -1.07 15.04 -28.03
C ASN C 19 -2.10 13.98 -27.62
N GLU C 20 -3.01 14.45 -26.76
CA GLU C 20 -4.19 13.71 -26.28
C GLU C 20 -3.91 12.38 -25.61
N SER C 21 -3.00 12.41 -24.66
CA SER C 21 -2.63 11.22 -23.89
C SER C 21 -3.64 10.84 -22.80
N LEU C 22 -4.78 11.50 -22.75
CA LEU C 22 -5.69 11.36 -21.62
C LEU C 22 -6.17 9.93 -21.47
N ASN C 23 -6.42 9.28 -22.60
CA ASN C 23 -7.01 7.94 -22.63
C ASN C 23 -6.21 6.79 -22.00
N THR C 24 -4.91 6.71 -22.25
CA THR C 24 -4.15 5.59 -21.68
C THR C 24 -2.93 6.06 -20.92
N GLY C 25 -2.69 7.38 -20.94
CA GLY C 25 -1.46 7.90 -20.37
C GLY C 25 -0.25 7.27 -21.05
N TRP C 26 -0.35 7.12 -22.37
CA TRP C 26 0.77 6.63 -23.18
C TRP C 26 1.94 7.58 -23.14
N LEU C 27 1.66 8.89 -23.04
CA LEU C 27 2.71 9.90 -23.10
C LEU C 27 3.79 9.67 -22.04
N ALA C 28 3.38 9.14 -20.88
CA ALA C 28 4.28 8.88 -19.76
C ALA C 28 5.52 8.13 -20.24
N GLY C 29 5.29 7.25 -21.21
CA GLY C 29 6.26 6.30 -21.69
C GLY C 29 7.51 7.01 -22.20
N LEU C 30 7.33 8.24 -22.67
CA LEU C 30 8.45 9.03 -23.14
C LEU C 30 9.47 9.33 -22.03
N PHE C 31 8.99 9.74 -20.86
CA PHE C 31 9.81 9.90 -19.66
C PHE C 31 10.25 8.63 -18.89
N TYR C 32 9.33 7.70 -18.71
CA TYR C 32 9.55 6.51 -17.86
C TYR C 32 8.48 5.47 -18.17
N GLN C 33 8.57 4.29 -17.54
CA GLN C 33 7.60 3.23 -17.83
C GLN C 33 6.18 3.75 -17.59
N HIS C 34 5.31 3.57 -18.58
CA HIS C 34 3.93 4.10 -18.52
C HIS C 34 2.92 3.02 -18.18
N LYS C 35 1.77 3.42 -17.64
CA LYS C 35 0.78 2.46 -17.19
C LYS C 35 0.22 1.82 -18.45
N PHE C 36 0.60 0.57 -18.68
CA PHE C 36 0.25 -0.09 -19.92
C PHE C 36 -1.10 -0.80 -19.77
N ASP C 37 -1.99 -0.61 -20.73
CA ASP C 37 -3.34 -1.17 -20.65
C ASP C 37 -3.33 -2.70 -20.72
N SER C 38 -2.52 -3.25 -21.64
CA SER C 38 -2.04 -4.64 -21.57
C SER C 38 -3.12 -5.68 -21.83
N SER C 39 -4.29 -5.23 -22.29
CA SER C 39 -5.42 -6.12 -22.50
C SER C 39 -5.70 -6.32 -23.98
N GLY C 40 -4.69 -6.03 -24.80
CA GLY C 40 -4.87 -5.85 -26.23
C GLY C 40 -3.83 -6.67 -26.97
N CYS C 41 -3.08 -7.45 -26.20
CA CYS C 41 -1.87 -8.09 -26.70
C CYS C 41 -2.07 -9.58 -26.95
N ARG C 59 5.20 1.60 -48.25
CA ARG C 59 6.10 0.58 -47.74
C ARG C 59 7.51 1.10 -47.43
N PRO C 60 8.12 1.86 -48.38
CA PRO C 60 9.46 2.30 -48.01
C PRO C 60 9.48 3.72 -47.49
N CYS C 61 10.60 4.10 -46.89
CA CYS C 61 10.79 5.46 -46.41
C CYS C 61 12.01 6.06 -47.07
N GLY C 62 11.93 7.35 -47.42
CA GLY C 62 10.75 8.18 -47.19
C GLY C 62 11.00 9.39 -46.31
N ILE C 63 10.32 10.49 -46.59
CA ILE C 63 10.44 11.69 -45.77
C ILE C 63 9.20 11.96 -44.93
N VAL C 64 9.41 12.09 -43.62
CA VAL C 64 8.29 12.22 -42.70
C VAL C 64 8.20 13.63 -42.10
N PRO C 65 7.01 14.25 -42.19
CA PRO C 65 6.88 15.56 -41.56
C PRO C 65 7.05 15.47 -40.03
N ALA C 66 7.84 16.37 -39.46
CA ALA C 66 8.17 16.35 -38.04
C ALA C 66 6.93 16.57 -37.18
N LYS C 67 5.96 17.31 -37.73
CA LYS C 67 4.78 17.74 -37.00
C LYS C 67 4.01 16.58 -36.41
N SER C 68 4.06 15.44 -37.10
CA SER C 68 3.31 14.25 -36.73
C SER C 68 4.06 13.34 -35.76
N VAL C 69 5.24 13.77 -35.34
CA VAL C 69 6.15 12.93 -34.54
C VAL C 69 6.38 13.36 -33.09
N CYS C 70 6.18 12.43 -32.17
CA CYS C 70 6.71 12.54 -30.82
C CYS C 70 7.17 11.16 -30.35
N GLY C 71 8.40 11.04 -29.87
CA GLY C 71 9.43 12.04 -30.00
C GLY C 71 10.63 11.49 -30.81
N PRO C 72 11.54 10.73 -30.17
CA PRO C 72 12.73 10.21 -30.86
C PRO C 72 12.43 9.24 -32.01
N VAL C 73 13.09 9.41 -33.15
CA VAL C 73 12.90 8.54 -34.31
C VAL C 73 14.07 7.55 -34.45
N TYR C 74 13.77 6.25 -34.53
CA TYR C 74 14.81 5.22 -34.54
C TYR C 74 14.94 4.41 -35.84
N CYS C 75 16.16 4.26 -36.33
CA CYS C 75 16.43 3.42 -37.49
C CYS C 75 17.46 2.38 -37.16
N PHE C 76 17.31 1.17 -37.69
CA PHE C 76 18.16 0.07 -37.29
C PHE C 76 19.03 -0.40 -38.45
N THR C 77 20.32 -0.54 -38.20
CA THR C 77 21.33 -0.88 -39.22
C THR C 77 22.03 -2.28 -39.20
N PRO C 78 21.64 -3.22 -38.31
CA PRO C 78 20.46 -3.31 -37.47
C PRO C 78 20.66 -2.69 -36.09
N SER C 79 21.83 -2.08 -35.88
CA SER C 79 22.10 -1.37 -34.64
C SER C 79 21.15 -0.19 -34.49
N PRO C 80 20.67 0.08 -33.27
CA PRO C 80 19.76 1.21 -33.18
C PRO C 80 20.50 2.54 -33.39
N VAL C 81 19.87 3.44 -34.13
CA VAL C 81 20.41 4.77 -34.43
C VAL C 81 19.32 5.83 -34.32
N VAL C 82 19.70 7.05 -33.93
CA VAL C 82 18.74 8.15 -33.76
C VAL C 82 18.86 9.14 -34.92
N VAL C 83 17.71 9.56 -35.45
CA VAL C 83 17.69 10.54 -36.52
C VAL C 83 17.03 11.84 -36.05
N GLY C 84 17.83 12.90 -35.92
CA GLY C 84 17.33 14.19 -35.48
C GLY C 84 16.55 14.92 -36.56
N THR C 85 15.87 15.99 -36.17
CA THR C 85 15.13 16.82 -37.11
C THR C 85 16.07 17.57 -38.03
N THR C 86 15.70 17.65 -39.29
CA THR C 86 16.44 18.45 -40.26
C THR C 86 15.46 19.10 -41.22
N ASP C 87 15.84 20.26 -41.75
CA ASP C 87 15.17 20.83 -42.89
C ASP C 87 15.68 20.08 -44.12
N ARG C 88 15.00 20.14 -45.25
CA ARG C 88 15.59 19.60 -46.48
C ARG C 88 16.79 20.46 -46.90
N SER C 89 17.86 19.86 -47.44
CA SER C 89 18.01 18.42 -47.65
C SER C 89 18.03 17.49 -46.41
N GLY C 90 18.72 17.83 -45.31
CA GLY C 90 19.43 19.08 -45.12
C GLY C 90 20.10 19.16 -43.76
N ALA C 91 20.53 20.38 -43.41
CA ALA C 91 21.18 20.62 -42.14
C ALA C 91 20.24 20.40 -40.95
N PRO C 92 20.80 19.97 -39.82
CA PRO C 92 19.94 19.70 -38.68
C PRO C 92 19.24 20.95 -38.16
N THR C 93 18.00 20.79 -37.73
CA THR C 93 17.20 21.89 -37.23
C THR C 93 16.93 21.66 -35.73
N TYR C 94 17.02 22.72 -34.94
CA TYR C 94 17.06 22.61 -33.49
C TYR C 94 15.85 23.21 -32.75
N SER C 95 14.69 23.21 -33.40
CA SER C 95 13.50 23.88 -32.88
C SER C 95 12.43 22.91 -32.37
N TRP C 96 12.86 21.76 -31.84
CA TRP C 96 11.95 20.82 -31.18
C TRP C 96 10.87 20.24 -32.10
N GLY C 97 11.12 20.25 -33.40
CA GLY C 97 10.15 19.71 -34.35
C GLY C 97 9.00 20.66 -34.59
N ALA C 98 9.03 21.80 -33.90
CA ALA C 98 7.96 22.79 -33.99
C ALA C 98 7.81 23.48 -35.36
N ASN C 99 8.91 23.71 -36.07
CA ASN C 99 8.83 24.28 -37.43
C ASN C 99 8.17 23.30 -38.42
N ASP C 100 7.33 23.81 -39.32
CA ASP C 100 6.70 22.99 -40.34
C ASP C 100 7.67 22.54 -41.44
N THR C 101 8.76 23.28 -41.58
CA THR C 101 9.84 22.88 -42.49
C THR C 101 10.44 21.57 -42.02
N ASP C 102 10.51 21.38 -40.71
CA ASP C 102 11.22 20.24 -40.13
C ASP C 102 10.67 18.91 -40.61
N VAL C 103 11.58 17.99 -40.89
CA VAL C 103 11.22 16.67 -41.34
C VAL C 103 12.23 15.65 -40.86
N PHE C 104 11.97 14.40 -41.21
CA PHE C 104 12.89 13.30 -40.99
C PHE C 104 13.20 12.65 -42.32
N VAL C 105 14.47 12.78 -42.73
CA VAL C 105 14.97 12.21 -43.97
C VAL C 105 15.37 10.75 -43.74
N LEU C 106 14.44 9.85 -44.04
CA LEU C 106 14.65 8.44 -43.79
C LEU C 106 14.77 7.59 -45.07
N ASN C 107 15.02 8.22 -46.22
CA ASN C 107 15.20 7.51 -47.50
C ASN C 107 16.37 6.53 -47.48
N ASN C 108 16.11 5.28 -47.89
CA ASN C 108 17.13 4.24 -47.94
C ASN C 108 17.77 4.15 -49.33
N ASN C 115 23.29 2.45 -44.70
CA ASN C 115 22.00 3.03 -44.31
C ASN C 115 21.27 2.14 -43.28
N TRP C 116 19.96 1.98 -43.44
CA TRP C 116 19.17 1.19 -42.49
C TRP C 116 18.09 0.38 -43.17
N PHE C 117 17.66 -0.70 -42.53
CA PHE C 117 16.60 -1.55 -43.05
C PHE C 117 15.24 -0.88 -42.92
N GLY C 118 14.97 -0.34 -41.74
CA GLY C 118 13.69 0.30 -41.51
C GLY C 118 13.69 1.18 -40.27
N CYS C 119 12.64 1.97 -40.11
CA CYS C 119 12.55 2.90 -38.99
C CYS C 119 11.21 2.82 -38.26
N THR C 120 11.27 3.07 -36.95
CA THR C 120 10.09 3.14 -36.11
C THR C 120 10.07 4.45 -35.36
N TRP C 121 8.85 4.95 -35.14
CA TRP C 121 8.66 6.15 -34.33
C TRP C 121 7.21 6.22 -33.86
N MET C 122 6.86 7.19 -33.02
CA MET C 122 5.50 7.27 -32.49
C MET C 122 4.81 8.52 -33.01
N ASN C 123 3.67 8.38 -33.67
CA ASN C 123 3.01 9.58 -34.18
C ASN C 123 2.26 10.34 -33.06
N SER C 124 1.74 11.50 -33.41
CA SER C 124 1.23 12.47 -32.44
C SER C 124 0.09 11.94 -31.54
N THR C 125 -0.77 11.08 -32.08
CA THR C 125 -1.93 10.61 -31.34
C THR C 125 -1.58 9.34 -30.54
N GLY C 126 -0.33 8.90 -30.60
CA GLY C 126 0.11 7.74 -29.84
C GLY C 126 0.17 6.41 -30.57
N PHE C 127 0.10 6.43 -31.89
CA PHE C 127 0.21 5.22 -32.71
C PHE C 127 1.62 4.98 -33.22
N THR C 128 2.09 3.75 -33.06
CA THR C 128 3.43 3.37 -33.53
C THR C 128 3.44 3.28 -35.06
N LYS C 129 4.36 4.01 -35.67
CA LYS C 129 4.57 4.02 -37.11
C LYS C 129 5.89 3.33 -37.52
N VAL C 130 5.84 2.58 -38.61
CA VAL C 130 7.03 1.93 -39.17
C VAL C 130 7.17 2.20 -40.66
N CYS C 131 8.41 2.25 -41.12
CA CYS C 131 8.73 2.49 -42.52
C CYS C 131 9.85 1.52 -42.91
N GLY C 132 9.96 1.22 -44.20
CA GLY C 132 10.91 0.25 -44.71
C GLY C 132 10.68 -1.18 -44.28
N ALA C 133 11.73 -1.85 -43.81
CA ALA C 133 11.60 -3.25 -43.42
C ALA C 133 12.44 -3.56 -42.18
N PRO C 134 12.05 -4.58 -41.39
CA PRO C 134 12.86 -4.94 -40.22
C PRO C 134 14.17 -5.61 -40.64
N PRO C 135 15.17 -5.66 -39.74
CA PRO C 135 16.48 -6.22 -40.08
C PRO C 135 16.43 -7.72 -40.40
N CYS C 136 15.33 -8.37 -40.02
CA CYS C 136 15.16 -9.79 -40.30
C CYS C 136 15.05 -10.10 -41.80
N VAL C 137 14.92 -9.05 -42.62
CA VAL C 137 14.72 -9.15 -44.05
C VAL C 137 15.88 -9.92 -44.73
N ILE C 138 17.01 -10.04 -44.01
CA ILE C 138 18.18 -10.73 -44.54
C ILE C 138 17.83 -12.20 -44.81
N GLY C 139 17.07 -12.81 -43.90
CA GLY C 139 16.47 -14.10 -44.14
C GLY C 139 15.44 -13.90 -45.23
N GLY C 140 15.23 -14.90 -46.09
CA GLY C 140 14.43 -14.72 -47.28
C GLY C 140 13.01 -14.28 -47.03
N VAL C 141 12.53 -13.37 -47.88
CA VAL C 141 11.17 -12.85 -47.78
C VAL C 141 10.19 -13.86 -48.38
N GLY C 142 8.89 -13.60 -48.22
CA GLY C 142 7.87 -14.51 -48.70
C GLY C 142 7.83 -15.87 -48.03
N ASP C 143 8.05 -15.88 -46.71
CA ASP C 143 7.82 -17.07 -45.88
C ASP C 143 8.98 -18.07 -45.96
N ASN C 144 10.03 -17.73 -46.70
CA ASN C 144 11.27 -18.49 -46.61
C ASN C 144 11.77 -18.34 -45.19
N THR C 145 11.71 -17.10 -44.71
CA THR C 145 11.74 -16.76 -43.29
C THR C 145 12.90 -17.32 -42.45
N LEU C 146 14.13 -17.28 -42.95
CA LEU C 146 15.20 -17.78 -42.09
C LEU C 146 15.27 -16.94 -40.81
N LEU C 147 15.19 -15.63 -40.98
CA LEU C 147 15.31 -14.66 -39.90
C LEU C 147 13.96 -14.09 -39.47
N CYS C 148 13.05 -13.91 -40.42
CA CYS C 148 11.79 -13.24 -40.11
C CYS C 148 10.80 -14.14 -39.39
N PRO C 149 10.07 -13.56 -38.43
CA PRO C 149 9.18 -14.34 -37.56
C PRO C 149 8.03 -14.94 -38.35
N THR C 150 7.68 -16.19 -38.06
CA THR C 150 6.39 -16.69 -38.51
C THR C 150 5.31 -15.89 -37.82
N ASP C 151 4.32 -15.40 -38.57
CA ASP C 151 4.12 -15.71 -39.99
C ASP C 151 4.94 -14.86 -40.97
N CYS C 152 5.15 -13.57 -40.62
CA CYS C 152 5.78 -12.54 -41.47
C CYS C 152 6.58 -13.03 -42.68
N CYS C 164 3.88 -8.07 -42.33
CA CYS C 164 4.42 -8.47 -41.03
C CYS C 164 3.69 -7.80 -39.88
N GLY C 165 4.39 -7.62 -38.76
CA GLY C 165 3.80 -7.03 -37.58
C GLY C 165 4.77 -6.32 -36.67
N SER C 166 4.49 -5.05 -36.37
CA SER C 166 5.16 -4.27 -35.34
C SER C 166 6.68 -4.09 -35.53
N GLY C 167 7.45 -4.47 -34.51
CA GLY C 167 8.84 -4.05 -34.35
C GLY C 167 9.91 -4.54 -35.29
N PRO C 168 11.16 -4.11 -35.02
CA PRO C 168 12.29 -4.55 -35.84
C PRO C 168 12.86 -5.87 -35.35
N TRP C 169 12.42 -6.95 -35.99
CA TRP C 169 12.88 -8.27 -35.62
C TRP C 169 14.19 -8.60 -36.32
N ILE C 170 14.97 -9.45 -35.68
CA ILE C 170 16.25 -9.92 -36.21
C ILE C 170 16.28 -11.44 -36.16
N THR C 171 15.20 -11.99 -35.60
CA THR C 171 15.08 -13.39 -35.26
C THR C 171 13.60 -13.66 -35.08
N PRO C 172 13.13 -14.86 -35.45
CA PRO C 172 11.71 -15.20 -35.28
C PRO C 172 11.10 -14.76 -33.94
N ARG C 173 11.88 -14.81 -32.87
CA ARG C 173 11.38 -14.44 -31.55
C ARG C 173 12.11 -13.27 -30.87
N CYS C 174 12.91 -12.52 -31.63
CA CYS C 174 13.69 -11.43 -31.07
C CYS C 174 13.53 -10.10 -31.78
N MET C 175 13.60 -9.02 -31.00
CA MET C 175 13.61 -7.67 -31.53
C MET C 175 14.91 -7.01 -31.15
N VAL C 176 15.23 -5.91 -31.81
CA VAL C 176 16.38 -5.11 -31.40
C VAL C 176 16.02 -4.24 -30.19
N ASP C 177 16.84 -4.33 -29.15
CA ASP C 177 16.63 -3.52 -27.96
C ASP C 177 17.11 -2.10 -28.19
N TYR C 178 16.33 -1.13 -27.71
CA TYR C 178 16.72 0.26 -27.75
C TYR C 178 15.99 1.03 -26.67
N PRO C 179 16.45 2.32 -26.41
CA PRO C 179 15.85 2.94 -25.21
C PRO C 179 14.33 3.07 -25.25
N TYR C 180 13.74 3.36 -26.40
CA TYR C 180 12.30 3.59 -26.48
C TYR C 180 11.47 2.41 -26.95
N ARG C 181 12.06 1.22 -26.98
CA ARG C 181 11.36 0.04 -27.44
C ARG C 181 10.14 -0.24 -26.58
N LEU C 182 10.31 -0.11 -25.27
CA LEU C 182 9.20 -0.41 -24.37
C LEU C 182 8.05 0.56 -24.60
N TRP C 183 8.37 1.82 -24.80
CA TRP C 183 7.35 2.79 -25.14
C TRP C 183 6.74 2.50 -26.50
N HIS C 184 7.58 2.19 -27.47
CA HIS C 184 7.13 1.85 -28.82
C HIS C 184 6.35 0.56 -28.89
N TYR C 185 6.82 -0.44 -28.14
CA TYR C 185 6.20 -1.76 -28.17
C TYR C 185 5.89 -2.25 -26.77
N PRO C 186 4.67 -1.79 -26.25
CA PRO C 186 4.45 -2.15 -24.83
C PRO C 186 4.39 -3.64 -24.58
N CYS C 187 3.83 -4.37 -25.53
CA CYS C 187 3.52 -5.79 -25.36
C CYS C 187 4.78 -6.62 -25.17
N THR C 188 5.92 -6.03 -25.51
CA THR C 188 7.22 -6.69 -25.40
C THR C 188 7.84 -6.53 -24.02
N ILE C 189 7.12 -5.91 -23.10
CA ILE C 189 7.71 -5.48 -21.82
C ILE C 189 8.29 -6.64 -21.03
N ASN C 190 7.58 -7.76 -21.00
CA ASN C 190 8.09 -8.95 -20.32
C ASN C 190 9.28 -9.63 -21.03
N TYR C 191 9.62 -9.17 -22.24
CA TYR C 191 10.67 -9.82 -23.05
C TYR C 191 12.01 -9.77 -22.34
N THR C 192 12.83 -10.78 -22.59
CA THR C 192 14.12 -10.93 -21.92
C THR C 192 15.23 -10.43 -22.84
N ILE C 193 16.27 -9.84 -22.26
CA ILE C 193 17.32 -9.20 -23.02
C ILE C 193 18.63 -10.00 -23.06
N PHE C 194 19.11 -10.25 -24.28
CA PHE C 194 20.37 -10.97 -24.49
C PHE C 194 21.32 -10.12 -25.32
N LYS C 195 22.61 -10.18 -25.00
CA LYS C 195 23.62 -9.60 -25.87
C LYS C 195 23.77 -10.53 -27.07
N VAL C 196 23.78 -9.99 -28.28
CA VAL C 196 23.86 -10.83 -29.47
C VAL C 196 24.76 -10.22 -30.53
N ARG C 197 25.11 -11.05 -31.50
CA ARG C 197 25.88 -10.64 -32.67
C ARG C 197 25.09 -10.91 -33.93
N MET C 198 24.98 -9.90 -34.77
CA MET C 198 24.34 -10.03 -36.07
C MET C 198 25.29 -9.53 -37.15
N TYR C 199 25.46 -10.30 -38.23
CA TYR C 199 26.36 -9.87 -39.33
C TYR C 199 25.56 -9.31 -40.50
N VAL C 200 25.92 -8.10 -40.92
CA VAL C 200 25.32 -7.51 -42.11
C VAL C 200 26.41 -7.35 -43.14
N GLY C 201 26.19 -7.91 -44.33
CA GLY C 201 27.25 -8.01 -45.31
C GLY C 201 28.39 -8.69 -44.58
N GLY C 202 29.51 -8.00 -44.47
CA GLY C 202 30.63 -8.53 -43.71
C GLY C 202 30.78 -7.93 -42.32
N VAL C 203 30.24 -6.74 -42.09
CA VAL C 203 30.40 -6.09 -40.79
C VAL C 203 29.63 -6.84 -39.69
N GLU C 204 30.22 -6.82 -38.50
CA GLU C 204 29.63 -7.43 -37.32
C GLU C 204 29.04 -6.36 -36.39
N HIS C 205 27.80 -6.58 -35.98
CA HIS C 205 27.16 -5.71 -35.02
C HIS C 205 26.90 -6.46 -33.74
N ARG C 206 27.42 -5.90 -32.64
CA ARG C 206 27.13 -6.36 -31.31
C ARG C 206 25.97 -5.55 -30.77
N LEU C 207 24.78 -6.15 -30.75
CA LEU C 207 23.60 -5.40 -30.36
C LEU C 207 22.82 -6.11 -29.25
N GLU C 208 21.83 -5.40 -28.70
CA GLU C 208 20.99 -5.92 -27.62
C GLU C 208 19.67 -6.44 -28.17
N ALA C 209 19.24 -7.62 -27.74
CA ALA C 209 18.03 -8.23 -28.27
C ALA C 209 16.99 -8.53 -27.22
N ALA C 210 15.74 -8.21 -27.51
CA ALA C 210 14.62 -8.50 -26.62
C ALA C 210 13.84 -9.68 -27.16
N CYS C 211 13.96 -10.82 -26.47
CA CYS C 211 13.33 -12.05 -26.91
C CYS C 211 12.23 -12.49 -25.96
N ASN C 212 11.38 -13.39 -26.43
CA ASN C 212 10.28 -13.91 -25.62
C ASN C 212 10.78 -14.66 -24.39
N HIS D 10 -2.63 -15.51 37.30
CA HIS D 10 -3.69 -14.51 37.23
C HIS D 10 -3.99 -14.09 35.79
N ILE D 11 -3.64 -14.95 34.84
CA ILE D 11 -4.08 -14.79 33.46
C ILE D 11 -4.91 -16.01 33.07
N ASN D 12 -4.74 -17.08 33.84
CA ASN D 12 -5.48 -18.32 33.66
C ASN D 12 -6.96 -18.10 33.90
N SER D 13 -7.23 -17.21 34.84
CA SER D 13 -8.56 -16.92 35.35
C SER D 13 -9.47 -16.41 34.23
N THR D 14 -8.93 -15.59 33.33
CA THR D 14 -9.68 -15.07 32.18
C THR D 14 -10.55 -16.14 31.50
N ALA D 15 -11.82 -15.82 31.27
CA ALA D 15 -12.73 -16.74 30.56
C ALA D 15 -12.59 -16.55 29.06
N LEU D 16 -12.39 -17.62 28.30
CA LEU D 16 -12.10 -17.41 26.89
C LEU D 16 -12.91 -18.30 25.93
N ASN D 17 -14.21 -18.07 25.86
CA ASN D 17 -15.06 -18.80 24.93
C ASN D 17 -15.63 -17.93 23.81
N CYS D 18 -15.11 -18.07 22.59
CA CYS D 18 -15.61 -17.28 21.46
C CYS D 18 -16.12 -18.09 20.28
N ASN D 19 -17.34 -17.78 19.84
CA ASN D 19 -17.91 -18.27 18.60
C ASN D 19 -19.03 -17.29 18.21
N GLU D 20 -19.11 -16.83 16.96
CA GLU D 20 -18.23 -17.17 15.84
C GLU D 20 -17.83 -15.90 15.12
N SER D 21 -16.73 -15.94 14.37
CA SER D 21 -16.17 -14.72 13.82
C SER D 21 -16.27 -14.61 12.30
N LEU D 22 -17.16 -15.39 11.69
CA LEU D 22 -17.30 -15.36 10.24
C LEU D 22 -17.71 -13.96 9.82
N ASN D 23 -18.69 -13.42 10.53
CA ASN D 23 -19.33 -12.15 10.19
C ASN D 23 -18.47 -10.88 10.32
N THR D 24 -17.69 -10.75 11.39
CA THR D 24 -17.10 -9.43 11.67
C THR D 24 -15.63 -9.43 12.09
N GLY D 25 -15.11 -10.57 12.53
CA GLY D 25 -13.72 -10.61 12.97
C GLY D 25 -13.49 -9.66 14.14
N TRP D 26 -14.53 -9.47 14.95
CA TRP D 26 -14.46 -8.67 16.16
C TRP D 26 -13.54 -9.30 17.18
N LEU D 27 -13.34 -10.60 17.04
CA LEU D 27 -12.59 -11.42 17.99
C LEU D 27 -11.16 -10.87 18.04
N ALA D 28 -10.66 -10.39 16.89
CA ALA D 28 -9.29 -9.91 16.79
C ALA D 28 -9.07 -8.85 17.86
N GLY D 29 -10.11 -8.04 18.10
CA GLY D 29 -10.10 -6.99 19.09
C GLY D 29 -9.53 -7.38 20.45
N LEU D 30 -9.59 -8.68 20.72
CA LEU D 30 -9.01 -9.27 21.92
C LEU D 30 -7.49 -9.13 21.93
N PHE D 31 -6.88 -9.29 20.75
CA PHE D 31 -5.43 -9.21 20.61
C PHE D 31 -4.86 -7.86 20.16
N TYR D 32 -5.63 -7.16 19.34
CA TYR D 32 -5.21 -5.86 18.80
C TYR D 32 -6.40 -5.20 18.12
N GLN D 33 -6.20 -4.02 17.55
CA GLN D 33 -7.30 -3.28 16.93
C GLN D 33 -7.90 -4.09 15.77
N HIS D 34 -9.23 -4.07 15.68
CA HIS D 34 -9.95 -4.89 14.71
C HIS D 34 -10.70 -4.03 13.68
N LYS D 35 -10.71 -4.51 12.44
CA LYS D 35 -11.31 -3.76 11.34
C LYS D 35 -12.84 -3.81 11.40
N PHE D 36 -13.41 -3.18 12.41
CA PHE D 36 -14.86 -3.11 12.55
C PHE D 36 -15.47 -2.15 11.53
N ASP D 37 -16.70 -2.46 11.10
CA ASP D 37 -17.37 -1.68 10.07
C ASP D 37 -17.80 -0.30 10.58
N SER D 38 -17.50 0.72 9.79
CA SER D 38 -17.91 2.08 10.09
C SER D 38 -18.84 2.61 8.99
N SER D 39 -20.00 3.12 9.39
CA SER D 39 -20.33 3.23 10.81
C SER D 39 -21.75 2.76 11.12
N GLY D 40 -21.83 1.75 11.97
CA GLY D 40 -23.08 1.33 12.57
C GLY D 40 -23.37 2.27 13.72
N CYS D 41 -22.32 2.95 14.15
CA CYS D 41 -22.36 3.86 15.29
C CYS D 41 -23.20 5.10 14.99
N ARG D 59 -31.59 -3.19 36.93
CA ARG D 59 -30.62 -3.95 36.15
C ARG D 59 -29.42 -4.37 37.01
N PRO D 60 -29.67 -5.16 38.07
CA PRO D 60 -28.64 -5.51 39.07
C PRO D 60 -27.57 -6.48 38.55
N CYS D 61 -26.44 -6.50 39.26
CA CYS D 61 -25.29 -7.30 38.88
C CYS D 61 -25.16 -8.44 39.85
N GLY D 62 -25.35 -9.69 39.41
CA GLY D 62 -25.04 -10.80 40.30
C GLY D 62 -23.97 -11.84 39.98
N ILE D 63 -24.38 -12.89 39.30
CA ILE D 63 -23.42 -13.92 38.88
C ILE D 63 -23.55 -14.25 37.42
N VAL D 64 -22.42 -14.29 36.73
CA VAL D 64 -22.44 -14.63 35.31
C VAL D 64 -21.68 -15.92 35.05
N PRO D 65 -22.27 -16.84 34.28
CA PRO D 65 -21.57 -18.08 33.95
C PRO D 65 -20.45 -17.80 32.94
N ALA D 66 -19.32 -18.48 33.12
CA ALA D 66 -18.14 -18.24 32.31
C ALA D 66 -18.29 -18.79 30.88
N LYS D 67 -19.38 -19.50 30.64
CA LYS D 67 -19.64 -20.10 29.33
C LYS D 67 -19.88 -19.04 28.26
N SER D 68 -20.51 -17.94 28.64
CA SER D 68 -20.87 -16.89 27.68
C SER D 68 -19.92 -15.70 27.72
N VAL D 69 -18.73 -15.89 28.28
CA VAL D 69 -17.81 -14.76 28.45
C VAL D 69 -16.47 -14.88 27.73
N CYS D 70 -16.23 -13.93 26.85
CA CYS D 70 -14.94 -13.72 26.18
C CYS D 70 -14.58 -12.25 26.10
N GLY D 71 -13.48 -11.83 26.72
CA GLY D 71 -12.79 -12.62 27.71
C GLY D 71 -12.75 -11.95 29.07
N PRO D 72 -12.00 -10.84 29.19
CA PRO D 72 -11.90 -10.17 30.49
C PRO D 72 -13.17 -9.42 30.88
N VAL D 73 -13.51 -9.44 32.17
CA VAL D 73 -14.67 -8.71 32.69
C VAL D 73 -14.23 -7.49 33.50
N TYR D 74 -14.71 -6.31 33.12
CA TYR D 74 -14.29 -5.07 33.77
C TYR D 74 -15.36 -4.43 34.64
N CYS D 75 -15.08 -4.33 35.94
CA CYS D 75 -15.99 -3.67 36.86
C CYS D 75 -15.45 -2.32 37.32
N PHE D 76 -16.24 -1.29 37.58
CA PHE D 76 -15.60 -0.01 37.94
C PHE D 76 -15.72 0.55 39.37
N THR D 77 -14.60 0.89 40.00
CA THR D 77 -14.66 1.41 41.36
C THR D 77 -14.52 2.92 41.72
N PRO D 78 -14.63 3.83 40.76
CA PRO D 78 -14.90 3.50 39.36
C PRO D 78 -13.62 3.20 38.60
N SER D 79 -12.48 3.29 39.27
CA SER D 79 -11.22 3.01 38.62
C SER D 79 -11.46 1.61 38.10
N PRO D 80 -11.01 1.32 36.89
CA PRO D 80 -11.38 0.03 36.28
C PRO D 80 -10.68 -1.12 36.99
N VAL D 81 -11.39 -2.22 37.22
CA VAL D 81 -10.79 -3.34 37.91
C VAL D 81 -11.21 -4.63 37.22
N VAL D 82 -10.35 -5.64 37.29
CA VAL D 82 -10.58 -6.92 36.64
C VAL D 82 -11.04 -7.99 37.61
N VAL D 83 -12.15 -8.64 37.27
CA VAL D 83 -12.69 -9.73 38.07
C VAL D 83 -12.54 -11.05 37.33
N GLY D 84 -11.68 -11.92 37.84
CA GLY D 84 -11.41 -13.21 37.23
C GLY D 84 -12.40 -14.29 37.60
N THR D 85 -12.34 -15.43 36.92
CA THR D 85 -13.21 -16.56 37.24
C THR D 85 -12.97 -17.10 38.65
N THR D 86 -14.07 -17.49 39.28
CA THR D 86 -14.05 -18.13 40.59
C THR D 86 -15.19 -19.14 40.67
N ASP D 87 -15.04 -20.12 41.56
CA ASP D 87 -16.11 -21.07 41.79
C ASP D 87 -17.21 -20.31 42.51
N ARG D 88 -18.46 -20.72 42.32
CA ARG D 88 -19.56 -20.12 43.07
C ARG D 88 -19.83 -20.95 44.33
N SER D 89 -19.34 -20.51 45.49
CA SER D 89 -18.48 -19.34 45.66
C SER D 89 -17.41 -19.67 46.73
N GLY D 90 -16.33 -18.89 46.84
CA GLY D 90 -15.97 -17.85 45.89
C GLY D 90 -14.54 -17.95 45.39
N ALA D 91 -13.90 -19.10 45.62
CA ALA D 91 -12.46 -19.27 45.35
C ALA D 91 -12.12 -19.17 43.86
N PRO D 92 -10.96 -18.55 43.54
CA PRO D 92 -10.56 -18.37 42.15
C PRO D 92 -10.24 -19.66 41.39
N THR D 93 -10.62 -19.71 40.12
CA THR D 93 -10.34 -20.86 39.27
C THR D 93 -9.33 -20.49 38.17
N TYR D 94 -8.29 -21.31 38.02
CA TYR D 94 -7.22 -21.03 37.07
C TYR D 94 -7.39 -21.82 35.76
N SER D 95 -8.60 -22.33 35.56
CA SER D 95 -9.02 -22.84 34.26
C SER D 95 -9.51 -21.65 33.43
N TRP D 96 -9.55 -21.80 32.11
CA TRP D 96 -9.97 -20.69 31.25
C TRP D 96 -11.49 -20.59 31.10
N GLY D 97 -12.23 -21.34 31.91
CA GLY D 97 -13.68 -21.32 31.92
C GLY D 97 -14.50 -21.50 30.64
N ALA D 98 -14.36 -22.56 29.81
CA ALA D 98 -13.79 -23.88 30.10
C ALA D 98 -14.63 -24.49 31.21
N ASN D 99 -13.96 -24.81 32.32
CA ASN D 99 -14.51 -25.57 33.43
C ASN D 99 -15.92 -25.08 33.81
N ASP D 100 -16.85 -26.02 34.00
CA ASP D 100 -18.27 -25.67 34.17
C ASP D 100 -18.61 -24.82 35.40
N THR D 101 -17.92 -25.04 36.51
CA THR D 101 -18.20 -24.29 37.73
C THR D 101 -17.84 -22.83 37.63
N ASP D 102 -16.88 -22.52 36.75
CA ASP D 102 -16.35 -21.17 36.63
C ASP D 102 -17.43 -20.14 36.38
N VAL D 103 -17.43 -19.11 37.22
CA VAL D 103 -18.36 -17.99 37.09
C VAL D 103 -17.68 -16.70 37.52
N PHE D 104 -18.37 -15.60 37.26
CA PHE D 104 -17.93 -14.31 37.76
C PHE D 104 -18.95 -13.84 38.78
N VAL D 105 -18.49 -13.61 40.00
CA VAL D 105 -19.35 -13.09 41.05
C VAL D 105 -19.22 -11.58 41.11
N LEU D 106 -20.28 -10.89 40.74
CA LEU D 106 -20.27 -9.44 40.83
C LEU D 106 -21.04 -8.98 42.08
N ASN D 107 -22.35 -9.15 42.08
CA ASN D 107 -23.19 -9.09 43.29
C ASN D 107 -22.92 -7.84 44.13
N ASN D 108 -22.98 -6.66 43.51
CA ASN D 108 -22.35 -5.50 44.15
C ASN D 108 -23.30 -4.30 44.37
N THR D 109 -22.88 -3.44 45.30
CA THR D 109 -23.62 -2.27 45.76
C THR D 109 -22.75 -1.01 45.57
N ARG D 110 -23.39 0.13 45.26
CA ARG D 110 -22.65 1.34 44.90
C ARG D 110 -21.59 1.77 45.94
N PRO D 111 -20.48 2.36 45.45
CA PRO D 111 -19.22 2.63 46.17
C PRO D 111 -19.28 3.52 47.41
N PRO D 112 -20.33 4.35 47.55
CA PRO D 112 -20.60 4.72 48.94
C PRO D 112 -21.70 3.82 49.55
N LEU D 113 -21.38 2.70 50.19
CA LEU D 113 -20.06 2.08 50.19
C LEU D 113 -20.06 0.67 49.57
N GLY D 114 -19.28 0.49 48.51
CA GLY D 114 -19.18 -0.77 47.79
C GLY D 114 -17.91 -0.69 46.95
N ASN D 115 -17.44 -1.80 46.37
CA ASN D 115 -16.36 -1.68 45.38
C ASN D 115 -16.70 -1.13 43.98
N TRP D 116 -17.83 -1.48 43.40
CA TRP D 116 -18.13 -0.98 42.05
C TRP D 116 -19.58 -0.62 41.73
N PHE D 117 -19.74 0.26 40.74
CA PHE D 117 -21.04 0.72 40.27
C PHE D 117 -21.66 -0.26 39.28
N GLY D 118 -20.85 -0.73 38.33
CA GLY D 118 -21.35 -1.64 37.30
C GLY D 118 -20.26 -2.38 36.56
N CYS D 119 -20.66 -3.29 35.68
CA CYS D 119 -19.69 -4.09 34.93
C CYS D 119 -19.99 -4.21 33.45
N THR D 120 -18.92 -4.35 32.68
CA THR D 120 -19.05 -4.60 31.26
C THR D 120 -18.16 -5.79 30.83
N TRP D 121 -18.69 -6.59 29.90
CA TRP D 121 -17.96 -7.71 29.32
C TRP D 121 -18.54 -8.06 27.96
N MET D 122 -17.98 -9.07 27.29
CA MET D 122 -18.48 -9.47 25.97
C MET D 122 -19.13 -10.86 25.99
N ASN D 123 -20.38 -10.97 25.55
CA ASN D 123 -20.99 -12.29 25.36
C ASN D 123 -20.39 -12.99 24.15
N SER D 124 -20.29 -14.31 24.20
CA SER D 124 -19.48 -15.08 23.27
C SER D 124 -19.73 -14.81 21.77
N THR D 125 -20.98 -14.55 21.39
CA THR D 125 -21.28 -14.16 20.01
C THR D 125 -20.69 -12.81 19.60
N GLY D 126 -20.24 -12.02 20.58
CA GLY D 126 -19.70 -10.70 20.31
C GLY D 126 -20.58 -9.51 20.63
N PHE D 127 -21.73 -9.74 21.25
CA PHE D 127 -22.50 -8.66 21.87
C PHE D 127 -21.85 -8.20 23.19
N THR D 128 -21.95 -6.90 23.48
CA THR D 128 -21.43 -6.34 24.74
C THR D 128 -22.50 -6.29 25.84
N LYS D 129 -22.25 -7.02 26.92
CA LYS D 129 -23.17 -7.05 28.03
C LYS D 129 -22.76 -6.13 29.17
N VAL D 130 -23.69 -5.26 29.57
CA VAL D 130 -23.47 -4.32 30.66
C VAL D 130 -24.50 -4.54 31.76
N CYS D 131 -24.04 -4.54 33.00
CA CYS D 131 -24.95 -4.71 34.14
C CYS D 131 -24.66 -3.68 35.24
N GLY D 132 -25.65 -3.44 36.09
CA GLY D 132 -25.52 -2.48 37.17
C GLY D 132 -25.76 -1.06 36.69
N ALA D 133 -24.90 -0.13 37.11
CA ALA D 133 -25.04 1.27 36.72
C ALA D 133 -23.67 1.90 36.42
N PRO D 134 -23.65 2.91 35.54
CA PRO D 134 -22.42 3.64 35.23
C PRO D 134 -21.94 4.52 36.38
N PRO D 135 -20.63 4.75 36.49
CA PRO D 135 -20.05 5.57 37.57
C PRO D 135 -20.56 7.01 37.60
N CYS D 136 -21.14 7.49 36.50
CA CYS D 136 -21.70 8.84 36.46
C CYS D 136 -22.85 8.97 37.45
N VAL D 137 -23.50 7.84 37.74
CA VAL D 137 -24.87 7.78 38.25
C VAL D 137 -25.04 8.67 39.49
N ILE D 138 -23.91 9.12 40.06
CA ILE D 138 -23.85 9.79 41.37
C ILE D 138 -24.83 10.97 41.35
N GLY D 139 -25.02 11.54 40.17
CA GLY D 139 -26.04 12.55 39.96
C GLY D 139 -27.36 11.88 39.57
N GLY D 140 -28.40 12.07 40.37
CA GLY D 140 -28.31 12.85 41.59
C GLY D 140 -29.64 12.89 42.34
N THR D 145 -28.08 15.79 39.95
CA THR D 145 -28.12 15.10 38.68
C THR D 145 -27.07 15.66 37.71
N LEU D 146 -27.36 15.60 36.41
CA LEU D 146 -26.55 16.21 35.36
C LEU D 146 -25.13 15.64 35.21
N LEU D 147 -24.80 14.59 35.95
CA LEU D 147 -23.45 14.02 35.87
C LEU D 147 -23.43 12.88 34.85
N CYS D 148 -24.59 12.25 34.64
CA CYS D 148 -24.75 11.25 33.59
C CYS D 148 -25.02 11.93 32.24
N PRO D 149 -24.79 11.21 31.12
CA PRO D 149 -25.09 11.75 29.79
C PRO D 149 -26.48 12.37 29.67
N THR D 150 -26.63 13.30 28.73
CA THR D 150 -27.84 14.09 28.59
C THR D 150 -29.15 13.30 28.46
N ASP D 151 -29.15 12.26 27.61
CA ASP D 151 -30.34 11.44 27.46
C ASP D 151 -30.26 10.12 28.21
N CYS D 152 -30.81 10.13 29.43
CA CYS D 152 -30.86 8.98 30.32
C CYS D 152 -31.95 9.17 31.36
N CYS D 164 -29.19 4.20 29.57
CA CYS D 164 -27.95 4.14 28.78
C CYS D 164 -27.56 2.73 28.36
N GLY D 165 -27.63 2.51 27.06
CA GLY D 165 -27.25 1.24 26.44
C GLY D 165 -25.77 0.93 26.59
N SER D 166 -24.94 1.95 26.47
CA SER D 166 -23.50 1.74 26.33
C SER D 166 -22.62 2.44 27.37
N GLY D 167 -21.68 1.66 27.93
CA GLY D 167 -20.49 2.18 28.58
C GLY D 167 -20.50 2.66 30.01
N PRO D 168 -19.29 2.82 30.58
CA PRO D 168 -19.12 3.39 31.92
C PRO D 168 -18.87 4.88 31.89
N TRP D 169 -19.93 5.67 31.78
CA TRP D 169 -19.78 7.12 31.76
C TRP D 169 -19.47 7.64 33.17
N ILE D 170 -18.72 8.74 33.21
CA ILE D 170 -18.39 9.44 34.43
C ILE D 170 -18.70 10.91 34.23
N THR D 171 -19.21 11.20 33.05
CA THR D 171 -19.41 12.56 32.57
C THR D 171 -20.30 12.47 31.36
N PRO D 172 -21.18 13.44 31.17
CA PRO D 172 -22.02 13.41 29.96
C PRO D 172 -21.22 13.17 28.67
N ARG D 173 -19.95 13.55 28.66
CA ARG D 173 -19.12 13.44 27.47
C ARG D 173 -18.03 12.36 27.57
N CYS D 174 -17.75 11.90 28.78
CA CYS D 174 -16.60 11.01 28.99
C CYS D 174 -16.96 9.67 29.61
N MET D 175 -16.19 8.63 29.26
CA MET D 175 -16.32 7.34 29.93
C MET D 175 -14.95 6.93 30.41
N VAL D 176 -14.89 5.89 31.22
CA VAL D 176 -13.62 5.42 31.77
C VAL D 176 -12.72 4.74 30.72
N ASP D 177 -11.42 4.98 30.80
CA ASP D 177 -10.53 4.33 29.86
C ASP D 177 -9.86 3.13 30.51
N TYR D 178 -10.07 1.96 29.91
CA TYR D 178 -9.47 0.72 30.38
C TYR D 178 -9.04 -0.06 29.14
N PRO D 179 -8.10 -1.01 29.30
CA PRO D 179 -7.41 -1.62 28.14
C PRO D 179 -8.35 -2.23 27.09
N TYR D 180 -9.50 -2.76 27.48
CA TYR D 180 -10.38 -3.37 26.49
C TYR D 180 -11.59 -2.52 26.09
N ARG D 181 -11.49 -1.20 26.32
CA ARG D 181 -12.55 -0.27 25.93
C ARG D 181 -12.75 -0.25 24.42
N LEU D 182 -11.65 -0.25 23.66
CA LEU D 182 -11.74 -0.18 22.21
C LEU D 182 -12.45 -1.43 21.71
N TRP D 183 -12.10 -2.58 22.27
CA TRP D 183 -12.78 -3.81 21.93
C TRP D 183 -14.24 -3.83 22.36
N HIS D 184 -14.50 -3.43 23.60
CA HIS D 184 -15.88 -3.34 24.12
C HIS D 184 -16.72 -2.23 23.50
N TYR D 185 -16.12 -1.06 23.29
CA TYR D 185 -16.87 0.06 22.72
C TYR D 185 -16.10 0.67 21.53
N PRO D 186 -16.26 0.06 20.35
CA PRO D 186 -15.54 0.42 19.12
C PRO D 186 -15.86 1.84 18.67
N CYS D 187 -17.07 2.30 18.96
CA CYS D 187 -17.54 3.60 18.54
C CYS D 187 -16.69 4.71 19.17
N THR D 188 -16.01 4.39 20.27
CA THR D 188 -15.22 5.34 21.01
C THR D 188 -13.78 5.43 20.55
N ILE D 189 -13.50 4.86 19.39
CA ILE D 189 -12.14 4.75 18.88
C ILE D 189 -11.51 6.13 18.71
N ASN D 190 -12.33 7.10 18.28
CA ASN D 190 -11.86 8.46 18.03
C ASN D 190 -11.78 9.36 19.28
N TYR D 191 -12.19 8.83 20.43
CA TYR D 191 -12.22 9.60 21.67
C TYR D 191 -10.83 10.07 22.14
N THR D 192 -10.75 11.37 22.46
CA THR D 192 -9.58 11.94 23.14
C THR D 192 -9.44 11.46 24.60
N ILE D 193 -8.19 11.30 25.04
CA ILE D 193 -7.91 10.79 26.39
C ILE D 193 -7.35 11.86 27.32
N PHE D 194 -7.93 11.98 28.51
CA PHE D 194 -7.48 12.97 29.50
C PHE D 194 -7.19 12.36 30.87
N LYS D 195 -6.27 12.97 31.61
CA LYS D 195 -6.07 12.60 33.00
C LYS D 195 -7.13 13.32 33.81
N VAL D 196 -7.84 12.57 34.66
CA VAL D 196 -9.01 13.07 35.35
C VAL D 196 -9.08 12.61 36.79
N ARG D 197 -9.41 13.55 37.69
CA ARG D 197 -9.71 13.27 39.08
C ARG D 197 -11.22 13.07 39.26
N MET D 198 -11.61 12.08 40.04
CA MET D 198 -13.01 11.92 40.39
C MET D 198 -13.10 11.55 41.86
N TYR D 199 -14.06 12.12 42.59
CA TYR D 199 -14.15 11.88 44.03
C TYR D 199 -15.39 11.06 44.35
N VAL D 200 -15.20 9.92 45.00
CA VAL D 200 -16.34 9.13 45.41
C VAL D 200 -16.31 8.94 46.92
N GLY D 201 -17.38 9.38 47.59
CA GLY D 201 -17.43 9.39 49.03
C GLY D 201 -16.21 10.17 49.50
N GLY D 202 -15.35 9.54 50.27
CA GLY D 202 -14.12 10.17 50.69
C GLY D 202 -12.95 9.88 49.77
N VAL D 203 -12.94 8.70 49.14
CA VAL D 203 -11.78 8.31 48.35
C VAL D 203 -11.68 9.12 47.05
N GLU D 204 -10.45 9.35 46.62
CA GLU D 204 -10.18 10.11 45.40
C GLU D 204 -9.53 9.20 44.37
N HIS D 205 -10.06 9.24 43.16
CA HIS D 205 -9.57 8.39 42.10
C HIS D 205 -8.93 9.19 40.99
N ARG D 206 -7.68 8.84 40.71
CA ARG D 206 -6.99 9.40 39.58
C ARG D 206 -7.11 8.37 38.48
N LEU D 207 -7.81 8.74 37.41
CA LEU D 207 -8.16 7.81 36.37
C LEU D 207 -8.10 8.49 35.02
N GLU D 208 -7.99 7.68 33.97
CA GLU D 208 -7.93 8.16 32.59
C GLU D 208 -9.30 8.10 31.95
N ALA D 209 -9.66 9.13 31.19
CA ALA D 209 -11.00 9.19 30.60
C ALA D 209 -10.96 9.35 29.08
N ALA D 210 -11.92 8.74 28.42
CA ALA D 210 -12.09 8.90 26.98
C ALA D 210 -13.29 9.79 26.71
N CYS D 211 -13.06 10.90 26.02
CA CYS D 211 -14.11 11.90 25.76
C CYS D 211 -14.33 12.16 24.27
N ASN D 212 -15.45 12.81 23.93
CA ASN D 212 -15.79 13.10 22.54
C ASN D 212 -14.75 13.98 21.83
N GLN E 3 2.97 11.98 -1.84
CA GLN E 3 3.68 11.19 -0.84
C GLN E 3 3.87 11.74 0.60
N LEU E 4 3.85 13.05 0.86
CA LEU E 4 3.62 14.14 -0.07
C LEU E 4 4.66 15.23 0.13
N LEU E 5 4.90 16.02 -0.91
CA LEU E 5 5.94 17.04 -0.92
C LEU E 5 5.91 17.96 0.32
N GLU E 6 7.06 18.13 0.96
CA GLU E 6 7.19 19.02 2.13
C GLU E 6 7.92 20.32 1.79
N GLN E 7 7.19 21.43 1.77
CA GLN E 7 7.77 22.73 1.47
C GLN E 7 8.36 23.41 2.70
N SER E 8 9.26 24.37 2.45
CA SER E 8 9.95 25.09 3.51
C SER E 8 9.02 26.03 4.27
N GLY E 9 9.54 26.68 5.31
CA GLY E 9 8.74 27.52 6.20
C GLY E 9 8.39 28.90 5.68
N ALA E 10 7.51 29.58 6.41
CA ALA E 10 7.04 30.91 6.02
C ALA E 10 8.16 31.94 6.08
N GLU E 11 8.13 32.89 5.15
CA GLU E 11 9.19 33.89 5.04
C GLU E 11 8.63 35.30 5.07
N VAL E 12 9.46 36.26 5.44
CA VAL E 12 9.07 37.68 5.34
C VAL E 12 10.22 38.42 4.65
N LYS E 13 9.91 39.10 3.55
CA LYS E 13 10.94 39.75 2.74
C LYS E 13 10.62 41.21 2.46
N LYS E 14 11.64 42.06 2.50
CA LYS E 14 11.49 43.46 2.14
C LYS E 14 11.29 43.60 0.64
N PRO E 15 10.52 44.60 0.21
CA PRO E 15 10.31 44.83 -1.23
C PRO E 15 11.64 45.05 -1.95
N GLY E 16 11.88 44.28 -3.01
CA GLY E 16 13.08 44.38 -3.82
C GLY E 16 14.06 43.24 -3.60
N SER E 17 13.80 42.41 -2.59
CA SER E 17 14.64 41.27 -2.26
C SER E 17 14.28 39.99 -3.03
N SER E 18 14.97 38.90 -2.71
CA SER E 18 14.75 37.61 -3.35
C SER E 18 14.22 36.60 -2.35
N VAL E 19 13.37 35.69 -2.81
CA VAL E 19 12.87 34.65 -1.93
C VAL E 19 13.18 33.26 -2.53
N LYS E 20 13.72 32.36 -1.70
CA LYS E 20 14.09 31.02 -2.13
C LYS E 20 13.25 29.99 -1.38
N VAL E 21 12.33 29.32 -2.07
CA VAL E 21 11.48 28.34 -1.40
C VAL E 21 11.73 26.95 -1.98
N SER E 22 11.91 25.96 -1.11
CA SER E 22 12.23 24.58 -1.53
C SER E 22 11.04 23.64 -1.39
N CYS E 23 11.15 22.48 -2.02
CA CYS E 23 10.09 21.47 -2.04
C CYS E 23 10.67 20.05 -1.95
N GLU E 24 10.95 19.60 -0.72
CA GLU E 24 11.51 18.28 -0.47
C GLU E 24 10.51 17.14 -0.66
N THR E 25 11.02 15.94 -0.94
CA THR E 25 10.17 14.76 -1.08
C THR E 25 10.46 13.77 0.06
N SER E 26 9.39 13.22 0.63
CA SER E 26 9.52 12.30 1.75
C SER E 26 10.29 11.03 1.38
N GLY E 27 10.10 10.56 0.16
CA GLY E 27 10.54 9.23 -0.25
C GLY E 27 12.03 8.89 -0.16
N GLY E 28 12.93 9.79 -0.56
CA GLY E 28 12.62 10.96 -1.37
C GLY E 28 12.80 10.73 -2.86
N THR E 29 11.97 9.88 -3.46
CA THR E 29 12.03 9.69 -4.91
C THR E 29 10.75 9.11 -5.53
N PHE E 30 10.45 9.55 -6.75
CA PHE E 30 9.42 8.93 -7.58
C PHE E 30 9.49 9.48 -8.99
N ASP E 31 8.76 8.85 -9.92
CA ASP E 31 8.72 9.30 -11.29
C ASP E 31 7.79 10.48 -11.52
N ASN E 32 8.32 11.55 -12.11
CA ASN E 32 7.53 12.72 -12.44
C ASN E 32 8.27 13.59 -13.47
N TYR E 33 7.59 13.86 -14.58
CA TYR E 33 8.14 14.65 -15.69
C TYR E 33 8.36 16.13 -15.42
N ALA E 34 7.50 16.75 -14.64
CA ALA E 34 7.54 18.20 -14.49
C ALA E 34 7.41 18.69 -13.05
N LEU E 35 8.04 19.84 -12.79
CA LEU E 35 7.91 20.52 -11.53
C LEU E 35 7.41 21.94 -11.76
N ASN E 36 6.25 22.26 -11.20
CA ASN E 36 5.69 23.61 -11.34
C ASN E 36 5.46 24.31 -9.99
N TRP E 37 5.47 25.63 -10.02
CA TRP E 37 5.15 26.42 -8.87
C TRP E 37 3.97 27.30 -9.24
N VAL E 38 2.99 27.27 -8.35
CA VAL E 38 1.75 28.01 -8.49
C VAL E 38 1.53 28.84 -7.20
N ARG E 39 0.87 29.99 -7.27
CA ARG E 39 0.64 30.75 -6.04
C ARG E 39 -0.81 31.22 -5.88
N GLN E 40 -1.19 31.53 -4.64
CA GLN E 40 -2.51 32.06 -4.35
C GLN E 40 -2.43 33.29 -3.43
N ALA E 41 -2.71 34.45 -4.02
CA ALA E 41 -2.81 35.72 -3.28
C ALA E 41 -4.11 35.77 -2.47
N PRO E 42 -4.12 36.51 -1.35
CA PRO E 42 -5.27 36.44 -0.44
C PRO E 42 -6.60 36.84 -1.08
N GLY E 43 -6.60 37.88 -1.89
CA GLY E 43 -7.81 38.27 -2.59
C GLY E 43 -8.33 37.26 -3.62
N GLN E 44 -7.43 36.64 -4.37
CA GLN E 44 -7.82 35.92 -5.59
C GLN E 44 -7.51 34.42 -5.61
N GLY E 45 -7.96 33.78 -6.68
CA GLY E 45 -7.69 32.37 -6.95
C GLY E 45 -6.28 32.04 -7.44
N LEU E 46 -5.96 30.74 -7.43
CA LEU E 46 -4.65 30.23 -7.86
C LEU E 46 -4.15 30.75 -9.20
N GLU E 47 -2.82 30.80 -9.34
CA GLU E 47 -2.15 31.42 -10.47
C GLU E 47 -0.84 30.73 -10.79
N TRP E 48 -0.68 30.24 -12.02
CA TRP E 48 0.57 29.57 -12.43
C TRP E 48 1.77 30.52 -12.47
N ILE E 49 2.88 30.12 -11.82
CA ILE E 49 4.11 30.91 -11.85
C ILE E 49 5.08 30.40 -12.89
N GLY E 50 5.31 29.09 -12.86
CA GLY E 50 6.26 28.54 -13.82
C GLY E 50 6.64 27.10 -13.60
N GLY E 51 7.32 26.52 -14.57
CA GLY E 51 7.69 25.12 -14.50
C GLY E 51 8.99 24.72 -15.16
N VAL E 52 9.36 23.46 -14.92
CA VAL E 52 10.59 22.93 -15.46
C VAL E 52 10.42 21.46 -15.77
N VAL E 53 10.96 21.06 -16.92
CA VAL E 53 11.02 19.65 -17.33
C VAL E 53 12.47 19.22 -17.36
N PRO E 54 12.94 18.56 -16.30
CA PRO E 54 14.35 18.21 -16.11
C PRO E 54 14.98 17.42 -17.27
N LEU E 55 14.27 16.41 -17.78
CA LEU E 55 14.81 15.53 -18.81
C LEU E 55 15.18 16.28 -20.08
N PHE E 56 14.32 17.18 -20.51
CA PHE E 56 14.56 17.97 -21.71
C PHE E 56 15.34 19.22 -21.35
N GLY E 57 15.43 19.49 -20.06
CA GLY E 57 16.12 20.67 -19.57
C GLY E 57 15.46 21.97 -19.98
N THR E 58 14.15 21.95 -20.19
CA THR E 58 13.38 23.12 -20.63
C THR E 58 12.59 23.80 -19.50
N THR E 59 12.29 25.09 -19.68
CA THR E 59 11.54 25.86 -18.69
C THR E 59 10.44 26.75 -19.27
N ARG E 60 9.45 27.06 -18.44
CA ARG E 60 8.39 28.01 -18.83
C ARG E 60 8.03 28.92 -17.66
N ASN E 61 7.70 30.17 -17.97
CA ASN E 61 7.31 31.14 -16.96
C ASN E 61 6.09 31.92 -17.42
N ALA E 62 5.22 32.31 -16.49
CA ALA E 62 4.11 33.19 -16.84
C ALA E 62 4.70 34.55 -17.21
N GLN E 63 3.96 35.31 -18.01
CA GLN E 63 4.49 36.56 -18.56
C GLN E 63 4.87 37.56 -17.47
N LYS E 64 4.20 37.48 -16.32
CA LYS E 64 4.47 38.45 -15.26
C LYS E 64 5.55 37.98 -14.31
N PHE E 65 6.31 36.97 -14.73
CA PHE E 65 7.41 36.48 -13.91
C PHE E 65 8.67 36.33 -14.75
N GLN E 66 8.59 36.71 -16.02
CA GLN E 66 9.71 36.58 -16.95
C GLN E 66 10.93 37.38 -16.51
N GLY E 67 12.05 36.67 -16.35
CA GLY E 67 13.32 37.30 -16.02
C GLY E 67 13.60 37.43 -14.54
N ARG E 68 12.59 37.23 -13.70
CA ARG E 68 12.78 37.39 -12.27
C ARG E 68 12.43 36.13 -11.50
N VAL E 69 12.37 35.00 -12.20
CA VAL E 69 12.12 33.73 -11.52
C VAL E 69 13.02 32.63 -12.10
N THR E 70 13.55 31.80 -11.21
CA THR E 70 14.34 30.65 -11.59
C THR E 70 13.83 29.41 -10.88
N ILE E 71 13.45 28.42 -11.66
CA ILE E 71 12.92 27.18 -11.12
C ILE E 71 13.81 25.99 -11.46
N SER E 72 14.36 25.34 -10.43
CA SER E 72 15.28 24.22 -10.66
C SER E 72 14.81 22.95 -9.95
N ASP E 73 15.19 21.80 -10.48
CA ASP E 73 14.80 20.52 -9.90
C ASP E 73 16.01 19.60 -9.73
N ASP E 74 16.40 19.36 -8.49
CA ASP E 74 17.48 18.43 -8.17
C ASP E 74 16.93 17.01 -8.14
N LYS E 75 17.19 16.22 -9.19
CA LYS E 75 16.67 14.86 -9.29
C LYS E 75 17.44 13.87 -8.44
N SER E 76 18.60 14.31 -7.93
CA SER E 76 19.40 13.47 -7.04
C SER E 76 18.77 13.39 -5.66
N THR E 77 18.41 14.54 -5.11
CA THR E 77 17.78 14.60 -3.79
C THR E 77 16.27 14.63 -3.93
N GLY E 78 15.79 14.72 -5.17
CA GLY E 78 14.37 14.79 -5.45
C GLY E 78 13.75 16.05 -4.89
N THR E 79 14.53 17.12 -4.88
CA THR E 79 14.10 18.37 -4.24
C THR E 79 13.91 19.51 -5.23
N GLY E 80 12.77 20.19 -5.10
CA GLY E 80 12.46 21.32 -5.97
C GLY E 80 12.88 22.66 -5.41
N HIS E 81 13.07 23.63 -6.29
CA HIS E 81 13.51 24.96 -5.87
C HIS E 81 12.93 26.09 -6.71
N MET E 82 12.48 27.14 -6.02
CA MET E 82 12.03 28.35 -6.69
C MET E 82 12.66 29.59 -6.09
N GLU E 83 13.31 30.39 -6.94
CA GLU E 83 13.85 31.68 -6.53
C GLU E 83 13.07 32.75 -7.26
N LEU E 84 12.48 33.66 -6.50
CA LEU E 84 11.73 34.77 -7.07
C LEU E 84 12.40 36.09 -6.69
N ARG E 85 12.88 36.84 -7.69
CA ARG E 85 13.61 38.08 -7.43
C ARG E 85 12.72 39.30 -7.61
N SER E 86 13.24 40.47 -7.20
CA SER E 86 12.53 41.75 -7.31
C SER E 86 11.12 41.73 -6.74
N LEU E 87 11.01 41.27 -5.50
CA LEU E 87 9.72 41.12 -4.84
C LEU E 87 8.98 42.45 -4.67
N ARG E 88 7.79 42.51 -5.26
CA ARG E 88 6.89 43.65 -5.07
C ARG E 88 5.82 43.24 -4.04
N SER E 89 5.05 44.19 -3.52
CA SER E 89 4.08 43.85 -2.46
C SER E 89 2.93 42.93 -2.92
N GLU E 90 2.71 42.81 -4.23
CA GLU E 90 1.65 41.91 -4.72
C GLU E 90 2.15 40.49 -4.95
N ASP E 91 3.37 40.23 -4.49
CA ASP E 91 3.93 38.89 -4.52
C ASP E 91 3.64 38.19 -3.20
N THR E 92 2.95 38.91 -2.31
CA THR E 92 2.51 38.38 -1.03
C THR E 92 1.43 37.33 -1.28
N ALA E 93 1.78 36.07 -1.07
CA ALA E 93 0.84 34.98 -1.38
C ALA E 93 1.28 33.67 -0.76
N VAL E 94 0.43 32.66 -0.86
CA VAL E 94 0.79 31.30 -0.46
C VAL E 94 1.28 30.56 -1.68
N TYR E 95 2.54 30.12 -1.66
CA TYR E 95 3.20 29.46 -2.80
C TYR E 95 3.18 27.93 -2.67
N TYR E 96 2.62 27.27 -3.69
CA TYR E 96 2.53 25.81 -3.73
C TYR E 96 3.48 25.21 -4.78
N CYS E 97 4.26 24.23 -4.31
CA CYS E 97 5.05 23.37 -5.16
C CYS E 97 4.20 22.23 -5.68
N VAL E 98 4.40 21.84 -6.94
CA VAL E 98 3.54 20.81 -7.51
C VAL E 98 4.26 19.95 -8.55
N ARG E 99 3.93 18.67 -8.57
CA ARG E 99 4.62 17.76 -9.46
C ARG E 99 3.66 16.97 -10.29
N SER E 100 4.02 16.72 -11.53
CA SER E 100 3.10 16.06 -12.43
C SER E 100 3.69 14.78 -12.96
N VAL E 101 2.81 13.84 -13.21
CA VAL E 101 3.17 12.55 -13.74
C VAL E 101 2.16 12.28 -14.83
N THR E 102 2.50 11.39 -15.74
CA THR E 102 1.58 11.06 -16.82
C THR E 102 1.15 12.28 -17.69
N PRO E 103 2.07 12.80 -18.54
CA PRO E 103 1.90 14.04 -19.29
C PRO E 103 0.75 13.98 -20.30
N ARG E 104 0.09 15.11 -20.53
CA ARG E 104 -1.12 15.15 -21.35
C ARG E 104 -0.89 15.58 -22.80
N TYR E 105 -0.14 16.65 -23.00
CA TYR E 105 0.27 17.06 -24.35
C TYR E 105 1.65 17.68 -24.28
N CYS E 106 2.40 17.57 -25.37
CA CYS E 106 3.73 18.18 -25.40
C CYS E 106 3.85 19.15 -26.56
N GLY E 107 4.29 20.38 -26.29
CA GLY E 107 4.67 21.32 -27.33
C GLY E 107 6.13 21.66 -27.10
N GLY E 108 6.96 21.55 -28.13
CA GLY E 108 8.40 21.55 -27.88
C GLY E 108 8.96 22.80 -27.23
N GLY E 109 9.77 22.60 -26.19
CA GLY E 109 10.03 21.29 -25.59
C GLY E 109 9.28 20.97 -24.29
N PHE E 110 8.31 21.79 -23.90
CA PHE E 110 7.59 21.59 -22.64
C PHE E 110 6.43 20.59 -22.74
N CYS E 111 6.01 20.07 -21.59
CA CYS E 111 4.90 19.12 -21.50
C CYS E 111 3.87 19.59 -20.46
N TYR E 112 2.59 19.35 -20.72
CA TYR E 112 1.55 19.82 -19.82
C TYR E 112 0.55 18.73 -19.49
N GLY E 113 -0.03 18.85 -18.31
CA GLY E 113 -1.04 17.92 -17.82
C GLY E 113 -1.66 18.36 -16.50
N GLU E 114 -2.32 17.44 -15.82
CA GLU E 114 -2.89 17.75 -14.51
C GLU E 114 -1.81 17.73 -13.44
N PHE E 115 -2.15 18.20 -12.24
CA PHE E 115 -1.19 18.27 -11.14
C PHE E 115 -1.45 17.18 -10.09
N ASP E 116 -0.58 16.17 -10.04
CA ASP E 116 -0.82 14.99 -9.24
C ASP E 116 -0.56 15.20 -7.76
N TYR E 117 0.57 15.82 -7.44
CA TYR E 117 0.98 15.98 -6.04
C TYR E 117 1.28 17.42 -5.67
N TRP E 118 0.63 17.90 -4.62
CA TRP E 118 0.83 19.26 -4.13
C TRP E 118 1.60 19.30 -2.82
N GLY E 119 2.31 20.39 -2.56
CA GLY E 119 2.91 20.61 -1.25
C GLY E 119 1.94 21.37 -0.36
N GLN E 120 2.20 21.41 0.95
CA GLN E 120 1.29 22.07 1.89
C GLN E 120 1.18 23.57 1.63
N GLY E 121 2.24 24.18 1.13
CA GLY E 121 2.25 25.60 0.80
C GLY E 121 3.10 26.44 1.75
N THR E 122 3.67 27.52 1.21
CA THR E 122 4.53 28.42 1.96
C THR E 122 4.01 29.84 1.86
N LEU E 123 3.80 30.51 2.99
CA LEU E 123 3.33 31.88 2.93
C LEU E 123 4.53 32.79 2.82
N VAL E 124 4.50 33.70 1.87
CA VAL E 124 5.57 34.67 1.71
C VAL E 124 4.99 36.06 1.82
N THR E 125 5.56 36.87 2.69
CA THR E 125 5.05 38.20 2.86
C THR E 125 6.09 39.23 2.49
N VAL E 126 5.69 40.11 1.59
CA VAL E 126 6.54 41.21 1.16
C VAL E 126 6.05 42.48 1.79
N SER E 127 6.76 42.93 2.81
CA SER E 127 6.36 44.13 3.51
C SER E 127 7.58 44.93 3.88
N SER E 128 7.41 46.24 3.96
CA SER E 128 8.47 47.15 4.37
C SER E 128 8.35 47.41 5.87
N ALA E 129 7.23 46.97 6.45
CA ALA E 129 6.96 47.15 7.87
C ALA E 129 7.90 46.33 8.76
N SER E 130 8.07 46.75 10.01
CA SER E 130 8.98 46.09 10.94
C SER E 130 8.43 44.76 11.42
N THR E 131 9.32 43.79 11.60
CA THR E 131 8.93 42.48 12.09
C THR E 131 8.84 42.44 13.62
N LYS E 132 7.65 42.16 14.15
CA LYS E 132 7.47 42.13 15.60
C LYS E 132 7.00 40.77 16.14
N GLY E 133 7.65 40.30 17.19
CA GLY E 133 7.28 39.05 17.83
C GLY E 133 6.05 39.23 18.72
N PRO E 134 5.35 38.12 19.02
CA PRO E 134 4.09 38.12 19.76
C PRO E 134 4.23 37.99 21.25
N SER E 135 3.26 38.52 21.98
CA SER E 135 3.13 38.27 23.41
C SER E 135 2.06 37.20 23.60
N VAL E 136 2.29 36.23 24.47
CA VAL E 136 1.32 35.15 24.68
C VAL E 136 0.74 35.19 26.10
N PHE E 137 -0.54 35.50 26.19
CA PHE E 137 -1.23 35.56 27.49
C PHE E 137 -2.20 34.40 27.67
N PRO E 138 -2.30 33.86 28.88
CA PRO E 138 -3.18 32.73 29.13
C PRO E 138 -4.66 33.12 29.17
N LEU E 139 -5.49 32.34 28.50
CA LEU E 139 -6.94 32.42 28.63
C LEU E 139 -7.39 31.34 29.64
N ALA E 140 -7.35 31.70 30.92
CA ALA E 140 -7.56 30.74 32.01
C ALA E 140 -8.99 30.20 32.05
N PRO E 141 -9.13 28.89 32.33
CA PRO E 141 -10.44 28.24 32.44
C PRO E 141 -11.17 28.73 33.67
N SER E 142 -12.49 28.89 33.56
CA SER E 142 -13.31 29.37 34.66
C SER E 142 -13.32 28.40 35.84
N SER E 143 -13.12 28.93 37.05
CA SER E 143 -13.23 28.12 38.26
C SER E 143 -14.68 27.97 38.67
N LYS E 144 -15.56 28.66 37.96
CA LYS E 144 -16.98 28.65 38.28
C LYS E 144 -17.80 27.84 37.28
N SER E 145 -17.16 26.89 36.59
CA SER E 145 -17.86 26.12 35.55
C SER E 145 -18.69 25.02 36.20
N THR E 146 -19.99 25.00 35.91
CA THR E 146 -20.92 24.09 36.58
C THR E 146 -21.76 23.19 35.67
N SER E 147 -21.79 23.47 34.37
CA SER E 147 -22.73 22.78 33.49
C SER E 147 -22.04 22.04 32.35
N GLY E 148 -22.46 20.79 32.13
CA GLY E 148 -21.90 19.94 31.10
C GLY E 148 -20.57 19.29 31.50
N GLY E 149 -19.88 19.91 32.44
CA GLY E 149 -18.56 19.47 32.86
C GLY E 149 -17.50 19.83 31.84
N THR E 150 -17.89 20.59 30.82
CA THR E 150 -16.99 20.98 29.74
C THR E 150 -16.42 22.39 29.96
N ALA E 151 -15.13 22.45 30.27
CA ALA E 151 -14.42 23.72 30.41
C ALA E 151 -13.67 24.10 29.13
N ALA E 152 -13.49 25.40 28.93
CA ALA E 152 -12.76 25.90 27.77
C ALA E 152 -11.59 26.75 28.23
N LEU E 153 -10.43 26.53 27.65
CA LEU E 153 -9.25 27.33 27.99
C LEU E 153 -8.51 27.73 26.72
N GLY E 154 -7.47 28.54 26.84
CA GLY E 154 -6.75 28.91 25.63
C GLY E 154 -5.55 29.80 25.80
N CYS E 155 -5.06 30.33 24.67
CA CYS E 155 -3.95 31.27 24.61
C CYS E 155 -4.29 32.41 23.69
N LEU E 156 -3.99 33.62 24.15
CA LEU E 156 -4.17 34.85 23.37
C LEU E 156 -2.80 35.30 22.87
N VAL E 157 -2.60 35.26 21.55
CA VAL E 157 -1.34 35.65 20.93
C VAL E 157 -1.47 37.05 20.31
N LYS E 158 -0.88 38.05 20.95
CA LYS E 158 -1.11 39.43 20.56
C LYS E 158 0.11 40.19 20.04
N ASP E 159 -0.18 41.20 19.22
CA ASP E 159 0.80 42.17 18.75
C ASP E 159 1.99 41.61 17.98
N TYR E 160 1.69 40.94 16.86
CA TYR E 160 2.75 40.37 16.05
C TYR E 160 2.58 40.79 14.59
N PHE E 161 3.70 40.87 13.89
CA PHE E 161 3.69 41.14 12.46
C PHE E 161 4.92 40.48 11.87
N PRO E 162 4.78 39.90 10.66
CA PRO E 162 3.53 39.68 9.92
C PRO E 162 2.97 38.30 10.21
N GLU E 163 1.91 37.90 9.52
CA GLU E 163 1.42 36.53 9.61
C GLU E 163 2.47 35.60 9.01
N PRO E 164 2.48 34.32 9.37
CA PRO E 164 1.55 33.53 10.19
C PRO E 164 2.04 33.19 11.59
N VAL E 165 1.11 32.86 12.47
CA VAL E 165 1.43 32.30 13.77
C VAL E 165 0.75 30.93 13.84
N THR E 166 1.50 29.89 14.16
CA THR E 166 0.89 28.58 14.38
C THR E 166 0.80 28.33 15.87
N VAL E 167 -0.11 27.46 16.28
CA VAL E 167 -0.23 27.15 17.69
C VAL E 167 -0.74 25.73 17.91
N SER E 168 0.02 24.96 18.66
CA SER E 168 -0.36 23.59 18.99
C SER E 168 -0.65 23.50 20.50
N TRP E 169 -1.07 22.32 20.94
CA TRP E 169 -1.37 22.06 22.34
C TRP E 169 -0.72 20.76 22.81
N ASN E 170 0.02 20.80 23.92
CA ASN E 170 0.75 19.63 24.40
C ASN E 170 1.65 19.00 23.32
N SER E 171 2.35 19.86 22.57
CA SER E 171 3.26 19.46 21.49
C SER E 171 2.57 18.63 20.42
N GLY E 172 1.27 18.84 20.24
CA GLY E 172 0.53 18.15 19.20
C GLY E 172 -0.28 16.98 19.71
N ALA E 173 -0.08 16.60 20.98
CA ALA E 173 -0.81 15.48 21.55
C ALA E 173 -2.31 15.77 21.64
N LEU E 174 -2.65 17.02 21.91
CA LEU E 174 -4.04 17.45 22.00
C LEU E 174 -4.51 18.23 20.78
N THR E 175 -5.29 17.59 19.92
CA THR E 175 -5.77 18.24 18.71
C THR E 175 -7.28 18.31 18.55
N SER E 176 -7.99 17.34 19.11
CA SER E 176 -9.44 17.34 18.96
C SER E 176 -10.02 18.47 19.78
N GLY E 177 -11.04 19.12 19.24
CA GLY E 177 -11.71 20.19 19.96
C GLY E 177 -10.92 21.49 20.03
N VAL E 178 -9.79 21.54 19.32
CA VAL E 178 -8.95 22.73 19.28
C VAL E 178 -9.41 23.70 18.19
N HIS E 179 -9.68 24.95 18.55
CA HIS E 179 -10.05 25.97 17.56
C HIS E 179 -9.07 27.16 17.54
N THR E 180 -8.23 27.21 16.51
CA THR E 180 -7.34 28.35 16.30
C THR E 180 -7.95 29.30 15.28
N PHE E 181 -8.41 30.45 15.75
CA PHE E 181 -9.12 31.39 14.90
C PHE E 181 -8.25 32.13 13.91
N PRO E 182 -8.84 32.51 12.77
CA PRO E 182 -8.14 33.37 11.84
C PRO E 182 -7.67 34.64 12.53
N ALA E 183 -6.46 35.09 12.19
CA ALA E 183 -5.86 36.27 12.76
C ALA E 183 -6.69 37.50 12.42
N VAL E 184 -6.65 38.48 13.32
CA VAL E 184 -7.35 39.74 13.13
C VAL E 184 -6.36 40.90 13.06
N LEU E 185 -6.44 41.69 12.00
CA LEU E 185 -5.58 42.86 11.88
C LEU E 185 -6.11 43.97 12.76
N GLN E 186 -5.38 44.28 13.83
CA GLN E 186 -5.80 45.31 14.77
C GLN E 186 -5.57 46.68 14.18
N SER E 187 -6.07 47.70 14.85
CA SER E 187 -6.00 49.06 14.33
C SER E 187 -4.56 49.58 14.28
N SER E 188 -3.68 48.94 15.05
CA SER E 188 -2.28 49.35 15.12
C SER E 188 -1.45 48.76 14.00
N GLY E 189 -2.09 48.01 13.12
CA GLY E 189 -1.40 47.35 12.03
C GLY E 189 -0.73 46.05 12.45
N LEU E 190 -0.95 45.65 13.70
CA LEU E 190 -0.41 44.39 14.23
C LEU E 190 -1.51 43.34 14.29
N TYR E 191 -1.16 42.08 14.08
CA TYR E 191 -2.14 40.99 14.13
C TYR E 191 -2.39 40.43 15.54
N SER E 192 -3.60 39.92 15.75
CA SER E 192 -3.93 39.27 17.02
C SER E 192 -4.66 37.95 16.76
N LEU E 193 -4.34 36.95 17.57
CA LEU E 193 -4.91 35.61 17.41
C LEU E 193 -5.19 34.97 18.75
N SER E 194 -6.19 34.08 18.79
CA SER E 194 -6.49 33.31 20.00
C SER E 194 -6.80 31.88 19.64
N SER E 195 -6.22 30.96 20.38
CA SER E 195 -6.45 29.53 20.20
C SER E 195 -7.14 28.94 21.45
N VAL E 196 -8.31 28.32 21.27
CA VAL E 196 -9.04 27.75 22.40
C VAL E 196 -9.13 26.23 22.31
N VAL E 197 -9.55 25.58 23.40
CA VAL E 197 -9.73 24.14 23.43
C VAL E 197 -10.67 23.75 24.58
N THR E 198 -11.48 22.72 24.35
CA THR E 198 -12.43 22.26 25.36
C THR E 198 -12.01 20.95 25.99
N VAL E 199 -11.83 20.97 27.30
CA VAL E 199 -11.42 19.77 28.02
C VAL E 199 -12.45 19.54 29.12
N PRO E 200 -12.54 18.30 29.63
CA PRO E 200 -13.45 18.05 30.77
C PRO E 200 -13.01 18.83 32.02
N SER E 201 -13.97 19.37 32.76
CA SER E 201 -13.66 20.20 33.92
C SER E 201 -12.87 19.44 34.97
N SER E 202 -13.09 18.14 35.04
CA SER E 202 -12.42 17.30 36.04
C SER E 202 -10.95 17.06 35.70
N SER E 203 -10.53 17.48 34.51
CA SER E 203 -9.15 17.35 34.09
C SER E 203 -8.33 18.53 34.57
N LEU E 204 -9.01 19.59 34.97
CA LEU E 204 -8.37 20.80 35.48
C LEU E 204 -7.64 20.50 36.78
N GLY E 205 -6.35 20.84 36.82
CA GLY E 205 -5.55 20.57 37.98
C GLY E 205 -4.97 19.17 37.96
N THR E 206 -5.38 18.37 36.98
CA THR E 206 -4.91 17.00 36.90
C THR E 206 -4.14 16.73 35.62
N GLN E 207 -4.47 17.50 34.59
CA GLN E 207 -3.85 17.35 33.28
C GLN E 207 -3.22 18.66 32.90
N THR E 208 -1.98 18.59 32.43
CA THR E 208 -1.25 19.80 32.10
C THR E 208 -1.61 20.26 30.69
N TYR E 209 -1.91 21.55 30.56
CA TYR E 209 -2.28 22.14 29.27
C TYR E 209 -1.32 23.24 28.90
N ILE E 210 -0.53 22.99 27.87
CA ILE E 210 0.49 23.91 27.38
C ILE E 210 0.24 24.32 25.95
N CYS E 211 0.11 25.61 25.70
CA CYS E 211 0.00 26.09 24.32
C CYS E 211 1.40 26.35 23.77
N ASN E 212 1.67 25.82 22.58
CA ASN E 212 2.95 26.02 21.89
C ASN E 212 2.78 26.98 20.75
N VAL E 213 3.13 28.23 20.99
CA VAL E 213 3.02 29.28 19.99
C VAL E 213 4.30 29.44 19.18
N ASN E 214 4.14 29.48 17.87
CA ASN E 214 5.28 29.64 16.98
C ASN E 214 5.08 30.78 15.96
N HIS E 215 6.01 31.72 15.95
CA HIS E 215 6.01 32.83 14.99
C HIS E 215 7.37 32.88 14.28
N LYS E 216 7.53 32.07 13.25
CA LYS E 216 8.82 31.97 12.56
C LYS E 216 9.48 33.27 12.04
N PRO E 217 8.70 34.21 11.46
CA PRO E 217 9.32 35.45 10.99
C PRO E 217 10.13 36.20 12.05
N SER E 218 9.77 36.08 13.33
CA SER E 218 10.55 36.69 14.40
C SER E 218 11.32 35.63 15.16
N ASN E 219 11.34 34.42 14.62
CA ASN E 219 12.01 33.27 15.25
C ASN E 219 11.59 32.97 16.67
N THR E 220 10.31 33.16 16.95
CA THR E 220 9.77 33.01 18.30
C THR E 220 9.07 31.68 18.51
N LYS E 221 9.55 30.91 19.49
CA LYS E 221 8.87 29.69 19.91
C LYS E 221 8.64 29.75 21.41
N VAL E 222 7.38 29.97 21.80
CA VAL E 222 6.99 30.12 23.20
C VAL E 222 6.08 29.00 23.68
N ASP E 223 6.37 28.47 24.86
CA ASP E 223 5.50 27.46 25.46
C ASP E 223 4.86 27.95 26.76
N LYS E 224 3.59 28.35 26.69
CA LYS E 224 2.93 28.90 27.87
C LYS E 224 1.96 27.93 28.52
N LYS E 225 2.11 27.76 29.84
CA LYS E 225 1.26 26.84 30.59
C LYS E 225 -0.03 27.53 31.05
N VAL E 226 -1.16 26.95 30.65
CA VAL E 226 -2.47 27.49 30.98
C VAL E 226 -3.10 26.75 32.16
N GLU E 227 -3.48 27.50 33.18
CA GLU E 227 -4.04 26.92 34.40
C GLU E 227 -5.05 27.84 35.02
N PRO E 228 -6.06 27.28 35.68
CA PRO E 228 -7.09 28.12 36.33
C PRO E 228 -6.49 28.96 37.44
N LYS E 229 -6.93 30.20 37.61
CA LYS E 229 -6.40 31.06 38.65
C LYS E 229 -7.00 30.67 40.00
N SER E 230 -6.38 31.12 41.10
CA SER E 230 -6.86 30.81 42.45
C SER E 230 -7.92 31.80 42.93
N ILE F 2 -9.61 29.84 -22.06
CA ILE F 2 -8.37 29.82 -21.31
C ILE F 2 -8.63 30.37 -19.91
N GLU F 3 -9.58 31.28 -19.79
CA GLU F 3 -9.92 31.77 -18.46
C GLU F 3 -11.09 30.97 -17.88
N LEU F 4 -10.94 30.49 -16.65
CA LEU F 4 -11.97 29.65 -16.03
C LEU F 4 -12.82 30.38 -15.00
N THR F 5 -14.13 30.11 -15.03
CA THR F 5 -15.05 30.72 -14.10
C THR F 5 -15.90 29.71 -13.34
N GLN F 6 -15.84 29.78 -12.01
CA GLN F 6 -16.62 28.87 -11.19
C GLN F 6 -17.76 29.60 -10.51
N SER F 7 -18.97 29.28 -10.96
CA SER F 7 -20.21 29.86 -10.44
C SER F 7 -21.10 28.77 -9.87
N PRO F 8 -21.62 28.99 -8.66
CA PRO F 8 -21.39 30.20 -7.87
C PRO F 8 -20.20 30.01 -6.95
N ALA F 9 -19.84 31.03 -6.18
CA ALA F 9 -18.66 30.91 -5.34
C ALA F 9 -18.91 30.06 -4.10
N THR F 10 -20.17 30.00 -3.70
CA THR F 10 -20.57 29.30 -2.47
C THR F 10 -21.74 28.36 -2.71
N LEU F 11 -21.63 27.17 -2.14
CA LEU F 11 -22.70 26.18 -2.20
C LEU F 11 -22.99 25.69 -0.80
N SER F 12 -24.26 25.46 -0.48
CA SER F 12 -24.63 24.93 0.85
C SER F 12 -25.54 23.73 0.72
N VAL F 13 -24.98 22.55 0.95
CA VAL F 13 -25.67 21.31 0.69
C VAL F 13 -25.84 20.44 1.93
N SER F 14 -27.05 19.96 2.15
CA SER F 14 -27.36 19.03 3.25
C SER F 14 -26.72 17.64 3.05
N PRO F 15 -26.31 17.00 4.14
CA PRO F 15 -25.60 15.71 4.05
C PRO F 15 -26.36 14.67 3.24
N GLY F 16 -25.62 13.81 2.54
CA GLY F 16 -26.21 12.74 1.76
C GLY F 16 -26.68 13.15 0.38
N GLU F 17 -26.95 14.45 0.19
CA GLU F 17 -27.44 14.95 -1.08
C GLU F 17 -26.33 15.11 -2.09
N ARG F 18 -26.69 15.64 -3.24
CA ARG F 18 -25.78 15.77 -4.36
C ARG F 18 -25.41 17.22 -4.62
N ALA F 19 -24.12 17.52 -4.55
CA ALA F 19 -23.63 18.87 -4.81
C ALA F 19 -23.10 18.94 -6.22
N THR F 20 -23.60 19.89 -7.01
CA THR F 20 -23.13 20.05 -8.38
C THR F 20 -22.42 21.41 -8.56
N LEU F 21 -21.19 21.35 -9.04
CA LEU F 21 -20.36 22.54 -9.21
C LEU F 21 -20.06 22.80 -10.67
N SER F 22 -20.17 24.06 -11.07
CA SER F 22 -19.99 24.44 -12.47
C SER F 22 -18.61 25.07 -12.75
N CYS F 23 -18.10 24.79 -13.95
CA CYS F 23 -16.87 25.41 -14.45
C CYS F 23 -17.09 25.85 -15.89
N ARG F 24 -17.14 27.16 -16.09
CA ARG F 24 -17.34 27.75 -17.41
C ARG F 24 -16.00 28.16 -18.05
N ALA F 25 -15.79 27.79 -19.30
CA ALA F 25 -14.55 28.19 -19.98
C ALA F 25 -14.81 29.34 -20.95
N SER F 26 -13.96 30.36 -20.90
CA SER F 26 -14.09 31.52 -21.77
C SER F 26 -13.96 31.13 -23.22
N GLN F 27 -13.22 30.05 -23.43
CA GLN F 27 -13.02 29.51 -24.77
C GLN F 27 -12.92 28.01 -24.65
N SER F 28 -13.04 27.31 -25.76
CA SER F 28 -13.03 25.85 -25.71
C SER F 28 -11.71 25.27 -25.20
N VAL F 29 -11.79 24.37 -24.22
CA VAL F 29 -10.57 23.73 -23.70
C VAL F 29 -10.65 22.21 -23.84
N SER F 30 -11.51 21.77 -24.75
CA SER F 30 -11.72 20.35 -25.04
C SER F 30 -12.09 19.59 -23.76
N SER F 31 -11.42 18.46 -23.50
CA SER F 31 -11.63 17.72 -22.26
C SER F 31 -10.42 17.82 -21.34
N ASN F 32 -9.54 18.77 -21.63
CA ASN F 32 -8.34 18.97 -20.83
C ASN F 32 -8.60 19.82 -19.61
N LEU F 33 -9.40 19.28 -18.70
CA LEU F 33 -9.71 19.99 -17.48
C LEU F 33 -9.64 19.06 -16.28
N ALA F 34 -9.16 19.61 -15.16
CA ALA F 34 -9.00 18.83 -13.96
C ALA F 34 -9.69 19.53 -12.79
N TRP F 35 -10.23 18.73 -11.87
CA TRP F 35 -10.88 19.19 -10.66
C TRP F 35 -10.06 18.83 -9.44
N TYR F 36 -9.89 19.81 -8.54
CA TYR F 36 -9.13 19.65 -7.30
C TYR F 36 -9.95 19.98 -6.04
N GLN F 37 -9.69 19.26 -4.95
CA GLN F 37 -10.30 19.56 -3.67
C GLN F 37 -9.23 20.09 -2.74
N GLN F 38 -9.53 21.15 -2.00
CA GLN F 38 -8.61 21.69 -1.00
C GLN F 38 -9.34 21.93 0.32
N LYS F 39 -9.08 21.06 1.29
CA LYS F 39 -9.58 21.24 2.65
C LYS F 39 -8.86 22.44 3.27
N PRO F 40 -9.53 23.16 4.21
CA PRO F 40 -8.99 24.38 4.81
C PRO F 40 -7.54 24.31 5.29
N GLY F 41 -6.67 25.07 4.66
CA GLY F 41 -5.27 25.15 5.07
C GLY F 41 -4.41 23.97 4.70
N GLN F 42 -4.98 23.02 3.96
CA GLN F 42 -4.26 21.81 3.58
C GLN F 42 -3.82 21.82 2.13
N ALA F 43 -3.04 20.82 1.75
CA ALA F 43 -2.59 20.69 0.37
C ALA F 43 -3.69 20.17 -0.54
N PRO F 44 -3.88 20.81 -1.69
CA PRO F 44 -4.86 20.38 -2.68
C PRO F 44 -4.67 18.91 -3.07
N ARG F 45 -5.76 18.32 -3.53
CA ARG F 45 -5.85 16.91 -3.80
C ARG F 45 -6.52 16.72 -5.16
N LEU F 46 -5.85 16.10 -6.11
CA LEU F 46 -6.44 15.97 -7.42
C LEU F 46 -7.59 14.96 -7.40
N LEU F 47 -8.77 15.39 -7.83
CA LEU F 47 -9.94 14.51 -7.85
C LEU F 47 -10.19 13.97 -9.24
N ILE F 48 -10.25 14.85 -10.23
CA ILE F 48 -10.58 14.41 -11.59
C ILE F 48 -9.68 15.01 -12.63
N TYR F 49 -9.38 14.24 -13.68
CA TYR F 49 -8.67 14.80 -14.83
C TYR F 49 -9.37 14.37 -16.10
N GLY F 50 -9.15 15.09 -17.18
CA GLY F 50 -9.80 14.77 -18.45
C GLY F 50 -11.30 14.92 -18.39
N ALA F 51 -11.75 15.87 -17.58
CA ALA F 51 -13.17 16.20 -17.43
C ALA F 51 -13.95 15.12 -16.65
N SER F 52 -13.75 13.84 -16.97
CA SER F 52 -14.59 12.76 -16.45
C SER F 52 -13.86 11.56 -15.84
N THR F 53 -12.54 11.55 -15.87
CA THR F 53 -11.75 10.45 -15.31
C THR F 53 -11.25 10.76 -13.90
N ARG F 54 -11.69 10.01 -12.90
CA ARG F 54 -11.26 10.29 -11.55
C ARG F 54 -9.89 9.69 -11.26
N ALA F 55 -9.14 10.36 -10.39
CA ALA F 55 -7.79 9.98 -10.05
C ALA F 55 -7.79 8.73 -9.19
N THR F 56 -6.62 8.17 -8.97
CA THR F 56 -6.49 6.97 -8.17
C THR F 56 -6.73 7.26 -6.69
N GLY F 57 -7.52 6.42 -6.04
CA GLY F 57 -7.84 6.58 -4.63
C GLY F 57 -9.05 7.46 -4.37
N ILE F 58 -9.70 7.88 -5.44
CA ILE F 58 -10.86 8.75 -5.33
C ILE F 58 -12.11 7.90 -5.41
N PRO F 59 -13.03 8.04 -4.44
CA PRO F 59 -14.24 7.21 -4.42
C PRO F 59 -15.23 7.58 -5.52
N ALA F 60 -16.10 6.67 -5.90
CA ALA F 60 -16.96 6.88 -7.06
C ALA F 60 -18.02 7.95 -6.84
N ARG F 61 -18.13 8.47 -5.62
CA ARG F 61 -19.09 9.53 -5.38
C ARG F 61 -18.66 10.87 -5.98
N PHE F 62 -17.38 10.97 -6.36
CA PHE F 62 -16.89 12.14 -7.10
C PHE F 62 -16.98 11.84 -8.58
N SER F 63 -17.85 12.55 -9.26
CA SER F 63 -18.05 12.34 -10.68
C SER F 63 -17.80 13.62 -11.47
N GLY F 64 -17.44 13.48 -12.74
CA GLY F 64 -17.18 14.62 -13.59
C GLY F 64 -17.79 14.48 -14.97
N SER F 65 -18.16 15.60 -15.58
CA SER F 65 -18.73 15.58 -16.92
C SER F 65 -18.49 16.90 -17.64
N GLY F 66 -18.81 16.91 -18.92
CA GLY F 66 -18.72 18.14 -19.69
C GLY F 66 -17.65 18.18 -20.76
N SER F 67 -17.81 19.12 -21.68
CA SER F 67 -16.82 19.30 -22.73
C SER F 67 -16.93 20.72 -23.30
N GLY F 68 -15.93 21.11 -24.08
CA GLY F 68 -15.94 22.43 -24.69
C GLY F 68 -15.84 23.49 -23.62
N THR F 69 -16.91 24.29 -23.52
CA THR F 69 -16.99 25.40 -22.59
C THR F 69 -17.71 25.08 -21.25
N GLU F 70 -18.33 23.91 -21.12
CA GLU F 70 -19.10 23.64 -19.89
C GLU F 70 -18.67 22.37 -19.17
N PHE F 71 -18.33 22.52 -17.90
CA PHE F 71 -17.90 21.37 -17.10
C PHE F 71 -18.62 21.28 -15.75
N THR F 72 -18.81 20.06 -15.27
CA THR F 72 -19.53 19.83 -14.04
C THR F 72 -18.85 18.82 -13.13
N LEU F 73 -18.68 19.19 -11.86
CA LEU F 73 -18.18 18.29 -10.82
C LEU F 73 -19.30 17.95 -9.84
N THR F 74 -19.63 16.67 -9.72
CA THR F 74 -20.71 16.23 -8.86
C THR F 74 -20.20 15.44 -7.68
N VAL F 75 -20.56 15.86 -6.49
CA VAL F 75 -20.23 15.13 -5.29
C VAL F 75 -21.49 14.54 -4.70
N SER F 76 -21.63 13.23 -4.82
CA SER F 76 -22.82 12.53 -4.32
C SER F 76 -22.60 12.04 -2.89
N ARG F 77 -23.72 11.81 -2.18
CA ARG F 77 -23.67 11.34 -0.79
C ARG F 77 -22.73 12.20 0.02
N LEU F 78 -22.99 13.49 -0.02
CA LEU F 78 -22.10 14.46 0.61
C LEU F 78 -21.97 14.19 2.12
N GLU F 79 -20.76 14.35 2.63
CA GLU F 79 -20.47 14.11 4.03
C GLU F 79 -19.60 15.25 4.56
N PRO F 80 -19.60 15.45 5.89
CA PRO F 80 -18.86 16.56 6.53
C PRO F 80 -17.42 16.75 6.03
N GLU F 81 -16.76 15.67 5.64
CA GLU F 81 -15.38 15.70 5.15
C GLU F 81 -15.32 16.58 3.90
N ASP F 82 -16.37 16.48 3.11
CA ASP F 82 -16.39 17.13 1.81
C ASP F 82 -16.46 18.66 1.92
N SER F 83 -16.48 19.17 3.15
CA SER F 83 -16.47 20.62 3.34
C SER F 83 -15.12 21.17 2.96
N ALA F 84 -15.02 21.70 1.75
CA ALA F 84 -13.75 22.19 1.22
C ALA F 84 -13.95 23.13 0.05
N VAL F 85 -12.85 23.57 -0.52
CA VAL F 85 -12.88 24.42 -1.71
C VAL F 85 -12.52 23.61 -2.94
N TYR F 86 -13.43 23.54 -3.92
CA TYR F 86 -13.16 22.78 -5.13
C TYR F 86 -12.84 23.74 -6.27
N PHE F 87 -11.73 23.52 -6.96
CA PHE F 87 -11.38 24.42 -8.07
C PHE F 87 -10.98 23.63 -9.33
N CYS F 88 -11.25 24.22 -10.49
CA CYS F 88 -10.92 23.59 -11.76
C CYS F 88 -9.66 24.20 -12.39
N GLN F 89 -9.02 23.45 -13.29
CA GLN F 89 -7.81 23.87 -13.99
C GLN F 89 -7.80 23.38 -15.45
N GLN F 90 -7.51 24.27 -16.38
CA GLN F 90 -7.43 23.85 -17.77
C GLN F 90 -5.97 23.63 -18.17
N TYR F 91 -5.71 22.55 -18.89
CA TYR F 91 -4.35 22.29 -19.39
C TYR F 91 -4.41 22.02 -20.90
N TYR F 92 -5.33 22.71 -21.56
CA TYR F 92 -5.52 22.61 -23.00
C TYR F 92 -4.52 23.49 -23.69
N ARG F 93 -4.22 24.63 -23.09
CA ARG F 93 -3.28 25.56 -23.67
C ARG F 93 -2.52 26.31 -22.59
N SER F 94 -1.29 26.67 -22.89
CA SER F 94 -0.47 27.50 -22.01
C SER F 94 -0.89 28.97 -22.19
N PRO F 95 -0.90 29.75 -21.10
CA PRO F 95 -0.55 29.37 -19.73
C PRO F 95 -1.68 28.62 -19.04
N LEU F 96 -1.32 27.75 -18.13
CA LEU F 96 -2.30 27.00 -17.37
C LEU F 96 -3.02 27.95 -16.42
N THR F 97 -4.34 27.90 -16.43
CA THR F 97 -5.14 28.79 -15.61
C THR F 97 -6.08 28.00 -14.71
N PHE F 98 -6.41 28.57 -13.55
CA PHE F 98 -7.32 27.92 -12.61
C PHE F 98 -8.65 28.66 -12.46
N GLY F 99 -9.65 27.97 -11.96
CA GLY F 99 -10.90 28.65 -11.64
C GLY F 99 -10.81 29.30 -10.26
N GLY F 100 -11.69 30.25 -10.01
CA GLY F 100 -11.70 30.96 -8.73
C GLY F 100 -11.93 30.08 -7.53
N GLY F 101 -12.56 28.95 -7.75
CA GLY F 101 -12.82 28.02 -6.68
C GLY F 101 -14.24 28.18 -6.17
N THR F 102 -14.78 27.11 -5.61
CA THR F 102 -16.12 27.11 -5.02
C THR F 102 -16.06 26.53 -3.61
N LYS F 103 -16.53 27.29 -2.64
CA LYS F 103 -16.57 26.87 -1.25
C LYS F 103 -17.85 26.08 -1.00
N VAL F 104 -17.73 24.81 -0.66
CA VAL F 104 -18.88 23.98 -0.36
C VAL F 104 -19.05 23.78 1.14
N GLU F 105 -20.18 24.18 1.69
CA GLU F 105 -20.42 23.93 3.10
C GLU F 105 -21.52 22.89 3.27
N ILE F 106 -21.34 22.04 4.28
CA ILE F 106 -22.34 21.04 4.62
C ILE F 106 -23.44 21.70 5.45
N LYS F 107 -24.66 21.60 4.95
CA LYS F 107 -25.82 22.22 5.59
C LYS F 107 -26.48 21.28 6.58
N ARG F 108 -25.89 21.19 7.78
CA ARG F 108 -26.40 20.33 8.85
C ARG F 108 -27.56 20.95 9.61
N THR F 109 -28.07 20.23 10.61
CA THR F 109 -29.13 20.71 11.49
C THR F 109 -28.64 21.79 12.48
N VAL F 110 -29.53 22.68 12.92
CA VAL F 110 -29.13 23.80 13.78
C VAL F 110 -28.54 23.32 15.09
N ALA F 111 -27.45 23.94 15.51
CA ALA F 111 -26.81 23.66 16.79
C ALA F 111 -26.60 24.97 17.54
N ALA F 112 -26.94 24.98 18.82
CA ALA F 112 -26.75 26.14 19.68
C ALA F 112 -25.30 26.35 20.12
N PRO F 113 -24.86 27.61 20.19
CA PRO F 113 -23.49 27.88 20.61
C PRO F 113 -23.30 27.59 22.10
N SER F 114 -22.14 27.07 22.46
CA SER F 114 -21.74 26.90 23.86
C SER F 114 -20.81 28.09 24.19
N VAL F 115 -21.32 29.05 24.94
CA VAL F 115 -20.65 30.34 25.15
C VAL F 115 -19.82 30.47 26.44
N PHE F 116 -18.58 30.96 26.31
CA PHE F 116 -17.68 31.20 27.43
C PHE F 116 -17.15 32.63 27.44
N ILE F 117 -16.63 33.08 28.58
CA ILE F 117 -16.02 34.41 28.71
C ILE F 117 -14.74 34.38 29.54
N PHE F 118 -13.72 35.10 29.09
CA PHE F 118 -12.40 35.15 29.71
C PHE F 118 -11.96 36.55 30.05
N PRO F 119 -11.62 36.79 31.33
CA PRO F 119 -11.03 38.05 31.78
C PRO F 119 -9.59 38.22 31.27
N PRO F 120 -9.09 39.46 31.27
CA PRO F 120 -7.69 39.64 30.88
C PRO F 120 -6.77 39.07 31.94
N SER F 121 -5.62 38.55 31.52
CA SER F 121 -4.62 38.01 32.44
C SER F 121 -3.98 39.14 33.22
N ASP F 122 -3.33 38.83 34.33
CA ASP F 122 -2.67 39.87 35.13
C ASP F 122 -1.44 40.44 34.41
N GLU F 123 -0.73 39.57 33.68
CA GLU F 123 0.48 40.00 32.95
C GLU F 123 0.16 40.94 31.78
N GLN F 124 -1.04 40.82 31.21
CA GLN F 124 -1.42 41.75 30.16
C GLN F 124 -1.79 43.07 30.78
N LEU F 125 -2.49 43.03 31.91
CA LEU F 125 -2.82 44.24 32.65
C LEU F 125 -1.55 44.96 33.11
N LYS F 126 -0.48 44.21 33.31
CA LYS F 126 0.79 44.78 33.71
C LYS F 126 1.38 45.67 32.61
N SER F 127 1.02 45.38 31.36
CA SER F 127 1.53 46.15 30.22
C SER F 127 0.60 47.29 29.83
N GLY F 128 -0.44 47.52 30.64
CA GLY F 128 -1.35 48.63 30.47
C GLY F 128 -2.49 48.48 29.49
N THR F 129 -2.67 47.27 28.97
CA THR F 129 -3.77 47.01 28.05
C THR F 129 -4.57 45.80 28.52
N ALA F 130 -5.81 45.66 28.05
CA ALA F 130 -6.71 44.61 28.51
C ALA F 130 -7.58 44.04 27.39
N SER F 131 -7.58 42.72 27.25
CA SER F 131 -8.37 42.04 26.24
C SER F 131 -9.33 41.05 26.89
N VAL F 132 -10.63 41.29 26.72
CA VAL F 132 -11.64 40.38 27.23
C VAL F 132 -12.18 39.53 26.10
N VAL F 133 -12.23 38.22 26.32
CA VAL F 133 -12.59 37.32 25.22
C VAL F 133 -13.92 36.60 25.41
N CYS F 134 -14.74 36.62 24.37
CA CYS F 134 -15.97 35.84 24.33
C CYS F 134 -15.86 34.75 23.28
N LEU F 135 -16.15 33.52 23.69
CA LEU F 135 -16.00 32.38 22.81
C LEU F 135 -17.35 31.71 22.56
N LEU F 136 -17.76 31.64 21.31
CA LEU F 136 -18.95 30.89 20.97
C LEU F 136 -18.51 29.56 20.33
N ASN F 137 -18.93 28.43 20.87
CA ASN F 137 -18.37 27.17 20.39
C ASN F 137 -19.38 26.22 19.72
N ASN F 138 -18.97 25.69 18.58
CA ASN F 138 -19.68 24.62 17.90
C ASN F 138 -21.15 24.88 17.60
N PHE F 139 -21.41 25.94 16.83
CA PHE F 139 -22.78 26.26 16.44
C PHE F 139 -23.01 26.15 14.95
N TYR F 140 -24.28 26.06 14.55
CA TYR F 140 -24.68 26.13 13.15
C TYR F 140 -26.10 26.69 13.10
N PRO F 141 -26.39 27.60 12.15
CA PRO F 141 -25.53 28.12 11.09
C PRO F 141 -24.53 29.17 11.55
N ARG F 142 -23.72 29.66 10.61
CA ARG F 142 -22.65 30.61 10.92
C ARG F 142 -23.15 31.94 11.49
N GLU F 143 -24.31 32.39 11.04
CA GLU F 143 -24.81 33.70 11.43
C GLU F 143 -25.18 33.76 12.93
N ALA F 144 -24.55 34.69 13.66
CA ALA F 144 -24.81 34.89 15.08
C ALA F 144 -24.40 36.31 15.53
N LYS F 145 -25.03 36.82 16.60
CA LYS F 145 -24.70 38.14 17.11
C LYS F 145 -24.03 38.07 18.48
N VAL F 146 -22.97 38.86 18.67
CA VAL F 146 -22.31 39.00 19.97
C VAL F 146 -22.29 40.45 20.40
N GLN F 147 -22.92 40.73 21.53
CA GLN F 147 -23.01 42.09 22.04
C GLN F 147 -22.28 42.24 23.36
N TRP F 148 -21.36 43.21 23.41
CA TRP F 148 -20.61 43.49 24.63
C TRP F 148 -21.31 44.51 25.54
N LYS F 149 -21.45 44.15 26.82
CA LYS F 149 -22.01 45.06 27.82
C LYS F 149 -21.05 45.23 28.99
N VAL F 150 -20.78 46.49 29.33
CA VAL F 150 -19.90 46.80 30.44
C VAL F 150 -20.66 47.60 31.51
N ASP F 151 -20.90 46.97 32.65
CA ASP F 151 -21.82 47.52 33.67
C ASP F 151 -23.16 47.85 33.02
N ASN F 152 -23.62 46.91 32.20
CA ASN F 152 -24.89 46.98 31.46
C ASN F 152 -24.99 48.07 30.40
N ALA F 153 -23.86 48.71 30.10
CA ALA F 153 -23.80 49.69 29.03
C ALA F 153 -23.33 49.04 27.70
N LEU F 154 -24.14 49.14 26.66
CA LEU F 154 -23.83 48.54 25.35
C LEU F 154 -22.59 49.16 24.73
N GLN F 155 -21.63 48.30 24.37
CA GLN F 155 -20.36 48.71 23.79
C GLN F 155 -20.41 48.71 22.27
N SER F 156 -19.57 49.54 21.65
CA SER F 156 -19.45 49.58 20.19
C SER F 156 -18.16 50.26 19.78
N GLY F 157 -17.56 49.76 18.71
CA GLY F 157 -16.30 50.30 18.22
C GLY F 157 -15.04 49.80 18.93
N ASN F 158 -15.18 48.89 19.88
CA ASN F 158 -14.03 48.35 20.61
C ASN F 158 -13.88 46.81 20.57
N SER F 159 -14.58 46.16 19.65
CA SER F 159 -14.59 44.69 19.58
C SER F 159 -14.27 44.16 18.17
N GLN F 160 -13.45 43.12 18.11
CA GLN F 160 -13.15 42.47 16.86
C GLN F 160 -13.46 40.99 16.94
N GLU F 161 -14.33 40.49 16.08
CA GLU F 161 -14.65 39.08 16.15
C GLU F 161 -14.03 38.30 14.99
N SER F 162 -13.67 37.05 15.26
CA SER F 162 -13.09 36.16 14.26
C SER F 162 -13.84 34.82 14.24
N VAL F 163 -14.05 34.26 13.06
CA VAL F 163 -14.81 33.02 12.88
C VAL F 163 -14.05 31.92 12.13
N THR F 164 -14.02 30.70 12.68
CA THR F 164 -13.28 29.60 12.07
C THR F 164 -13.90 29.11 10.77
N GLU F 165 -13.17 28.26 10.07
CA GLU F 165 -13.70 27.56 8.91
C GLU F 165 -14.60 26.43 9.41
N GLN F 166 -15.43 25.86 8.54
CA GLN F 166 -16.33 24.81 8.96
C GLN F 166 -15.56 23.59 9.38
N ASP F 167 -15.91 23.03 10.54
CA ASP F 167 -15.21 21.86 11.05
C ASP F 167 -15.40 20.65 10.14
N SER F 168 -14.34 19.88 9.94
CA SER F 168 -14.39 18.69 9.08
C SER F 168 -15.30 17.58 9.62
N LYS F 169 -15.34 17.40 10.94
CA LYS F 169 -16.12 16.31 11.54
C LYS F 169 -17.57 16.65 11.98
N ASP F 170 -17.79 17.72 12.74
CA ASP F 170 -19.13 18.02 13.23
C ASP F 170 -19.84 19.12 12.44
N SER F 171 -19.17 19.67 11.45
CA SER F 171 -19.73 20.69 10.57
C SER F 171 -20.22 21.95 11.28
N THR F 172 -19.58 22.29 12.39
CA THR F 172 -19.95 23.49 13.14
C THR F 172 -18.91 24.60 12.98
N TYR F 173 -19.26 25.80 13.44
CA TYR F 173 -18.34 26.94 13.41
C TYR F 173 -17.98 27.36 14.84
N SER F 174 -16.94 28.17 14.97
CA SER F 174 -16.60 28.76 16.26
C SER F 174 -16.28 30.24 16.07
N LEU F 175 -16.67 31.06 17.04
CA LEU F 175 -16.46 32.50 16.99
C LEU F 175 -15.78 33.05 18.25
N SER F 176 -14.89 34.04 18.08
CA SER F 176 -14.22 34.68 19.21
C SER F 176 -14.27 36.20 19.06
N SER F 177 -15.07 36.83 19.90
CA SER F 177 -15.15 38.29 19.93
C SER F 177 -14.17 38.79 20.98
N THR F 178 -13.44 39.85 20.66
CA THR F 178 -12.42 40.38 21.55
C THR F 178 -12.62 41.87 21.82
N LEU F 179 -12.86 42.19 23.08
CA LEU F 179 -13.05 43.55 23.56
C LEU F 179 -11.75 44.13 24.08
N THR F 180 -11.32 45.26 23.52
CA THR F 180 -10.05 45.85 23.93
C THR F 180 -10.22 47.17 24.68
N LEU F 181 -9.70 47.23 25.91
CA LEU F 181 -9.76 48.45 26.69
C LEU F 181 -8.39 48.75 27.29
N SER F 182 -8.19 50.01 27.67
CA SER F 182 -6.97 50.36 28.38
C SER F 182 -7.15 49.87 29.80
N LYS F 183 -6.05 49.77 30.55
CA LYS F 183 -6.13 49.31 31.93
C LYS F 183 -6.99 50.24 32.78
N ALA F 184 -6.96 51.52 32.44
CA ALA F 184 -7.75 52.52 33.17
C ALA F 184 -9.24 52.29 33.01
N ASP F 185 -9.67 52.19 31.75
CA ASP F 185 -11.08 52.01 31.47
C ASP F 185 -11.50 50.66 32.01
N TYR F 186 -10.58 49.70 31.97
CA TYR F 186 -10.92 48.38 32.44
C TYR F 186 -11.17 48.45 33.95
N GLU F 187 -10.40 49.29 34.65
CA GLU F 187 -10.57 49.36 36.10
C GLU F 187 -11.64 50.37 36.52
N LYS F 188 -12.23 51.05 35.56
CA LYS F 188 -13.33 51.97 35.89
C LYS F 188 -14.66 51.21 36.06
N HIS F 189 -14.71 49.97 35.60
CA HIS F 189 -15.96 49.19 35.57
C HIS F 189 -15.84 47.82 36.20
N LYS F 190 -16.94 47.29 36.73
CA LYS F 190 -16.81 46.02 37.44
C LYS F 190 -17.41 44.77 36.79
N VAL F 191 -18.43 44.91 35.95
CA VAL F 191 -19.08 43.73 35.40
C VAL F 191 -19.03 43.69 33.88
N TYR F 192 -18.42 42.63 33.37
CA TYR F 192 -18.22 42.49 31.93
C TYR F 192 -18.97 41.29 31.39
N ALA F 193 -19.88 41.55 30.47
CA ALA F 193 -20.75 40.51 29.98
C ALA F 193 -20.80 40.51 28.47
N CYS F 194 -20.96 39.32 27.88
CA CYS F 194 -21.24 39.23 26.44
C CYS F 194 -22.52 38.44 26.24
N GLU F 195 -23.40 39.01 25.42
CA GLU F 195 -24.70 38.44 25.15
C GLU F 195 -24.76 37.91 23.73
N VAL F 196 -25.18 36.66 23.61
CA VAL F 196 -25.15 35.96 22.34
C VAL F 196 -26.53 35.68 21.81
N THR F 197 -26.76 36.03 20.55
CA THR F 197 -28.01 35.71 19.89
C THR F 197 -27.77 34.73 18.75
N HIS F 198 -28.48 33.60 18.79
CA HIS F 198 -28.36 32.61 17.74
C HIS F 198 -29.67 31.88 17.52
N GLN F 199 -29.82 31.33 16.32
CA GLN F 199 -31.02 30.62 15.93
C GLN F 199 -31.33 29.42 16.83
N GLY F 200 -30.29 28.74 17.29
CA GLY F 200 -30.47 27.57 18.14
C GLY F 200 -30.75 27.93 19.59
N LEU F 201 -30.86 29.22 19.87
CA LEU F 201 -31.15 29.70 21.21
C LEU F 201 -32.52 30.37 21.21
N SER F 202 -33.37 29.91 22.12
CA SER F 202 -34.72 30.45 22.26
C SER F 202 -34.71 31.92 22.71
N SER F 203 -33.71 32.27 23.51
CA SER F 203 -33.51 33.66 23.96
C SER F 203 -32.03 33.92 24.17
N PRO F 204 -31.59 35.18 23.98
CA PRO F 204 -30.17 35.55 24.14
C PRO F 204 -29.54 35.01 25.41
N VAL F 205 -28.34 34.43 25.28
CA VAL F 205 -27.59 33.86 26.39
C VAL F 205 -26.46 34.80 26.77
N THR F 206 -26.31 35.05 28.07
CA THR F 206 -25.30 35.99 28.54
C THR F 206 -24.27 35.35 29.46
N LYS F 207 -22.99 35.62 29.21
CA LYS F 207 -21.94 35.18 30.12
C LYS F 207 -21.23 36.40 30.73
N SER F 208 -21.15 36.44 32.06
CA SER F 208 -20.62 37.61 32.77
C SER F 208 -19.49 37.26 33.72
N PHE F 209 -18.78 38.29 34.15
CA PHE F 209 -17.82 38.11 35.24
C PHE F 209 -17.58 39.44 35.96
N ASN F 210 -17.40 39.33 37.28
CA ASN F 210 -17.06 40.48 38.10
C ASN F 210 -15.56 40.66 38.08
N ARG F 211 -15.11 41.87 37.75
CA ARG F 211 -13.69 42.15 37.66
C ARG F 211 -13.03 42.02 39.03
N GLY F 212 -11.98 41.20 39.08
CA GLY F 212 -11.22 41.00 40.30
C GLY F 212 -11.76 39.90 41.21
N GLU F 213 -13.05 39.59 41.09
CA GLU F 213 -13.68 38.55 41.91
C GLU F 213 -14.58 37.63 41.08
C1 NAG G . -4.82 17.74 -29.34
C2 NAG G . -4.96 19.24 -29.52
C3 NAG G . -6.43 19.65 -29.49
C4 NAG G . -7.21 18.82 -30.49
C5 NAG G . -6.98 17.35 -30.23
C6 NAG G . -7.73 16.53 -31.26
C7 NAG G . -3.03 20.42 -28.77
C8 NAG G . -2.56 21.54 -27.90
N2 NAG G . -4.23 19.95 -28.49
O3 NAG G . -6.54 21.03 -29.83
O4 NAG G . -8.61 19.11 -30.34
O5 NAG G . -5.58 17.08 -30.35
O6 NAG G . -7.32 16.98 -32.55
O7 NAG G . -2.36 20.00 -29.69
C1 NAG G . -9.11 19.71 -31.53
C2 NAG G . -10.63 19.64 -31.50
C3 NAG G . -11.25 20.46 -32.59
C4 NAG G . -10.70 21.86 -32.55
C5 NAG G . -9.22 21.76 -32.76
C6 NAG G . -8.61 23.14 -32.88
C7 NAG G . -11.79 17.72 -30.68
C8 NAG G . -12.61 16.55 -31.08
N2 NAG G . -11.05 18.26 -31.63
O3 NAG G . -12.68 20.52 -32.44
O4 NAG G . -11.23 22.58 -33.65
O5 NAG G . -8.67 21.07 -31.65
O6 NAG G . -8.73 23.78 -31.61
O7 NAG G . -11.79 18.17 -29.53
C1 BMA G . -12.37 23.39 -33.33
C2 BMA G . -12.21 24.69 -34.13
C3 BMA G . -13.51 25.47 -34.35
C4 BMA G . -14.63 24.58 -34.85
C5 BMA G . -14.75 23.35 -33.87
C6 BMA G . -15.85 22.31 -34.17
O2 BMA G . -11.63 24.38 -35.42
O3 BMA G . -13.28 26.52 -35.30
O4 BMA G . -15.86 25.30 -34.89
O5 BMA G . -13.50 22.66 -33.82
O6 BMA G . -15.56 21.73 -35.49
C1 MAN G . -14.15 27.79 -35.69
C2 MAN G . -14.29 28.37 -37.09
C3 MAN G . -12.93 28.49 -37.75
C4 MAN G . -12.08 29.36 -36.86
C5 MAN G . -11.91 28.66 -35.53
C6 MAN G . -11.05 29.52 -34.62
O2 MAN G . -14.84 29.67 -37.01
O3 MAN G . -13.12 29.10 -39.01
O4 MAN G . -10.81 29.60 -37.46
O5 MAN G . -13.18 28.49 -34.92
O6 MAN G . -11.84 29.91 -33.50
C1 MAN G . -16.24 29.58 -36.75
C2 MAN G . -16.95 30.64 -37.56
C3 MAN G . -16.42 32.00 -37.16
C4 MAN G . -16.60 32.20 -35.67
C5 MAN G . -15.91 31.06 -34.93
C6 MAN G . -16.06 31.18 -33.43
O2 MAN G . -18.32 30.63 -37.19
O3 MAN G . -17.17 33.00 -37.83
O4 MAN G . -16.05 33.45 -35.28
O5 MAN G . -16.49 29.84 -35.37
O6 MAN G . -15.30 30.16 -32.81
C1 MAN G . -19.05 29.70 -37.99
C2 MAN G . -20.52 29.91 -37.69
C3 MAN G . -20.75 29.66 -36.22
C4 MAN G . -20.30 28.26 -35.86
C5 MAN G . -18.87 28.00 -36.32
C6 MAN G . -18.53 26.53 -36.13
O2 MAN G . -21.32 29.00 -38.45
O3 MAN G . -22.14 29.82 -35.91
O4 MAN G . -20.34 28.10 -34.43
O5 MAN G . -18.72 28.34 -37.70
O6 MAN G . -17.57 26.12 -37.09
C1 MAN G . -16.54 20.70 -36.03
C2 MAN G . -15.98 20.12 -37.32
C3 MAN G . -15.87 21.24 -38.35
C4 MAN G . -17.25 21.79 -38.68
C5 MAN G . -18.05 22.19 -37.46
C6 MAN G . -19.57 22.23 -37.83
O2 MAN G . -16.83 19.09 -37.80
O3 MAN G . -15.25 20.73 -39.53
O4 MAN G . -17.10 22.92 -39.55
O5 MAN G . -17.85 21.28 -36.34
O6 MAN G . -20.57 22.55 -36.79
C1 MAN G . -21.70 22.38 -37.71
C2 MAN G . -22.98 22.56 -36.91
C3 MAN G . -23.09 21.40 -35.95
C4 MAN G . -23.15 20.12 -36.76
C5 MAN G . -21.90 19.99 -37.62
C6 MAN G . -22.03 18.80 -38.57
O2 MAN G . -24.10 22.55 -37.80
O3 MAN G . -24.25 21.55 -35.13
O4 MAN G . -23.25 19.01 -35.87
O5 MAN G . -21.66 21.14 -38.41
O6 MAN G . -22.86 17.76 -38.03
C1 NAG H . -1.43 8.16 -35.98
C2 NAG H . -2.17 9.24 -36.75
C3 NAG H . -3.65 8.91 -36.91
C4 NAG H . -3.90 7.46 -37.33
C5 NAG H . -2.90 6.47 -36.72
C6 NAG H . -2.93 5.14 -37.47
C7 NAG H . -1.61 11.59 -36.77
C8 NAG H . -2.20 12.90 -36.31
N2 NAG H . -2.01 10.52 -36.10
O3 NAG H . -4.15 9.80 -37.88
O4 NAG H . -5.22 7.08 -36.96
O5 NAG H . -1.57 6.97 -36.73
O6 NAG H . -4.25 4.65 -37.49
O7 NAG H . -0.80 11.55 -37.70
C1 NAG H . -6.21 7.55 -37.92
C2 NAG H . -7.45 6.65 -37.96
C3 NAG H . -8.47 7.14 -38.96
C4 NAG H . -8.70 8.65 -38.86
C5 NAG H . -7.37 9.39 -38.75
C6 NAG H . -7.58 10.89 -38.53
C7 NAG H . -7.41 4.30 -37.44
C8 NAG H . -7.94 3.05 -38.06
N2 NAG H . -7.07 5.28 -38.27
O3 NAG H . -9.70 6.46 -38.77
O4 NAG H . -9.41 9.11 -39.99
O5 NAG H . -6.62 8.87 -37.67
O6 NAG H . -8.30 11.43 -39.62
O7 NAG H . -7.30 4.41 -36.22
C1 NAG I . -25.37 -12.66 22.89
C2 NAG I . -25.94 -14.01 23.30
C3 NAG I . -27.26 -14.28 22.57
C4 NAG I . -28.21 -13.10 22.69
C5 NAG I . -27.50 -11.79 22.32
C6 NAG I . -28.43 -10.60 22.51
C7 NAG I . -24.92 -16.16 23.75
C8 NAG I . -23.97 -17.21 23.26
N2 NAG I . -24.99 -15.05 23.01
O3 NAG I . -27.88 -15.45 23.14
O4 NAG I . -29.32 -13.30 21.82
O5 NAG I . -26.35 -11.63 23.15
O6 NAG I . -27.80 -9.65 23.38
O7 NAG I . -25.60 -16.31 24.75
C1 NAG I . -30.54 -13.06 22.56
C2 NAG I . -31.51 -12.27 21.69
C3 NAG I . -32.82 -12.02 22.45
C4 NAG I . -33.35 -13.31 23.06
C5 NAG I . -32.27 -14.03 23.84
C6 NAG I . -32.77 -15.35 24.40
C7 NAG I . -30.70 -10.72 20.01
C8 NAG I . -30.03 -9.41 19.74
N2 NAG I . -30.92 -11.02 21.29
O3 NAG I . -33.80 -11.48 21.54
O4 NAG I . -34.44 -13.00 23.94
O5 NAG I . -31.15 -14.28 22.99
O6 NAG I . -32.06 -16.44 23.80
O7 NAG I . -31.02 -11.49 19.12
C1 NAG J . 11.33 28.06 -39.06
C2 NAG J . 12.46 28.87 -38.41
C3 NAG J . 12.86 30.09 -39.24
C4 NAG J . 12.98 29.75 -40.73
C5 NAG J . 11.74 28.98 -41.17
C6 NAG J . 11.77 28.69 -42.68
C7 NAG J . 12.71 28.84 -35.97
C8 NAG J . 12.20 29.34 -34.66
N2 NAG J . 12.07 29.26 -37.06
O3 NAG J . 14.10 30.60 -38.78
O4 NAG J . 13.10 30.93 -41.50
O5 NAG J . 11.67 27.79 -40.41
O6 NAG J . 10.51 28.21 -43.10
O7 NAG J . 13.68 28.08 -36.01
C1 NAG K . 13.28 9.90 -51.41
C2 NAG K . 13.32 11.43 -51.40
C3 NAG K . 11.94 12.02 -51.68
C4 NAG K . 11.37 11.40 -52.95
C5 NAG K . 11.36 9.89 -52.84
C6 NAG K . 10.80 9.25 -54.10
C7 NAG K . 15.12 11.96 -49.85
C8 NAG K . 15.62 13.25 -49.30
N2 NAG K . 13.81 11.90 -50.13
O3 NAG K . 12.05 13.44 -51.84
O4 NAG K . 10.02 11.87 -53.13
O5 NAG K . 12.69 9.40 -52.61
O6 NAG K . 10.67 7.84 -53.91
O7 NAG K . 15.85 10.99 -50.06
C1 NAG L . 4.04 -8.92 -17.99
C2 NAG L . 2.59 -8.63 -18.37
C3 NAG L . 1.83 -7.93 -17.26
C4 NAG L . 1.99 -8.71 -15.95
C5 NAG L . 3.47 -8.88 -15.65
C6 NAG L . 3.70 -9.67 -14.36
C7 NAG L . 1.83 -8.29 -20.64
C8 NAG L . 1.57 -7.32 -21.75
N2 NAG L . 2.53 -7.85 -19.59
O3 NAG L . 0.47 -7.82 -17.60
O4 NAG L . 1.32 -8.05 -14.90
O5 NAG L . 4.12 -9.53 -16.72
O6 NAG L . 5.06 -9.57 -13.98
O7 NAG L . 1.38 -9.45 -20.71
C1 NAG M . -20.39 -22.03 16.79
C2 NAG M . -20.20 -23.52 17.05
C3 NAG M . -21.11 -24.40 16.18
C4 NAG M . -22.54 -23.88 16.21
C5 NAG M . -22.57 -22.40 15.87
C6 NAG M . -23.98 -21.83 15.96
C7 NAG M . -18.04 -24.36 17.70
C8 NAG M . -16.57 -24.27 17.43
N2 NAG M . -18.82 -23.84 16.77
O3 NAG M . -21.09 -25.73 16.66
O4 NAG M . -23.33 -24.61 15.28
O5 NAG M . -21.76 -21.67 16.77
O6 NAG M . -24.04 -20.96 17.05
O7 NAG M . -18.47 -24.89 18.73
C1 NAG N . -12.67 -28.13 36.89
C2 NAG N . -11.35 -28.94 36.92
C3 NAG N . -11.29 -30.01 38.02
C4 NAG N . -11.99 -29.61 39.31
C5 NAG N . -13.34 -28.99 38.96
C6 NAG N . -14.18 -28.65 40.18
C7 NAG N . -9.81 -29.76 35.24
C8 NAG N . -9.57 -30.78 34.16
N2 NAG N . -11.07 -29.56 35.63
O3 NAG N . -9.94 -30.31 38.32
O4 NAG N . -12.16 -30.73 40.14
O5 NAG N . -13.10 -27.83 38.20
O6 NAG N . -15.41 -28.15 39.74
O7 NAG N . -8.86 -29.15 35.73
C1 NAG O . -25.60 -12.90 43.67
C2 NAG O . -25.97 -13.53 45.00
C3 NAG O . -27.00 -14.63 44.81
C4 NAG O . -28.17 -14.15 43.95
C5 NAG O . -27.67 -13.48 42.68
C6 NAG O . -28.83 -12.93 41.85
C7 NAG O . -24.04 -13.33 46.45
C8 NAG O . -22.56 -13.51 46.33
N2 NAG O . -24.79 -14.06 45.64
O3 NAG O . -27.50 -15.05 46.09
O4 NAG O . -29.00 -15.26 43.61
O5 NAG O . -26.78 -12.41 43.02
O6 NAG O . -29.31 -11.72 42.46
O7 NAG O . -24.53 -12.54 47.24
C1 NAG P . -13.08 7.33 13.74
C2 NAG P . -14.21 6.66 12.95
C3 NAG P . -13.70 5.75 11.84
C4 NAG P . -12.59 6.42 11.06
C5 NAG P . -11.51 6.85 12.03
C6 NAG P . -10.28 7.44 11.33
C7 NAG P . -16.42 6.09 13.79
C8 NAG P . -17.25 4.86 14.06
N2 NAG P . -15.10 5.95 13.85
O3 NAG P . -14.76 5.41 10.98
O4 NAG P . -12.06 5.54 10.07
O5 NAG P . -12.06 7.82 12.90
O6 NAG P . -9.31 7.78 12.30
O7 NAG P . -16.97 7.15 13.53
#